data_5SKQ
#
_entry.id   5SKQ
#
_cell.length_a   135.500
_cell.length_b   135.500
_cell.length_c   235.070
_cell.angle_alpha   90.000
_cell.angle_beta   90.000
_cell.angle_gamma   120.000
#
_symmetry.space_group_name_H-M   'H 3'
#
loop_
_entity.id
_entity.type
_entity.pdbx_description
1 polymer "cAMP and cAMP-inhibited cGMP 3',5'-cyclic phosphodiesterase 10A"
2 non-polymer 'ZINC ION'
3 non-polymer 'MAGNESIUM ION'
4 non-polymer GLYCEROL
5 non-polymer N-ethyl-6-[(4-fluorophenyl)sulfanyl]-N-methyl-7H-purin-2-amine
6 water water
#
_entity_poly.entity_id   1
_entity_poly.type   'polypeptide(L)'
_entity_poly.pdbx_seq_one_letter_code
;GSSICTSEEWQGLMQFTLPVRLCKEIELFHFDIGPFENMWPGIFVYMVHRSCGTSCFELEKL(CME)RFIMSVKKNYRRV
PYHNWKHAVTVAHCMYAILQNNHTLFTDLERKGLLIACLCHDLDHRGFSNSYLQKFDHPLAALYSTSTMEQHHFSQTVSI
LQLEGHNIFSTLSSSEYEQVLEIIRKAIIATDLALYFGNRKQLEEMYQTGSLNLNNQSHRDRVIGLMMTACDLCSVTKLW
PVTKLTANDIYAEFWAEGDEMKKLGIQPIPMMDRDKKDEVPQGQLGFYNAVAIPCYTTLTQILPPTEPLLKACRDNLSQW
EKVIRGEETATWISSPSVAQKAAASED
;
_entity_poly.pdbx_strand_id   A,B,C,D
#
loop_
_chem_comp.id
_chem_comp.type
_chem_comp.name
_chem_comp.formula
GOL non-polymer GLYCEROL 'C3 H8 O3'
KIE non-polymer N-ethyl-6-[(4-fluorophenyl)sulfanyl]-N-methyl-7H-purin-2-amine 'C14 H14 F N5 S'
MG non-polymer 'MAGNESIUM ION' 'Mg 2'
ZN non-polymer 'ZINC ION' 'Zn 2'
#
# COMPACT_ATOMS: atom_id res chain seq x y z
N GLY A 12 3.41 47.00 -4.94
CA GLY A 12 4.74 47.53 -4.49
C GLY A 12 4.74 47.91 -3.01
N LEU A 13 3.59 48.39 -2.50
CA LEU A 13 3.33 48.50 -1.04
C LEU A 13 3.01 47.12 -0.44
N MET A 14 3.51 46.05 -1.09
CA MET A 14 3.25 44.61 -0.75
C MET A 14 4.46 43.98 -0.05
N GLN A 15 4.79 44.47 1.15
CA GLN A 15 5.90 43.97 2.01
C GLN A 15 5.58 42.56 2.54
N PHE A 16 6.21 41.53 1.99
CA PHE A 16 6.30 40.17 2.60
C PHE A 16 6.70 40.27 4.08
N THR A 17 5.98 39.53 4.94
CA THR A 17 6.22 39.44 6.42
C THR A 17 6.12 38.00 6.93
N LEU A 18 7.08 37.63 7.76
CA LEU A 18 7.21 36.26 8.29
C LEU A 18 6.62 36.28 9.68
N PRO A 19 6.21 35.11 10.22
CA PRO A 19 5.89 35.01 11.63
C PRO A 19 7.06 35.56 12.46
N VAL A 20 6.70 35.96 13.66
CA VAL A 20 7.59 36.65 14.64
C VAL A 20 8.86 35.82 14.79
N ARG A 21 8.73 34.54 15.13
CA ARG A 21 9.94 33.74 15.43
C ARG A 21 10.87 33.75 14.22
N LEU A 22 10.31 33.67 13.00
CA LEU A 22 11.10 33.57 11.74
C LEU A 22 11.60 34.98 11.37
N CYS A 23 10.77 36.00 11.55
CA CYS A 23 11.19 37.40 11.29
CA CYS A 23 11.18 37.42 11.32
C CYS A 23 12.50 37.66 12.05
N LYS A 24 12.59 37.18 13.29
CA LYS A 24 13.75 37.44 14.18
C LYS A 24 14.92 36.54 13.80
N GLU A 25 14.70 35.23 13.79
CA GLU A 25 15.79 34.23 13.69
CA GLU A 25 15.79 34.21 13.68
C GLU A 25 16.36 34.23 12.27
N ILE A 26 15.59 34.63 11.28
CA ILE A 26 16.13 34.69 9.88
C ILE A 26 17.32 35.66 9.81
N GLU A 27 17.52 36.51 10.81
CA GLU A 27 18.60 37.53 10.76
C GLU A 27 19.90 36.87 11.21
N LEU A 28 19.80 35.75 11.87
CA LEU A 28 20.97 35.06 12.47
C LEU A 28 21.54 34.07 11.49
N PHE A 29 22.85 33.84 11.59
CA PHE A 29 23.61 33.02 10.64
C PHE A 29 23.06 31.58 10.70
N HIS A 30 22.65 31.15 11.89
CA HIS A 30 22.37 29.71 12.17
C HIS A 30 20.91 29.36 11.88
N PHE A 31 20.14 30.29 11.34
CA PHE A 31 18.73 30.07 11.03
C PHE A 31 18.58 28.81 10.19
N ASP A 32 17.64 27.95 10.53
CA ASP A 32 17.28 26.79 9.67
C ASP A 32 15.97 27.15 8.98
N ILE A 33 15.82 26.98 7.67
CA ILE A 33 14.62 27.47 6.94
C ILE A 33 13.36 26.61 7.16
N GLY A 34 13.50 25.45 7.80
CA GLY A 34 12.33 24.66 8.24
C GLY A 34 11.90 23.60 7.25
N PRO A 35 11.02 22.69 7.71
CA PRO A 35 10.50 21.58 6.92
C PRO A 35 9.36 21.93 5.97
N PHE A 36 8.83 23.14 6.04
CA PHE A 36 7.63 23.54 5.26
C PHE A 36 8.07 24.11 3.91
N GLU A 37 8.17 23.24 2.92
CA GLU A 37 8.66 23.57 1.55
CA GLU A 37 8.66 23.57 1.55
C GLU A 37 7.91 24.80 1.02
N ASN A 38 6.61 24.91 1.25
CA ASN A 38 5.80 26.00 0.62
C ASN A 38 6.08 27.38 1.23
N MET A 39 6.81 27.47 2.33
CA MET A 39 7.23 28.82 2.79
C MET A 39 8.60 29.24 2.20
N TRP A 40 9.32 28.38 1.48
CA TRP A 40 10.71 28.73 1.10
C TRP A 40 10.75 29.86 0.07
N PRO A 41 9.89 29.89 -0.95
CA PRO A 41 9.87 31.04 -1.86
C PRO A 41 9.67 32.35 -1.09
N GLY A 42 8.72 32.35 -0.16
CA GLY A 42 8.35 33.58 0.56
C GLY A 42 9.51 34.07 1.39
N ILE A 43 10.29 33.15 1.96
CA ILE A 43 11.50 33.43 2.81
C ILE A 43 12.53 34.13 1.91
N PHE A 44 12.72 33.57 0.73
CA PHE A 44 13.70 34.10 -0.24
C PHE A 44 13.30 35.51 -0.65
N VAL A 45 12.00 35.73 -0.95
CA VAL A 45 11.51 37.03 -1.48
C VAL A 45 11.73 38.08 -0.38
N TYR A 46 11.34 37.71 0.84
CA TYR A 46 11.56 38.52 2.07
C TYR A 46 13.02 38.97 2.13
N MET A 47 13.94 38.01 1.95
CA MET A 47 15.40 38.28 2.01
C MET A 47 15.82 39.21 0.86
N VAL A 48 15.30 39.00 -0.35
CA VAL A 48 15.63 39.89 -1.49
C VAL A 48 15.15 41.32 -1.18
N HIS A 49 13.93 41.47 -0.69
CA HIS A 49 13.35 42.78 -0.35
C HIS A 49 14.14 43.50 0.75
N ARG A 50 14.60 42.77 1.76
CA ARG A 50 15.35 43.37 2.90
C ARG A 50 16.80 43.64 2.48
N SER A 51 17.36 42.80 1.60
CA SER A 51 18.81 42.74 1.22
C SER A 51 19.12 43.61 -0.01
N CYS A 52 18.08 43.98 -0.74
CA CYS A 52 18.22 44.59 -2.08
C CYS A 52 17.25 45.76 -2.18
N GLY A 53 15.98 45.52 -1.88
CA GLY A 53 14.86 46.49 -1.97
C GLY A 53 13.67 45.82 -2.61
N THR A 54 12.45 46.30 -2.33
CA THR A 54 11.20 45.87 -3.01
C THR A 54 11.19 46.32 -4.48
N SER A 55 12.13 47.17 -4.85
CA SER A 55 12.27 47.82 -6.17
C SER A 55 13.21 47.04 -7.12
N CYS A 56 14.14 46.24 -6.59
CA CYS A 56 15.20 45.62 -7.43
CA CYS A 56 15.20 45.54 -7.36
C CYS A 56 14.57 44.65 -8.44
N PHE A 57 13.45 44.02 -8.11
CA PHE A 57 12.83 43.00 -8.99
C PHE A 57 11.32 43.16 -9.01
N GLU A 58 10.76 42.93 -10.19
CA GLU A 58 9.30 42.92 -10.44
C GLU A 58 8.76 41.64 -9.83
N LEU A 59 7.97 41.80 -8.77
CA LEU A 59 7.37 40.71 -7.97
C LEU A 59 6.91 39.56 -8.87
N GLU A 60 6.18 39.82 -9.94
CA GLU A 60 5.56 38.77 -10.82
C GLU A 60 6.64 37.94 -11.52
N LYS A 61 7.63 38.62 -12.09
CA LYS A 61 8.80 38.02 -12.75
C LYS A 61 9.64 37.23 -11.72
N LEU A 62 9.83 37.81 -10.53
CA LEU A 62 10.73 37.23 -9.48
C LEU A 62 10.15 35.89 -9.03
N CME A 63 8.83 35.83 -8.80
CA CME A 63 8.07 34.63 -8.35
CB CME A 63 6.66 34.99 -7.92
SG CME A 63 6.55 35.76 -6.27
SD CME A 63 7.17 34.22 -5.06
CE CME A 63 5.70 33.62 -4.17
CZ CME A 63 5.92 33.46 -2.68
OH CME A 63 4.74 33.03 -2.02
C CME A 63 8.11 33.57 -9.44
O CME A 63 8.31 32.38 -9.13
N ARG A 64 7.95 33.99 -10.68
CA ARG A 64 7.99 33.08 -11.85
C ARG A 64 9.41 32.51 -11.95
N PHE A 65 10.43 33.36 -11.81
CA PHE A 65 11.86 32.95 -11.86
C PHE A 65 12.11 31.89 -10.77
N ILE A 66 11.71 32.19 -9.52
CA ILE A 66 11.89 31.31 -8.32
C ILE A 66 11.25 29.96 -8.60
N MET A 67 10.06 29.93 -9.21
CA MET A 67 9.29 28.67 -9.30
C MET A 67 9.86 27.81 -10.42
N SER A 68 10.45 28.41 -11.46
CA SER A 68 11.19 27.65 -12.50
C SER A 68 12.51 27.14 -11.95
N VAL A 69 13.15 27.90 -11.05
CA VAL A 69 14.42 27.40 -10.43
C VAL A 69 14.07 26.20 -9.55
N LYS A 70 13.02 26.31 -8.74
CA LYS A 70 12.62 25.17 -7.89
C LYS A 70 12.38 23.94 -8.78
N LYS A 71 11.65 24.11 -9.87
CA LYS A 71 11.30 23.02 -10.82
C LYS A 71 12.55 22.30 -11.33
N ASN A 72 13.67 23.01 -11.46
CA ASN A 72 14.90 22.51 -12.11
C ASN A 72 15.91 22.00 -11.07
N TYR A 73 15.53 21.99 -9.79
CA TYR A 73 16.26 21.26 -8.72
C TYR A 73 15.66 19.88 -8.67
N ARG A 74 16.47 18.87 -8.44
CA ARG A 74 16.00 17.47 -8.44
C ARG A 74 15.82 16.99 -7.01
N ARG A 75 15.17 15.83 -6.90
CA ARG A 75 14.71 15.21 -5.63
C ARG A 75 15.84 14.29 -5.16
N VAL A 76 16.98 14.89 -4.90
CA VAL A 76 18.19 14.17 -4.46
C VAL A 76 18.27 14.49 -2.97
N PRO A 77 18.93 13.65 -2.16
CA PRO A 77 18.91 13.82 -0.71
C PRO A 77 19.48 15.18 -0.26
N TYR A 78 20.49 15.74 -0.95
CA TYR A 78 21.26 16.90 -0.41
C TYR A 78 21.22 18.05 -1.38
N HIS A 79 21.62 17.87 -2.62
CA HIS A 79 21.72 18.94 -3.64
C HIS A 79 20.33 19.26 -4.25
N ASN A 80 19.42 19.65 -3.38
CA ASN A 80 18.00 19.94 -3.67
C ASN A 80 17.68 21.40 -3.38
N TRP A 81 16.42 21.73 -3.65
CA TRP A 81 15.81 23.07 -3.51
C TRP A 81 16.04 23.60 -2.07
N LYS A 82 15.97 22.76 -1.05
CA LYS A 82 16.21 23.24 0.33
C LYS A 82 17.66 23.71 0.49
N HIS A 83 18.62 23.05 -0.15
CA HIS A 83 20.06 23.45 -0.10
C HIS A 83 20.21 24.82 -0.76
N ALA A 84 19.58 24.98 -1.93
CA ALA A 84 19.57 26.26 -2.67
C ALA A 84 19.15 27.41 -1.75
N VAL A 85 18.05 27.23 -1.00
CA VAL A 85 17.44 28.35 -0.21
C VAL A 85 18.23 28.52 1.08
N THR A 86 18.86 27.48 1.58
CA THR A 86 19.76 27.55 2.76
C THR A 86 21.02 28.37 2.42
N VAL A 87 21.64 28.05 1.29
CA VAL A 87 22.86 28.76 0.81
C VAL A 87 22.51 30.23 0.59
N ALA A 88 21.32 30.53 0.02
CA ALA A 88 20.88 31.91 -0.19
C ALA A 88 20.68 32.63 1.17
N HIS A 89 20.14 31.96 2.15
CA HIS A 89 19.91 32.59 3.48
C HIS A 89 21.28 32.94 4.08
N CYS A 90 22.26 32.05 3.99
CA CYS A 90 23.60 32.36 4.56
C CYS A 90 24.14 33.64 3.91
N MET A 91 23.93 33.80 2.61
CA MET A 91 24.44 34.98 1.87
C MET A 91 23.72 36.21 2.41
N TYR A 92 22.45 36.01 2.71
CA TYR A 92 21.57 37.12 3.14
C TYR A 92 22.10 37.65 4.48
N ALA A 93 22.48 36.76 5.39
CA ALA A 93 23.05 37.13 6.72
C ALA A 93 24.40 37.86 6.54
N ILE A 94 25.24 37.37 5.65
CA ILE A 94 26.57 38.01 5.36
C ILE A 94 26.30 39.41 4.84
N LEU A 95 25.44 39.51 3.83
CA LEU A 95 25.14 40.80 3.15
C LEU A 95 24.59 41.78 4.17
N GLN A 96 23.71 41.30 5.06
CA GLN A 96 22.96 42.16 6.01
C GLN A 96 23.86 42.61 7.16
N ASN A 97 24.94 41.89 7.43
CA ASN A 97 25.93 42.19 8.50
C ASN A 97 27.10 43.04 7.94
N ASN A 98 27.10 43.32 6.63
CA ASN A 98 28.19 44.02 5.90
C ASN A 98 27.54 44.97 4.89
N HIS A 99 26.47 45.63 5.36
CA HIS A 99 25.58 46.54 4.61
C HIS A 99 26.43 47.23 3.53
N THR A 100 27.26 48.15 3.96
CA THR A 100 27.87 49.19 3.11
C THR A 100 28.99 48.61 2.26
N LEU A 101 29.36 47.34 2.41
CA LEU A 101 30.58 46.82 1.74
C LEU A 101 30.27 46.48 0.28
N PHE A 102 29.00 46.47 -0.14
CA PHE A 102 28.61 45.79 -1.40
C PHE A 102 27.84 46.71 -2.33
N THR A 103 28.11 46.56 -3.62
CA THR A 103 27.46 47.37 -4.67
C THR A 103 26.03 46.86 -4.84
N ASP A 104 25.20 47.73 -5.41
CA ASP A 104 23.77 47.50 -5.77
C ASP A 104 23.65 46.25 -6.64
N LEU A 105 24.47 46.14 -7.67
CA LEU A 105 24.49 44.99 -8.61
C LEU A 105 24.92 43.71 -7.87
N GLU A 106 25.82 43.83 -6.91
CA GLU A 106 26.31 42.68 -6.11
C GLU A 106 25.14 42.10 -5.31
N ARG A 107 24.40 42.96 -4.62
CA ARG A 107 23.36 42.51 -3.65
C ARG A 107 22.32 41.71 -4.44
N LYS A 108 21.90 42.23 -5.59
CA LYS A 108 20.96 41.60 -6.57
C LYS A 108 21.50 40.22 -6.99
N GLY A 109 22.70 40.21 -7.60
CA GLY A 109 23.27 39.02 -8.27
C GLY A 109 23.56 37.88 -7.31
N LEU A 110 24.04 38.17 -6.10
CA LEU A 110 24.58 37.15 -5.17
C LEU A 110 23.48 36.26 -4.61
N LEU A 111 22.31 36.81 -4.29
CA LEU A 111 21.17 36.01 -3.77
C LEU A 111 20.63 35.09 -4.84
N ILE A 112 20.65 35.58 -6.08
CA ILE A 112 20.20 34.85 -7.28
C ILE A 112 21.24 33.76 -7.54
N ALA A 113 22.52 34.12 -7.49
CA ALA A 113 23.62 33.16 -7.73
C ALA A 113 23.46 31.99 -6.76
N CYS A 114 23.18 32.27 -5.49
CA CYS A 114 23.14 31.25 -4.42
C CYS A 114 21.92 30.37 -4.66
N LEU A 115 20.80 30.98 -5.06
CA LEU A 115 19.57 30.19 -5.37
C LEU A 115 19.82 29.23 -6.55
N CYS A 116 20.60 29.67 -7.55
CA CYS A 116 20.80 28.95 -8.82
C CYS A 116 22.05 28.05 -8.81
N HIS A 117 22.87 28.06 -7.73
CA HIS A 117 24.29 27.61 -7.79
C HIS A 117 24.42 26.09 -8.01
N ASP A 118 23.37 25.30 -7.75
CA ASP A 118 23.40 23.82 -7.89
C ASP A 118 22.23 23.38 -8.78
N LEU A 119 21.70 24.29 -9.60
CA LEU A 119 20.65 23.99 -10.57
C LEU A 119 20.91 22.69 -11.35
N ASP A 120 19.98 21.75 -11.25
CA ASP A 120 19.93 20.52 -12.07
C ASP A 120 21.07 19.61 -11.62
N HIS A 121 21.44 19.70 -10.35
CA HIS A 121 22.39 18.75 -9.73
C HIS A 121 21.76 17.36 -9.70
N ARG A 122 22.61 16.35 -9.87
CA ARG A 122 22.12 14.97 -10.05
C ARG A 122 22.49 14.15 -8.83
N GLY A 123 23.26 14.75 -7.92
CA GLY A 123 23.73 14.12 -6.67
C GLY A 123 25.05 13.41 -6.88
N PHE A 124 25.77 13.77 -7.95
CA PHE A 124 27.11 13.19 -8.28
C PHE A 124 28.17 14.29 -8.44
N SER A 125 29.36 14.02 -7.91
CA SER A 125 30.56 14.87 -8.03
C SER A 125 31.05 14.98 -9.50
N ASN A 126 31.87 16.01 -9.76
CA ASN A 126 32.52 16.25 -11.06
C ASN A 126 33.36 15.02 -11.43
N SER A 127 34.16 14.50 -10.47
CA SER A 127 34.88 13.19 -10.52
C SER A 127 34.02 12.09 -11.16
N TYR A 128 32.86 11.82 -10.56
CA TYR A 128 32.01 10.68 -11.01
C TYR A 128 31.60 10.86 -12.49
N LEU A 129 31.14 12.07 -12.84
CA LEU A 129 30.77 12.45 -14.24
C LEU A 129 31.93 12.10 -15.19
N GLN A 130 33.17 12.39 -14.76
CA GLN A 130 34.37 12.27 -15.63
C GLN A 130 34.68 10.77 -15.81
N LYS A 131 34.60 10.02 -14.73
CA LYS A 131 34.87 8.56 -14.77
C LYS A 131 33.74 7.85 -15.49
N PHE A 132 32.51 8.33 -15.36
CA PHE A 132 31.36 7.73 -16.06
C PHE A 132 31.42 8.09 -17.55
N ASP A 133 32.08 9.19 -17.87
CA ASP A 133 32.24 9.74 -19.23
C ASP A 133 30.91 10.38 -19.63
N HIS A 134 30.34 11.17 -18.72
CA HIS A 134 29.03 11.86 -18.97
C HIS A 134 29.28 12.91 -20.03
N PRO A 135 28.33 13.17 -20.95
CA PRO A 135 28.47 14.24 -21.94
C PRO A 135 28.84 15.60 -21.34
N LEU A 136 28.35 15.92 -20.14
CA LEU A 136 28.73 17.22 -19.51
C LEU A 136 30.24 17.31 -19.31
N ALA A 137 30.90 16.18 -19.08
CA ALA A 137 32.35 16.12 -18.83
C ALA A 137 33.07 16.46 -20.15
N ALA A 138 32.44 16.21 -21.29
CA ALA A 138 33.03 16.47 -22.63
C ALA A 138 32.82 17.94 -22.99
N LEU A 139 31.66 18.50 -22.62
CA LEU A 139 31.27 19.91 -22.81
C LEU A 139 32.08 20.85 -21.91
N TYR A 140 32.33 20.44 -20.67
CA TYR A 140 33.01 21.27 -19.63
C TYR A 140 34.08 20.42 -18.95
N SER A 141 35.34 20.56 -19.39
CA SER A 141 36.49 19.75 -18.90
C SER A 141 36.73 19.99 -17.40
N THR A 142 36.58 21.22 -16.91
CA THR A 142 36.69 21.47 -15.45
C THR A 142 35.49 22.25 -14.96
N SER A 143 35.35 22.23 -13.62
CA SER A 143 34.18 22.75 -12.89
C SER A 143 32.90 22.28 -13.58
N THR A 144 32.85 20.99 -13.93
CA THR A 144 31.86 20.44 -14.89
C THR A 144 30.46 20.87 -14.43
N MET A 145 30.06 20.47 -13.24
CA MET A 145 28.65 20.69 -12.86
C MET A 145 28.42 22.19 -12.74
N GLU A 146 29.43 22.94 -12.27
CA GLU A 146 29.32 24.40 -12.00
C GLU A 146 29.11 25.17 -13.30
N GLN A 147 29.65 24.73 -14.44
CA GLN A 147 29.44 25.43 -15.72
C GLN A 147 28.01 25.10 -16.17
N HIS A 148 27.54 23.90 -15.85
CA HIS A 148 26.17 23.46 -16.16
C HIS A 148 25.19 24.31 -15.36
N HIS A 149 25.40 24.43 -14.04
CA HIS A 149 24.53 25.27 -13.16
C HIS A 149 24.40 26.67 -13.76
N PHE A 150 25.50 27.27 -14.21
CA PHE A 150 25.46 28.65 -14.75
C PHE A 150 24.60 28.66 -16.01
N SER A 151 24.81 27.68 -16.87
CA SER A 151 24.06 27.50 -18.12
C SER A 151 22.56 27.35 -17.84
N GLN A 152 22.14 26.56 -16.84
CA GLN A 152 20.70 26.40 -16.47
C GLN A 152 20.14 27.76 -16.01
N THR A 153 20.93 28.53 -15.27
CA THR A 153 20.57 29.86 -14.74
C THR A 153 20.26 30.80 -15.93
N VAL A 154 21.17 30.87 -16.91
CA VAL A 154 21.01 31.71 -18.12
C VAL A 154 19.81 31.19 -18.92
N SER A 155 19.66 29.88 -19.06
CA SER A 155 18.51 29.32 -19.81
C SER A 155 17.21 29.82 -19.20
N ILE A 156 17.12 29.84 -17.87
CA ILE A 156 15.85 30.12 -17.13
C ILE A 156 15.63 31.63 -17.18
N LEU A 157 16.68 32.43 -17.10
CA LEU A 157 16.56 33.90 -17.26
C LEU A 157 16.02 34.27 -18.65
N GLN A 158 16.18 33.37 -19.63
CA GLN A 158 15.80 33.61 -21.04
C GLN A 158 14.40 33.08 -21.32
N LEU A 159 13.76 32.45 -20.35
CA LEU A 159 12.34 32.04 -20.47
C LEU A 159 11.49 33.33 -20.51
N GLU A 160 10.48 33.36 -21.36
CA GLU A 160 9.41 34.39 -21.38
C GLU A 160 8.92 34.71 -19.98
N GLY A 161 8.88 36.00 -19.65
CA GLY A 161 8.42 36.52 -18.36
C GLY A 161 9.36 36.23 -17.18
N HIS A 162 10.58 35.74 -17.43
CA HIS A 162 11.53 35.34 -16.34
C HIS A 162 12.74 36.28 -16.25
N ASN A 163 12.85 37.32 -17.08
CA ASN A 163 14.07 38.18 -16.99
C ASN A 163 13.90 39.24 -15.89
N ILE A 164 14.34 38.89 -14.68
CA ILE A 164 14.25 39.72 -13.44
C ILE A 164 15.21 40.91 -13.57
N PHE A 165 16.11 40.85 -14.56
CA PHE A 165 17.19 41.84 -14.74
C PHE A 165 16.78 42.83 -15.84
N SER A 166 15.52 42.76 -16.28
CA SER A 166 14.97 43.45 -17.49
C SER A 166 15.28 44.95 -17.44
N THR A 167 15.22 45.58 -16.27
CA THR A 167 15.40 47.05 -16.11
C THR A 167 16.88 47.44 -16.11
N LEU A 168 17.82 46.48 -16.03
CA LEU A 168 19.28 46.80 -16.01
C LEU A 168 19.70 47.23 -17.41
N SER A 169 20.66 48.14 -17.54
CA SER A 169 21.26 48.49 -18.86
C SER A 169 22.01 47.27 -19.36
N SER A 170 22.27 47.25 -20.67
CA SER A 170 23.14 46.28 -21.36
C SER A 170 24.40 46.01 -20.52
N SER A 171 24.92 47.07 -19.89
CA SER A 171 26.23 47.12 -19.20
C SER A 171 26.14 46.39 -17.87
N GLU A 172 25.14 46.81 -17.10
CA GLU A 172 24.82 46.32 -15.75
C GLU A 172 24.38 44.87 -15.86
N TYR A 173 23.63 44.56 -16.92
CA TYR A 173 23.15 43.19 -17.21
C TYR A 173 24.35 42.27 -17.44
N GLU A 174 25.37 42.71 -18.20
CA GLU A 174 26.59 41.91 -18.45
C GLU A 174 27.41 41.80 -17.16
N GLN A 175 27.51 42.89 -16.41
CA GLN A 175 28.13 42.90 -15.07
C GLN A 175 27.45 41.90 -14.12
N VAL A 176 26.13 41.92 -13.99
CA VAL A 176 25.42 41.06 -13.00
C VAL A 176 25.57 39.58 -13.43
N LEU A 177 25.53 39.27 -14.72
CA LEU A 177 25.58 37.86 -15.19
C LEU A 177 27.00 37.35 -14.96
N GLU A 178 27.97 38.29 -14.88
CA GLU A 178 29.42 37.99 -14.71
C GLU A 178 29.75 37.78 -13.22
N ILE A 179 29.13 38.57 -12.35
CA ILE A 179 29.09 38.29 -10.88
C ILE A 179 28.57 36.86 -10.68
N ILE A 180 27.41 36.54 -11.25
CA ILE A 180 26.68 35.27 -11.05
C ILE A 180 27.56 34.15 -11.56
N ARG A 181 28.19 34.33 -12.73
CA ARG A 181 29.02 33.24 -13.33
C ARG A 181 30.19 32.94 -12.39
N LYS A 182 30.84 33.97 -11.89
CA LYS A 182 32.08 33.79 -11.07
C LYS A 182 31.65 33.18 -9.72
N ALA A 183 30.56 33.68 -9.17
CA ALA A 183 30.01 33.20 -7.90
C ALA A 183 29.73 31.71 -8.01
N ILE A 184 29.14 31.25 -9.13
CA ILE A 184 28.72 29.83 -9.24
C ILE A 184 29.96 28.97 -9.46
N ILE A 185 30.88 29.40 -10.31
CA ILE A 185 32.15 28.67 -10.54
C ILE A 185 32.90 28.51 -9.21
N ALA A 186 32.91 29.53 -8.34
CA ALA A 186 33.67 29.53 -7.06
C ALA A 186 33.21 28.41 -6.14
N THR A 187 31.98 27.96 -6.32
CA THR A 187 31.38 26.87 -5.51
C THR A 187 31.98 25.51 -5.87
N ASP A 188 32.79 25.39 -6.92
CA ASP A 188 33.66 24.21 -7.15
C ASP A 188 34.72 24.18 -6.06
N LEU A 189 34.53 23.38 -5.01
CA LEU A 189 35.50 23.26 -3.90
C LEU A 189 36.94 23.03 -4.39
N ALA A 190 37.18 22.39 -5.55
CA ALA A 190 38.56 22.19 -6.06
C ALA A 190 39.24 23.56 -6.16
N LEU A 191 38.51 24.65 -6.40
CA LEU A 191 39.11 25.98 -6.65
C LEU A 191 39.25 26.77 -5.35
N TYR A 192 38.56 26.32 -4.30
CA TYR A 192 38.48 27.03 -3.01
C TYR A 192 39.88 27.10 -2.43
N PHE A 193 40.64 26.01 -2.44
CA PHE A 193 41.91 25.88 -1.67
C PHE A 193 42.85 27.00 -2.07
N GLY A 194 42.97 27.24 -3.37
CA GLY A 194 43.89 28.24 -3.92
C GLY A 194 43.35 29.61 -3.64
N ASN A 195 42.02 29.76 -3.69
CA ASN A 195 41.37 31.09 -3.53
C ASN A 195 41.67 31.55 -2.10
N ARG A 196 41.50 30.64 -1.16
CA ARG A 196 41.70 30.99 0.25
C ARG A 196 43.20 31.26 0.52
N LYS A 197 44.12 30.48 -0.04
CA LYS A 197 45.58 30.70 0.11
C LYS A 197 45.91 32.12 -0.34
N GLN A 198 45.40 32.53 -1.50
CA GLN A 198 45.74 33.84 -2.06
C GLN A 198 45.16 34.90 -1.13
N LEU A 199 43.96 34.65 -0.62
CA LEU A 199 43.21 35.66 0.15
C LEU A 199 43.95 35.86 1.46
N GLU A 200 44.44 34.75 2.01
CA GLU A 200 45.14 34.74 3.31
CA GLU A 200 45.18 34.68 3.29
C GLU A 200 46.45 35.53 3.12
N GLU A 201 47.24 35.18 2.09
CA GLU A 201 48.52 35.85 1.79
C GLU A 201 48.22 37.32 1.65
N MET A 202 47.23 37.65 0.83
CA MET A 202 46.90 39.05 0.45
C MET A 202 46.62 39.88 1.71
N TYR A 203 45.84 39.29 2.61
CA TYR A 203 45.30 39.96 3.82
C TYR A 203 46.46 40.30 4.76
N GLN A 204 47.45 39.39 4.88
CA GLN A 204 48.55 39.44 5.87
C GLN A 204 49.68 40.35 5.39
N THR A 205 49.99 40.36 4.11
CA THR A 205 50.94 41.32 3.51
C THR A 205 50.24 42.65 3.29
N GLY A 206 48.95 42.75 3.62
CA GLY A 206 48.20 44.03 3.63
C GLY A 206 47.95 44.55 2.22
N SER A 207 48.09 43.69 1.21
CA SER A 207 47.80 44.00 -0.22
C SER A 207 46.30 43.86 -0.54
N LEU A 208 45.45 43.37 0.37
CA LEU A 208 44.00 43.19 0.06
C LEU A 208 43.34 44.55 -0.16
N ASN A 209 42.68 44.70 -1.31
CA ASN A 209 42.20 46.01 -1.80
C ASN A 209 40.84 45.80 -2.48
N LEU A 210 39.74 46.00 -1.74
CA LEU A 210 38.36 45.75 -2.20
C LEU A 210 38.00 46.68 -3.38
N ASN A 211 38.89 47.60 -3.78
CA ASN A 211 38.69 48.43 -5.00
C ASN A 211 39.23 47.68 -6.21
N ASN A 212 40.06 46.68 -5.99
CA ASN A 212 40.62 45.85 -7.08
C ASN A 212 39.53 44.84 -7.42
N GLN A 213 38.84 45.01 -8.55
CA GLN A 213 37.77 44.10 -9.03
C GLN A 213 38.21 42.63 -8.88
N SER A 214 39.47 42.36 -9.13
CA SER A 214 40.03 40.99 -9.11
C SER A 214 40.06 40.52 -7.66
N HIS A 215 40.21 41.46 -6.73
CA HIS A 215 40.25 41.16 -5.27
C HIS A 215 38.82 40.88 -4.82
N ARG A 216 37.89 41.73 -5.25
CA ARG A 216 36.45 41.56 -4.94
C ARG A 216 35.98 40.15 -5.35
N ASP A 217 36.26 39.78 -6.60
CA ASP A 217 36.00 38.42 -7.15
C ASP A 217 36.44 37.38 -6.12
N ARG A 218 37.67 37.46 -5.61
CA ARG A 218 38.20 36.39 -4.72
C ARG A 218 37.40 36.36 -3.42
N VAL A 219 37.11 37.53 -2.87
CA VAL A 219 36.34 37.69 -1.61
C VAL A 219 34.91 37.12 -1.79
N ILE A 220 34.22 37.46 -2.86
CA ILE A 220 32.90 36.83 -3.21
C ILE A 220 33.05 35.31 -3.39
N GLY A 221 34.13 34.87 -4.00
CA GLY A 221 34.37 33.42 -4.12
C GLY A 221 34.31 32.74 -2.77
N LEU A 222 34.93 33.37 -1.78
CA LEU A 222 35.09 32.76 -0.44
C LEU A 222 33.73 32.82 0.25
N MET A 223 33.00 33.91 0.05
CA MET A 223 31.61 34.05 0.57
C MET A 223 30.79 32.84 0.11
N MET A 224 30.95 32.50 -1.17
CA MET A 224 30.17 31.44 -1.85
C MET A 224 30.53 30.09 -1.23
N THR A 225 31.81 29.88 -0.92
CA THR A 225 32.26 28.65 -0.22
C THR A 225 31.61 28.64 1.16
N ALA A 226 31.69 29.77 1.86
CA ALA A 226 31.17 29.88 3.23
C ALA A 226 29.66 29.59 3.22
N CYS A 227 28.90 30.18 2.30
CA CYS A 227 27.44 29.96 2.20
C CYS A 227 27.16 28.51 1.80
N ASP A 228 27.86 27.98 0.80
CA ASP A 228 27.69 26.59 0.32
C ASP A 228 27.96 25.56 1.42
N LEU A 229 28.86 25.87 2.36
CA LEU A 229 29.31 24.88 3.37
C LEU A 229 28.55 25.11 4.70
N CYS A 230 27.57 26.02 4.70
CA CYS A 230 26.94 26.56 5.94
C CYS A 230 26.26 25.47 6.81
N SER A 231 26.09 24.22 6.37
CA SER A 231 25.51 23.19 7.28
C SER A 231 26.37 23.01 8.53
N VAL A 232 27.67 23.32 8.42
CA VAL A 232 28.68 23.14 9.51
C VAL A 232 28.57 24.32 10.51
N THR A 233 27.75 25.34 10.23
CA THR A 233 27.63 26.59 11.04
C THR A 233 26.24 26.66 11.68
N LYS A 234 25.52 25.55 11.67
CA LYS A 234 24.15 25.46 12.24
C LYS A 234 24.23 24.90 13.65
N LEU A 235 23.09 24.88 14.33
CA LEU A 235 23.00 24.17 15.62
C LEU A 235 23.23 22.69 15.38
N TRP A 236 23.94 22.07 16.31
CA TRP A 236 24.45 20.69 16.19
C TRP A 236 23.36 19.73 15.67
N PRO A 237 22.09 19.75 16.14
CA PRO A 237 21.11 18.77 15.63
C PRO A 237 20.82 18.98 14.13
N VAL A 238 20.86 20.22 13.65
CA VAL A 238 20.78 20.54 12.18
C VAL A 238 22.03 19.99 11.47
N THR A 239 23.21 20.31 11.99
CA THR A 239 24.51 19.90 11.42
C THR A 239 24.51 18.38 11.26
N LYS A 240 24.08 17.70 12.30
CA LYS A 240 24.20 16.22 12.39
C LYS A 240 23.20 15.59 11.40
N LEU A 241 21.98 16.10 11.32
CA LEU A 241 20.93 15.52 10.42
C LEU A 241 21.22 15.87 8.96
N THR A 242 21.81 17.03 8.66
CA THR A 242 22.28 17.40 7.29
C THR A 242 23.42 16.48 6.84
N ALA A 243 24.34 16.12 7.74
CA ALA A 243 25.46 15.21 7.39
C ALA A 243 24.87 13.91 6.83
N ASN A 244 23.76 13.45 7.39
CA ASN A 244 23.04 12.23 6.94
C ASN A 244 22.67 12.38 5.47
N ASP A 245 22.18 13.56 5.11
CA ASP A 245 21.71 13.80 3.73
C ASP A 245 22.92 13.83 2.80
N ILE A 246 24.02 14.42 3.28
CA ILE A 246 25.24 14.58 2.45
C ILE A 246 25.74 13.17 2.16
N TYR A 247 25.87 12.34 3.18
CA TYR A 247 26.50 11.00 3.06
C TYR A 247 25.61 10.04 2.24
N ALA A 248 24.30 10.27 2.24
CA ALA A 248 23.31 9.48 1.46
C ALA A 248 23.63 9.65 -0.02
N GLU A 249 24.00 10.87 -0.40
CA GLU A 249 24.42 11.16 -1.80
C GLU A 249 25.79 10.57 -2.05
N PHE A 250 26.72 10.75 -1.12
CA PHE A 250 28.13 10.30 -1.34
C PHE A 250 28.10 8.77 -1.51
N TRP A 251 27.33 8.07 -0.67
CA TRP A 251 27.35 6.58 -0.62
C TRP A 251 26.67 6.00 -1.86
N ALA A 252 25.70 6.71 -2.42
CA ALA A 252 25.09 6.36 -3.72
C ALA A 252 26.16 6.53 -4.80
N GLU A 253 26.92 7.63 -4.76
CA GLU A 253 28.04 7.84 -5.73
C GLU A 253 29.01 6.67 -5.60
N GLY A 254 29.34 6.32 -4.34
CA GLY A 254 30.31 5.25 -4.04
C GLY A 254 29.86 3.94 -4.66
N ASP A 255 28.56 3.68 -4.57
CA ASP A 255 27.91 2.49 -5.14
C ASP A 255 28.10 2.54 -6.66
N GLU A 256 27.83 3.70 -7.23
CA GLU A 256 27.95 3.92 -8.69
C GLU A 256 29.41 3.77 -9.16
N MET A 257 30.38 4.13 -8.32
CA MET A 257 31.82 3.91 -8.62
C MET A 257 32.08 2.40 -8.66
N LYS A 258 31.54 1.68 -7.68
CA LYS A 258 31.76 0.22 -7.56
C LYS A 258 31.16 -0.47 -8.78
N LYS A 259 30.05 0.03 -9.29
CA LYS A 259 29.46 -0.45 -10.55
C LYS A 259 30.35 -0.14 -11.75
N LEU A 260 31.26 0.84 -11.70
CA LEU A 260 32.17 1.09 -12.84
C LEU A 260 33.46 0.27 -12.64
N GLY A 261 33.54 -0.49 -11.54
CA GLY A 261 34.69 -1.32 -11.15
C GLY A 261 35.77 -0.48 -10.49
N ILE A 262 35.39 0.56 -9.77
CA ILE A 262 36.33 1.54 -9.16
C ILE A 262 36.04 1.58 -7.65
N GLN A 263 36.99 1.15 -6.81
CA GLN A 263 36.87 1.27 -5.34
C GLN A 263 36.78 2.75 -5.03
N PRO A 264 35.67 3.22 -4.43
CA PRO A 264 35.51 4.64 -4.15
C PRO A 264 36.39 5.05 -2.96
N ILE A 265 36.75 6.34 -2.85
CA ILE A 265 37.42 6.87 -1.62
C ILE A 265 36.54 6.52 -0.43
N PRO A 266 37.11 6.33 0.79
CA PRO A 266 36.33 5.89 1.94
C PRO A 266 35.11 6.77 2.27
N MET A 267 35.19 8.09 2.01
CA MET A 267 34.10 9.06 2.32
C MET A 267 32.81 8.68 1.55
N MET A 268 32.95 7.90 0.49
CA MET A 268 31.85 7.59 -0.43
C MET A 268 31.50 6.12 -0.29
N ASP A 269 32.27 5.38 0.50
CA ASP A 269 32.06 3.95 0.75
C ASP A 269 31.18 3.81 1.99
N ARG A 270 29.97 3.29 1.82
CA ARG A 270 29.01 3.09 2.94
C ARG A 270 29.48 1.94 3.82
N ASP A 271 30.48 1.17 3.38
CA ASP A 271 30.99 0.03 4.17
C ASP A 271 31.86 0.59 5.27
N LYS A 272 32.25 1.86 5.12
CA LYS A 272 33.26 2.55 5.95
C LYS A 272 32.58 3.65 6.74
N LYS A 273 31.29 3.46 7.03
CA LYS A 273 30.41 4.38 7.82
C LYS A 273 31.09 4.74 9.13
N ASP A 274 31.72 3.73 9.76
CA ASP A 274 32.42 3.82 11.07
C ASP A 274 33.40 5.00 11.04
N GLU A 275 34.04 5.28 9.90
CA GLU A 275 35.11 6.31 9.78
C GLU A 275 34.54 7.74 9.58
N VAL A 276 33.22 7.93 9.67
CA VAL A 276 32.60 9.26 9.38
C VAL A 276 33.10 10.31 10.37
N PRO A 277 33.01 10.07 11.69
CA PRO A 277 33.44 11.08 12.67
C PRO A 277 34.85 11.62 12.39
N GLN A 278 35.78 10.75 11.95
CA GLN A 278 37.21 11.12 11.76
C GLN A 278 37.34 11.92 10.46
N GLY A 279 36.65 11.43 9.43
CA GLY A 279 36.31 12.14 8.17
C GLY A 279 35.81 13.56 8.40
N GLN A 280 34.84 13.77 9.29
CA GLN A 280 34.30 15.14 9.58
C GLN A 280 35.40 16.03 10.20
N LEU A 281 36.23 15.49 11.12
CA LEU A 281 37.35 16.24 11.75
C LEU A 281 38.27 16.82 10.65
N GLY A 282 38.62 16.01 9.65
CA GLY A 282 39.56 16.42 8.60
C GLY A 282 38.98 17.54 7.78
N PHE A 283 37.72 17.36 7.38
CA PHE A 283 36.90 18.37 6.66
C PHE A 283 36.83 19.70 7.43
N TYR A 284 36.56 19.64 8.75
CA TYR A 284 36.47 20.87 9.58
C TYR A 284 37.85 21.53 9.65
N ASN A 285 38.87 20.70 9.79
CA ASN A 285 40.28 21.18 9.96
C ASN A 285 40.85 21.68 8.63
N ALA A 286 40.61 20.98 7.52
CA ALA A 286 41.24 21.27 6.19
C ALA A 286 40.40 22.24 5.37
N VAL A 287 39.07 22.29 5.59
CA VAL A 287 38.21 23.14 4.72
C VAL A 287 37.47 24.18 5.54
N ALA A 288 36.62 23.71 6.46
CA ALA A 288 35.57 24.50 7.11
C ALA A 288 36.22 25.62 7.93
N ILE A 289 37.10 25.25 8.84
CA ILE A 289 37.70 26.22 9.83
C ILE A 289 38.51 27.28 9.09
N PRO A 290 39.46 26.89 8.21
CA PRO A 290 40.18 27.89 7.38
C PRO A 290 39.28 28.83 6.56
N CYS A 291 38.17 28.29 6.02
CA CYS A 291 37.24 29.08 5.18
C CYS A 291 36.67 30.26 5.99
N TYR A 292 36.06 29.99 7.14
CA TYR A 292 35.36 30.97 8.01
C TYR A 292 36.35 31.88 8.76
N THR A 293 37.56 31.39 9.00
CA THR A 293 38.69 32.19 9.60
C THR A 293 39.08 33.29 8.62
N THR A 294 39.53 32.89 7.44
CA THR A 294 39.90 33.85 6.39
C THR A 294 38.70 34.76 6.17
N LEU A 295 37.49 34.21 6.16
CA LEU A 295 36.29 35.07 5.95
C LEU A 295 36.16 36.12 7.06
N THR A 296 36.17 35.68 8.31
CA THR A 296 36.13 36.53 9.55
C THR A 296 37.24 37.61 9.51
N GLN A 297 38.44 37.26 9.05
CA GLN A 297 39.56 38.25 8.93
C GLN A 297 39.15 39.30 7.91
N ILE A 298 38.64 38.87 6.77
CA ILE A 298 38.26 39.85 5.71
C ILE A 298 37.00 40.62 6.14
N LEU A 299 36.04 39.93 6.75
CA LEU A 299 34.68 40.45 7.09
C LEU A 299 34.39 40.09 8.54
N PRO A 300 34.93 40.88 9.48
CA PRO A 300 34.75 40.61 10.90
C PRO A 300 33.32 40.29 11.36
N PRO A 301 32.24 40.97 10.88
CA PRO A 301 30.89 40.62 11.33
C PRO A 301 30.35 39.21 10.96
N THR A 302 31.14 38.38 10.26
CA THR A 302 30.83 36.97 9.92
C THR A 302 31.46 36.05 10.94
N GLU A 303 31.96 36.61 12.04
CA GLU A 303 32.62 35.78 13.10
C GLU A 303 31.69 34.70 13.65
N PRO A 304 30.36 34.92 13.72
CA PRO A 304 29.48 33.86 14.22
C PRO A 304 29.55 32.55 13.41
N LEU A 305 29.75 32.62 12.09
CA LEU A 305 29.98 31.40 11.28
C LEU A 305 31.20 30.64 11.83
N LEU A 306 32.30 31.35 12.13
CA LEU A 306 33.55 30.65 12.61
C LEU A 306 33.27 29.99 13.97
N LYS A 307 32.64 30.75 14.85
CA LYS A 307 32.27 30.32 16.21
C LYS A 307 31.38 29.07 16.15
N ALA A 308 30.31 29.11 15.36
CA ALA A 308 29.37 27.97 15.21
C ALA A 308 30.13 26.76 14.65
N CYS A 309 30.99 26.98 13.64
CA CYS A 309 31.79 25.94 13.00
C CYS A 309 32.67 25.26 14.05
N ARG A 310 33.30 26.06 14.91
CA ARG A 310 34.21 25.53 15.96
C ARG A 310 33.36 24.69 16.93
N ASP A 311 32.15 25.14 17.25
CA ASP A 311 31.22 24.40 18.17
C ASP A 311 30.94 23.01 17.59
N ASN A 312 30.70 22.91 16.27
CA ASN A 312 30.38 21.62 15.59
C ASN A 312 31.65 20.76 15.53
N LEU A 313 32.84 21.35 15.35
CA LEU A 313 34.09 20.55 15.39
C LEU A 313 34.11 19.85 16.74
N SER A 314 33.73 20.57 17.79
CA SER A 314 33.77 20.08 19.18
C SER A 314 32.75 18.95 19.38
N GLN A 315 31.57 19.05 18.79
CA GLN A 315 30.56 17.96 18.82
C GLN A 315 31.10 16.71 18.14
N TRP A 316 31.86 16.79 17.03
CA TRP A 316 32.34 15.58 16.29
C TRP A 316 33.47 14.96 17.11
N GLU A 317 34.26 15.80 17.77
CA GLU A 317 35.31 15.28 18.67
C GLU A 317 34.62 14.45 19.74
N LYS A 318 33.58 15.00 20.39
CA LYS A 318 32.75 14.27 21.38
C LYS A 318 32.19 12.99 20.76
N VAL A 319 31.69 12.98 19.52
CA VAL A 319 31.13 11.72 18.94
C VAL A 319 32.23 10.65 18.98
N ILE A 320 33.47 11.02 18.68
CA ILE A 320 34.60 10.04 18.62
C ILE A 320 34.87 9.54 20.05
N ARG A 321 34.87 10.43 21.03
CA ARG A 321 35.15 10.06 22.44
C ARG A 321 34.00 9.21 22.99
N GLY A 322 33.06 8.79 22.15
CA GLY A 322 31.84 8.09 22.58
C GLY A 322 31.06 8.89 23.60
N GLU A 323 31.29 10.20 23.71
CA GLU A 323 30.49 11.13 24.56
C GLU A 323 29.20 11.45 23.81
N GLU A 324 29.02 10.84 22.64
CA GLU A 324 27.79 10.84 21.79
C GLU A 324 28.13 10.31 20.39
N GLN B 11 -28.35 6.50 -17.21
CA GLN B 11 -27.09 6.04 -16.57
C GLN B 11 -27.09 6.41 -15.08
N GLY B 12 -27.95 5.76 -14.29
CA GLY B 12 -28.12 5.96 -12.84
C GLY B 12 -28.25 4.65 -12.08
N LEU B 13 -28.52 3.55 -12.79
CA LEU B 13 -28.48 2.16 -12.24
C LEU B 13 -27.10 1.53 -12.56
N MET B 14 -26.02 2.24 -12.16
CA MET B 14 -24.60 1.83 -12.24
C MET B 14 -24.09 1.48 -10.84
N GLN B 15 -24.51 0.33 -10.29
CA GLN B 15 -24.02 -0.16 -8.97
C GLN B 15 -22.51 -0.37 -9.07
N PHE B 16 -21.74 0.20 -8.15
CA PHE B 16 -20.31 -0.14 -7.96
C PHE B 16 -20.22 -1.54 -7.39
N THR B 17 -19.33 -2.33 -7.96
CA THR B 17 -19.05 -3.71 -7.51
C THR B 17 -17.55 -3.88 -7.27
N LEU B 18 -17.24 -4.71 -6.28
CA LEU B 18 -15.87 -5.07 -5.87
C LEU B 18 -15.64 -6.53 -6.20
N PRO B 19 -14.37 -6.95 -6.39
CA PRO B 19 -14.05 -8.36 -6.45
C PRO B 19 -14.49 -9.13 -5.19
N VAL B 20 -14.86 -10.39 -5.37
CA VAL B 20 -15.47 -11.23 -4.31
C VAL B 20 -14.73 -10.99 -2.98
N ARG B 21 -13.40 -11.10 -2.95
CA ARG B 21 -12.68 -11.10 -1.65
C ARG B 21 -12.89 -9.76 -0.94
N LEU B 22 -12.86 -8.63 -1.65
CA LEU B 22 -13.03 -7.29 -1.06
C LEU B 22 -14.50 -7.17 -0.63
N CYS B 23 -15.43 -7.49 -1.54
CA CYS B 23 -16.91 -7.37 -1.32
CA CYS B 23 -16.90 -7.36 -1.31
C CYS B 23 -17.26 -7.95 0.05
N LYS B 24 -16.65 -9.08 0.43
CA LYS B 24 -17.02 -9.77 1.70
C LYS B 24 -16.24 -9.14 2.85
N GLU B 25 -14.95 -8.89 2.68
CA GLU B 25 -14.00 -8.37 3.71
C GLU B 25 -14.37 -6.92 4.11
N ILE B 26 -14.88 -6.10 3.20
CA ILE B 26 -15.07 -4.63 3.42
C ILE B 26 -16.11 -4.42 4.50
N GLU B 27 -16.86 -5.47 4.84
CA GLU B 27 -18.00 -5.36 5.78
C GLU B 27 -17.43 -5.59 7.17
N LEU B 28 -16.18 -6.05 7.24
CA LEU B 28 -15.47 -6.33 8.52
C LEU B 28 -14.73 -5.05 8.96
N PHE B 29 -14.73 -4.81 10.26
CA PHE B 29 -14.08 -3.65 10.90
C PHE B 29 -12.57 -3.69 10.62
N HIS B 30 -12.00 -4.89 10.47
CA HIS B 30 -10.53 -5.07 10.40
C HIS B 30 -10.04 -5.11 8.94
N PHE B 31 -10.91 -4.78 8.00
CA PHE B 31 -10.57 -4.69 6.56
C PHE B 31 -9.42 -3.71 6.36
N ASP B 32 -8.52 -4.10 5.48
CA ASP B 32 -7.37 -3.29 5.02
C ASP B 32 -7.65 -2.99 3.55
N ILE B 33 -7.55 -1.73 3.13
CA ILE B 33 -8.00 -1.33 1.77
C ILE B 33 -6.94 -1.66 0.73
N GLY B 34 -5.79 -2.12 1.15
CA GLY B 34 -4.82 -2.67 0.20
C GLY B 34 -3.89 -1.60 -0.35
N PRO B 35 -2.83 -2.07 -1.02
CA PRO B 35 -1.83 -1.20 -1.63
C PRO B 35 -2.14 -0.66 -3.01
N PHE B 36 -3.26 -1.02 -3.66
CA PHE B 36 -3.56 -0.52 -5.03
C PHE B 36 -4.27 0.82 -4.91
N GLU B 37 -3.52 1.90 -5.04
CA GLU B 37 -4.02 3.29 -4.83
C GLU B 37 -5.20 3.59 -5.76
N ASN B 38 -5.19 3.02 -6.96
CA ASN B 38 -6.19 3.28 -8.04
C ASN B 38 -7.54 2.65 -7.67
N MET B 39 -7.58 1.74 -6.71
CA MET B 39 -8.84 1.07 -6.32
C MET B 39 -9.56 1.81 -5.18
N TRP B 40 -8.89 2.74 -4.49
CA TRP B 40 -9.46 3.38 -3.27
C TRP B 40 -10.68 4.25 -3.60
N PRO B 41 -10.68 5.08 -4.66
CA PRO B 41 -11.86 5.88 -4.95
C PRO B 41 -13.09 5.00 -5.13
N GLY B 42 -12.91 3.91 -5.87
CA GLY B 42 -14.02 3.00 -6.18
C GLY B 42 -14.54 2.37 -4.91
N ILE B 43 -13.63 1.98 -4.01
CA ILE B 43 -13.94 1.45 -2.64
C ILE B 43 -14.75 2.51 -1.87
N PHE B 44 -14.33 3.76 -1.92
CA PHE B 44 -15.05 4.83 -1.20
C PHE B 44 -16.46 4.99 -1.81
N VAL B 45 -16.57 5.06 -3.15
CA VAL B 45 -17.86 5.28 -3.86
C VAL B 45 -18.77 4.11 -3.51
N TYR B 46 -18.22 2.91 -3.44
CA TYR B 46 -18.98 1.68 -3.07
C TYR B 46 -19.51 1.80 -1.64
N MET B 47 -18.74 2.40 -0.75
CA MET B 47 -19.15 2.56 0.67
C MET B 47 -20.26 3.61 0.69
N VAL B 48 -20.12 4.68 -0.09
CA VAL B 48 -21.18 5.72 -0.18
C VAL B 48 -22.48 5.12 -0.74
N HIS B 49 -22.42 4.35 -1.83
CA HIS B 49 -23.65 3.82 -2.46
C HIS B 49 -24.33 2.86 -1.48
N ARG B 50 -23.58 1.95 -0.85
CA ARG B 50 -24.14 1.02 0.17
C ARG B 50 -24.55 1.80 1.44
N SER B 51 -23.93 2.95 1.71
CA SER B 51 -24.01 3.59 3.03
C SER B 51 -25.20 4.55 3.09
N CYS B 52 -25.34 5.43 2.11
CA CYS B 52 -26.52 6.32 2.15
C CYS B 52 -27.31 6.24 0.85
N GLY B 53 -26.77 5.61 -0.19
CA GLY B 53 -27.52 5.41 -1.44
C GLY B 53 -26.83 5.89 -2.71
N THR B 54 -27.25 5.28 -3.83
CA THR B 54 -26.91 5.59 -5.24
C THR B 54 -27.39 6.99 -5.65
N SER B 55 -28.32 7.57 -4.90
CA SER B 55 -28.96 8.86 -5.20
C SER B 55 -28.40 9.93 -4.26
N CYS B 56 -27.56 9.55 -3.30
CA CYS B 56 -27.05 10.50 -2.29
C CYS B 56 -26.29 11.60 -3.02
N PHE B 57 -25.49 11.20 -4.00
CA PHE B 57 -24.59 12.11 -4.74
C PHE B 57 -24.71 11.86 -6.24
N GLU B 58 -24.67 12.94 -7.01
CA GLU B 58 -24.46 12.86 -8.47
C GLU B 58 -23.05 12.29 -8.67
N LEU B 59 -22.94 11.18 -9.39
CA LEU B 59 -21.71 10.38 -9.49
C LEU B 59 -20.55 11.18 -10.06
N GLU B 60 -20.81 11.91 -11.14
CA GLU B 60 -19.82 12.81 -11.79
C GLU B 60 -19.19 13.74 -10.76
N LYS B 61 -20.02 14.53 -10.05
CA LYS B 61 -19.58 15.48 -8.97
C LYS B 61 -18.80 14.70 -7.90
N LEU B 62 -19.26 13.53 -7.51
CA LEU B 62 -18.62 12.79 -6.40
C LEU B 62 -17.21 12.44 -6.84
N CME B 63 -17.06 11.92 -8.05
CA CME B 63 -15.75 11.45 -8.56
CB CME B 63 -15.92 10.62 -9.81
SG CME B 63 -16.46 8.91 -9.55
SD CME B 63 -14.85 8.14 -8.49
CE CME B 63 -13.76 7.21 -9.62
CZ CME B 63 -14.30 5.93 -10.14
OH CME B 63 -13.89 5.82 -11.48
C CME B 63 -14.84 12.66 -8.71
O CME B 63 -13.67 12.60 -8.37
N ARG B 64 -15.39 13.77 -9.13
CA ARG B 64 -14.60 15.01 -9.27
C ARG B 64 -14.11 15.45 -7.87
N PHE B 65 -15.02 15.41 -6.89
CA PHE B 65 -14.78 15.79 -5.48
C PHE B 65 -13.65 14.93 -4.92
N ILE B 66 -13.83 13.63 -5.04
CA ILE B 66 -12.88 12.60 -4.50
C ILE B 66 -11.47 12.87 -5.08
N MET B 67 -11.37 13.10 -6.37
CA MET B 67 -10.03 13.22 -7.00
C MET B 67 -9.36 14.52 -6.56
N SER B 68 -10.11 15.59 -6.30
CA SER B 68 -9.57 16.89 -5.81
C SER B 68 -9.12 16.72 -4.35
N VAL B 69 -9.90 16.02 -3.53
CA VAL B 69 -9.49 15.60 -2.16
C VAL B 69 -8.16 14.85 -2.25
N LYS B 70 -8.11 13.73 -2.97
CA LYS B 70 -6.88 12.91 -3.16
C LYS B 70 -5.67 13.85 -3.38
N LYS B 71 -5.83 14.72 -4.35
CA LYS B 71 -4.81 15.68 -4.85
C LYS B 71 -4.31 16.59 -3.72
N ASN B 72 -5.10 16.75 -2.66
CA ASN B 72 -4.84 17.78 -1.63
C ASN B 72 -4.39 17.10 -0.34
N TYR B 73 -4.23 15.78 -0.37
CA TYR B 73 -3.42 14.99 0.59
C TYR B 73 -1.98 14.89 0.06
N ARG B 74 -1.06 14.91 1.01
CA ARG B 74 0.39 14.96 0.72
C ARG B 74 1.01 13.57 0.86
N ARG B 75 2.25 13.49 0.38
CA ARG B 75 3.01 12.23 0.26
C ARG B 75 3.80 12.03 1.53
N VAL B 76 3.08 11.97 2.65
CA VAL B 76 3.66 11.78 4.01
C VAL B 76 3.52 10.32 4.38
N PRO B 77 4.31 9.84 5.37
CA PRO B 77 4.28 8.43 5.72
C PRO B 77 2.93 7.89 6.24
N TYR B 78 2.17 8.68 7.00
CA TYR B 78 0.95 8.19 7.68
C TYR B 78 -0.29 9.02 7.33
N HIS B 79 -0.24 10.34 7.54
CA HIS B 79 -1.34 11.31 7.29
C HIS B 79 -1.49 11.60 5.78
N ASN B 80 -1.73 10.54 5.05
CA ASN B 80 -1.90 10.58 3.58
C ASN B 80 -3.29 10.05 3.15
N TRP B 81 -3.47 9.95 1.84
CA TRP B 81 -4.71 9.57 1.14
C TRP B 81 -5.17 8.17 1.61
N LYS B 82 -4.24 7.29 1.91
CA LYS B 82 -4.60 5.95 2.41
C LYS B 82 -5.29 6.05 3.77
N HIS B 83 -4.78 6.92 4.64
CA HIS B 83 -5.31 7.09 6.01
C HIS B 83 -6.75 7.62 5.84
N ALA B 84 -6.94 8.58 4.94
CA ALA B 84 -8.26 9.21 4.66
C ALA B 84 -9.30 8.14 4.33
N VAL B 85 -9.00 7.23 3.39
CA VAL B 85 -10.01 6.21 2.96
C VAL B 85 -10.18 5.17 4.06
N THR B 86 -9.08 4.83 4.72
CA THR B 86 -9.09 3.85 5.80
C THR B 86 -10.02 4.33 6.92
N VAL B 87 -9.91 5.60 7.30
CA VAL B 87 -10.77 6.20 8.37
C VAL B 87 -12.22 6.15 7.86
N ALA B 88 -12.43 6.42 6.58
CA ALA B 88 -13.81 6.46 6.04
C ALA B 88 -14.35 5.03 6.12
N HIS B 89 -13.52 4.03 5.86
CA HIS B 89 -13.98 2.63 5.86
C HIS B 89 -14.40 2.25 7.29
N CYS B 90 -13.71 2.73 8.32
CA CYS B 90 -14.11 2.39 9.71
C CYS B 90 -15.50 2.98 9.96
N MET B 91 -15.74 4.20 9.48
CA MET B 91 -17.03 4.90 9.62
C MET B 91 -18.12 4.10 8.87
N TYR B 92 -17.78 3.57 7.72
CA TYR B 92 -18.72 2.81 6.89
C TYR B 92 -19.17 1.61 7.72
N ALA B 93 -18.23 0.95 8.36
CA ALA B 93 -18.48 -0.29 9.14
C ALA B 93 -19.35 0.04 10.34
N ILE B 94 -19.09 1.17 10.98
CA ILE B 94 -19.89 1.61 12.14
C ILE B 94 -21.31 1.88 11.65
N LEU B 95 -21.43 2.69 10.60
CA LEU B 95 -22.77 3.08 10.04
C LEU B 95 -23.53 1.81 9.62
N GLN B 96 -22.85 0.91 8.92
CA GLN B 96 -23.52 -0.30 8.36
C GLN B 96 -24.08 -1.13 9.53
N ASN B 97 -23.43 -1.15 10.70
CA ASN B 97 -23.84 -1.96 11.86
C ASN B 97 -24.79 -1.21 12.80
N ASN B 98 -25.07 0.07 12.54
CA ASN B 98 -25.99 0.84 13.41
C ASN B 98 -26.86 1.71 12.50
N HIS B 99 -27.33 1.17 11.38
CA HIS B 99 -27.80 2.03 10.24
C HIS B 99 -29.02 2.89 10.61
N THR B 100 -29.89 2.37 11.49
CA THR B 100 -31.15 3.01 11.93
C THR B 100 -30.94 4.16 12.91
N LEU B 101 -29.75 4.28 13.51
CA LEU B 101 -29.43 5.33 14.52
C LEU B 101 -29.26 6.69 13.83
N PHE B 102 -28.84 6.71 12.57
CA PHE B 102 -28.27 7.91 11.95
C PHE B 102 -29.20 8.43 10.87
N THR B 103 -29.36 9.74 10.79
CA THR B 103 -30.19 10.39 9.74
C THR B 103 -29.50 10.37 8.37
N ASP B 104 -30.29 10.77 7.37
CA ASP B 104 -29.85 10.75 5.95
C ASP B 104 -28.61 11.63 5.85
N LEU B 105 -28.75 12.86 6.36
CA LEU B 105 -27.73 13.93 6.35
C LEU B 105 -26.48 13.46 7.09
N GLU B 106 -26.65 12.74 8.20
CA GLU B 106 -25.50 12.21 8.97
C GLU B 106 -24.74 11.21 8.08
N ARG B 107 -25.41 10.23 7.49
CA ARG B 107 -24.74 9.19 6.67
C ARG B 107 -23.94 9.88 5.55
N LYS B 108 -24.51 10.93 4.94
CA LYS B 108 -23.85 11.78 3.90
C LYS B 108 -22.61 12.48 4.46
N GLY B 109 -22.79 13.24 5.55
CA GLY B 109 -21.76 14.12 6.14
C GLY B 109 -20.55 13.34 6.66
N LEU B 110 -20.75 12.15 7.22
CA LEU B 110 -19.75 11.45 8.05
C LEU B 110 -18.75 10.73 7.15
N LEU B 111 -19.20 10.14 6.05
CA LEU B 111 -18.25 9.48 5.13
C LEU B 111 -17.39 10.58 4.48
N ILE B 112 -17.98 11.72 4.13
CA ILE B 112 -17.27 12.86 3.49
C ILE B 112 -16.32 13.46 4.52
N ALA B 113 -16.79 13.60 5.77
CA ALA B 113 -15.96 14.16 6.86
C ALA B 113 -14.71 13.30 6.99
N CYS B 114 -14.89 11.99 7.00
CA CYS B 114 -13.75 11.06 7.23
C CYS B 114 -12.75 11.20 6.09
N LEU B 115 -13.24 11.34 4.87
CA LEU B 115 -12.34 11.39 3.70
C LEU B 115 -11.53 12.67 3.79
N CYS B 116 -12.17 13.72 4.27
CA CYS B 116 -11.60 15.10 4.31
C CYS B 116 -10.83 15.42 5.60
N HIS B 117 -10.89 14.59 6.64
CA HIS B 117 -10.57 14.98 8.03
C HIS B 117 -9.08 15.34 8.20
N ASP B 118 -8.19 14.91 7.28
CA ASP B 118 -6.75 15.22 7.41
C ASP B 118 -6.27 16.04 6.20
N LEU B 119 -7.18 16.65 5.44
CA LEU B 119 -6.82 17.31 4.14
C LEU B 119 -5.59 18.22 4.37
N ASP B 120 -4.58 18.06 3.54
CA ASP B 120 -3.41 18.96 3.44
C ASP B 120 -2.58 18.88 4.73
N HIS B 121 -2.66 17.77 5.48
CA HIS B 121 -1.71 17.38 6.53
C HIS B 121 -0.27 17.45 5.99
N ARG B 122 0.66 17.96 6.80
CA ARG B 122 2.08 18.15 6.43
C ARG B 122 2.97 17.12 7.14
N GLY B 123 2.38 16.31 8.01
CA GLY B 123 3.05 15.23 8.77
C GLY B 123 3.52 15.74 10.12
N PHE B 124 2.96 16.87 10.57
CA PHE B 124 3.36 17.47 11.86
C PHE B 124 2.13 17.83 12.69
N SER B 125 2.33 17.69 14.01
CA SER B 125 1.35 17.96 15.07
C SER B 125 1.10 19.46 15.23
N ASN B 126 0.00 19.76 15.89
CA ASN B 126 -0.42 21.12 16.29
C ASN B 126 0.67 21.76 17.15
N SER B 127 1.27 21.02 18.08
CA SER B 127 2.34 21.57 18.94
C SER B 127 3.49 21.94 18.04
N TYR B 128 3.85 21.09 17.07
CA TYR B 128 5.00 21.44 16.21
C TYR B 128 4.71 22.75 15.48
N LEU B 129 3.54 22.90 14.84
CA LEU B 129 3.14 24.15 14.13
C LEU B 129 3.23 25.35 15.11
N GLN B 130 2.79 25.17 16.35
CA GLN B 130 2.91 26.21 17.43
C GLN B 130 4.37 26.62 17.68
N LYS B 131 5.25 25.67 17.96
CA LYS B 131 6.66 25.95 18.28
C LYS B 131 7.39 26.50 17.07
N PHE B 132 7.03 26.09 15.87
CA PHE B 132 7.72 26.56 14.65
C PHE B 132 7.29 28.00 14.33
N ASP B 133 6.12 28.37 14.84
CA ASP B 133 5.45 29.66 14.54
C ASP B 133 4.98 29.60 13.08
N HIS B 134 4.35 28.50 12.66
CA HIS B 134 3.76 28.36 11.31
C HIS B 134 2.62 29.35 11.16
N PRO B 135 2.42 29.97 9.99
CA PRO B 135 1.26 30.84 9.82
C PRO B 135 -0.08 30.23 10.22
N LEU B 136 -0.26 28.90 10.15
CA LEU B 136 -1.58 28.32 10.45
C LEU B 136 -1.82 28.46 11.95
N ALA B 137 -0.78 28.52 12.78
CA ALA B 137 -0.86 28.60 14.26
C ALA B 137 -1.42 29.96 14.67
N ALA B 138 -1.19 31.00 13.85
CA ALA B 138 -1.69 32.36 14.10
C ALA B 138 -3.15 32.47 13.65
N LEU B 139 -3.51 31.72 12.63
CA LEU B 139 -4.86 31.78 12.06
C LEU B 139 -5.80 30.96 12.94
N TYR B 140 -5.33 29.85 13.48
CA TYR B 140 -6.11 28.88 14.27
C TYR B 140 -5.36 28.55 15.55
N SER B 141 -5.71 29.24 16.63
CA SER B 141 -4.96 29.22 17.91
C SER B 141 -5.10 27.84 18.54
N THR B 142 -6.26 27.20 18.42
CA THR B 142 -6.43 25.79 18.88
C THR B 142 -6.95 24.91 17.74
N SER B 143 -6.81 23.62 17.94
CA SER B 143 -7.21 22.62 16.93
C SER B 143 -6.73 23.11 15.56
N THR B 144 -5.47 23.56 15.51
CA THR B 144 -4.86 24.29 14.38
C THR B 144 -5.03 23.48 13.08
N MET B 145 -4.51 22.26 12.99
CA MET B 145 -4.59 21.52 11.69
C MET B 145 -6.06 21.19 11.39
N GLU B 146 -6.84 20.84 12.43
CA GLU B 146 -8.25 20.42 12.22
C GLU B 146 -9.05 21.60 11.65
N GLN B 147 -8.81 22.84 12.06
CA GLN B 147 -9.55 24.00 11.51
C GLN B 147 -9.13 24.11 10.04
N HIS B 148 -7.86 23.79 9.78
CA HIS B 148 -7.30 23.89 8.41
C HIS B 148 -7.97 22.84 7.53
N HIS B 149 -8.11 21.62 8.06
CA HIS B 149 -8.67 20.49 7.30
C HIS B 149 -10.09 20.85 6.84
N PHE B 150 -10.84 21.50 7.72
CA PHE B 150 -12.25 21.82 7.46
C PHE B 150 -12.33 22.94 6.41
N SER B 151 -11.38 23.86 6.51
CA SER B 151 -11.22 25.00 5.59
C SER B 151 -10.87 24.52 4.18
N GLN B 152 -10.00 23.53 4.07
CA GLN B 152 -9.64 22.92 2.76
C GLN B 152 -10.87 22.20 2.20
N THR B 153 -11.67 21.65 3.10
CA THR B 153 -12.85 20.85 2.73
C THR B 153 -13.82 21.81 2.04
N VAL B 154 -14.07 22.95 2.66
CA VAL B 154 -15.02 23.95 2.10
C VAL B 154 -14.47 24.47 0.76
N SER B 155 -13.17 24.74 0.67
CA SER B 155 -12.51 25.25 -0.56
C SER B 155 -12.77 24.27 -1.70
N ILE B 156 -12.61 22.98 -1.47
CA ILE B 156 -12.84 21.95 -2.53
C ILE B 156 -14.34 21.90 -2.91
N LEU B 157 -15.26 21.98 -1.94
CA LEU B 157 -16.73 21.90 -2.19
C LEU B 157 -17.18 23.08 -3.08
N GLN B 158 -16.39 24.15 -3.13
CA GLN B 158 -16.74 25.38 -3.85
C GLN B 158 -16.07 25.46 -5.23
N LEU B 159 -15.17 24.54 -5.56
CA LEU B 159 -14.60 24.35 -6.93
C LEU B 159 -15.75 24.14 -7.91
N GLU B 160 -15.61 24.60 -9.17
CA GLU B 160 -16.69 24.49 -10.17
C GLU B 160 -16.89 23.00 -10.42
N GLY B 161 -18.13 22.54 -10.36
CA GLY B 161 -18.53 21.15 -10.57
C GLY B 161 -18.24 20.26 -9.36
N HIS B 162 -17.95 20.82 -8.19
CA HIS B 162 -17.46 20.01 -7.03
C HIS B 162 -18.47 19.96 -5.89
N ASN B 163 -19.62 20.63 -6.03
CA ASN B 163 -20.59 20.74 -4.91
C ASN B 163 -21.52 19.53 -4.91
N ILE B 164 -21.05 18.48 -4.25
CA ILE B 164 -21.74 17.15 -4.14
C ILE B 164 -23.07 17.29 -3.40
N PHE B 165 -23.26 18.36 -2.64
CA PHE B 165 -24.46 18.64 -1.83
C PHE B 165 -25.38 19.62 -2.58
N SER B 166 -25.28 19.70 -3.91
CA SER B 166 -25.97 20.73 -4.77
C SER B 166 -27.47 20.77 -4.48
N THR B 167 -28.07 19.59 -4.36
CA THR B 167 -29.52 19.32 -4.28
C THR B 167 -30.11 19.85 -2.96
N LEU B 168 -29.35 19.80 -1.86
CA LEU B 168 -29.79 20.14 -0.48
C LEU B 168 -30.32 21.59 -0.44
N SER B 169 -31.30 21.87 0.45
CA SER B 169 -31.80 23.25 0.74
C SER B 169 -30.72 24.03 1.49
N SER B 170 -30.78 25.36 1.45
CA SER B 170 -29.92 26.27 2.26
C SER B 170 -29.67 25.67 3.64
N SER B 171 -30.76 25.13 4.22
CA SER B 171 -30.92 24.66 5.62
C SER B 171 -30.16 23.36 5.82
N GLU B 172 -30.53 22.34 5.04
CA GLU B 172 -29.84 21.05 5.04
C GLU B 172 -28.35 21.23 4.73
N TYR B 173 -27.99 22.01 3.68
CA TYR B 173 -26.58 22.32 3.32
C TYR B 173 -25.83 22.83 4.55
N GLU B 174 -26.36 23.82 5.25
CA GLU B 174 -25.70 24.44 6.44
C GLU B 174 -25.60 23.36 7.54
N GLN B 175 -26.62 22.52 7.62
CA GLN B 175 -26.74 21.40 8.59
C GLN B 175 -25.61 20.40 8.33
N VAL B 176 -25.44 19.93 7.08
CA VAL B 176 -24.43 18.88 6.75
C VAL B 176 -23.03 19.51 6.93
N LEU B 177 -22.82 20.78 6.61
CA LEU B 177 -21.49 21.42 6.75
C LEU B 177 -21.13 21.55 8.24
N GLU B 178 -22.12 21.68 9.15
CA GLU B 178 -21.88 21.68 10.62
C GLU B 178 -21.53 20.28 11.14
N ILE B 179 -22.26 19.26 10.72
CA ILE B 179 -21.85 17.85 11.01
C ILE B 179 -20.39 17.72 10.63
N ILE B 180 -20.07 18.08 9.38
CA ILE B 180 -18.70 17.85 8.85
C ILE B 180 -17.71 18.64 9.72
N ARG B 181 -18.02 19.89 10.03
CA ARG B 181 -17.09 20.73 10.80
C ARG B 181 -16.87 20.12 12.18
N LYS B 182 -17.93 19.82 12.91
CA LYS B 182 -17.81 19.26 14.30
C LYS B 182 -17.06 17.93 14.28
N ALA B 183 -17.29 17.14 13.23
CA ALA B 183 -16.68 15.80 13.11
C ALA B 183 -15.18 15.98 12.88
N ILE B 184 -14.82 16.92 12.03
CA ILE B 184 -13.37 17.16 11.70
C ILE B 184 -12.67 17.71 12.94
N ILE B 185 -13.31 18.67 13.60
CA ILE B 185 -12.73 19.24 14.86
C ILE B 185 -12.55 18.13 15.90
N ALA B 186 -13.45 17.15 15.96
CA ALA B 186 -13.39 16.10 17.00
C ALA B 186 -12.13 15.27 16.80
N THR B 187 -11.57 15.23 15.58
CA THR B 187 -10.38 14.40 15.29
C THR B 187 -9.17 15.01 15.98
N ASP B 188 -9.29 16.16 16.64
CA ASP B 188 -8.19 16.70 17.51
C ASP B 188 -8.16 15.87 18.81
N LEU B 189 -7.19 14.96 18.98
CA LEU B 189 -7.17 14.00 20.11
C LEU B 189 -7.17 14.77 21.44
N ALA B 190 -6.69 16.02 21.47
CA ALA B 190 -6.73 16.89 22.67
C ALA B 190 -8.17 16.99 23.18
N LEU B 191 -9.14 16.99 22.26
CA LEU B 191 -10.55 17.17 22.63
C LEU B 191 -11.16 15.84 23.00
N TYR B 192 -10.52 14.73 22.66
CA TYR B 192 -11.15 13.41 22.84
C TYR B 192 -11.32 13.14 24.34
N PHE B 193 -10.30 13.40 25.15
CA PHE B 193 -10.29 12.98 26.58
C PHE B 193 -11.57 13.47 27.29
N GLY B 194 -11.91 14.74 27.10
CA GLY B 194 -13.08 15.42 27.71
C GLY B 194 -14.41 14.99 27.09
N ASN B 195 -14.41 14.63 25.81
CA ASN B 195 -15.64 14.13 25.14
C ASN B 195 -15.94 12.73 25.68
N ARG B 196 -14.95 11.86 25.67
CA ARG B 196 -15.17 10.48 26.18
C ARG B 196 -15.61 10.48 27.65
N LYS B 197 -15.08 11.38 28.48
CA LYS B 197 -15.37 11.35 29.93
C LYS B 197 -16.83 11.78 30.13
N GLN B 198 -17.26 12.88 29.53
CA GLN B 198 -18.70 13.27 29.51
C GLN B 198 -19.60 12.15 28.97
N LEU B 199 -19.17 11.35 27.97
CA LEU B 199 -20.04 10.30 27.39
C LEU B 199 -20.10 9.12 28.33
N GLU B 200 -18.96 8.77 28.95
CA GLU B 200 -18.92 7.64 29.91
C GLU B 200 -19.89 7.97 31.05
N GLU B 201 -19.88 9.22 31.47
CA GLU B 201 -20.67 9.68 32.64
C GLU B 201 -22.15 9.59 32.27
N MET B 202 -22.58 10.24 31.19
CA MET B 202 -23.98 10.19 30.68
C MET B 202 -24.41 8.74 30.48
N TYR B 203 -23.61 7.92 29.82
CA TYR B 203 -24.03 6.52 29.57
C TYR B 203 -24.30 5.81 30.90
N GLN B 204 -23.42 5.90 31.89
CA GLN B 204 -23.48 4.95 33.04
C GLN B 204 -24.50 5.38 34.11
N THR B 205 -24.99 6.60 34.04
CA THR B 205 -26.05 7.16 34.91
C THR B 205 -27.39 7.14 34.16
N GLY B 206 -27.36 6.73 32.89
CA GLY B 206 -28.54 6.53 32.06
C GLY B 206 -29.08 7.83 31.52
N SER B 207 -28.33 8.93 31.51
CA SER B 207 -28.82 10.25 31.02
C SER B 207 -28.54 10.46 29.52
N LEU B 208 -27.75 9.58 28.89
CA LEU B 208 -27.42 9.67 27.44
C LEU B 208 -28.70 9.59 26.61
N ASN B 209 -28.89 10.56 25.73
CA ASN B 209 -30.17 10.79 25.02
C ASN B 209 -29.87 11.21 23.58
N LEU B 210 -29.91 10.26 22.63
CA LEU B 210 -29.53 10.46 21.20
C LEU B 210 -30.55 11.33 20.46
N ASN B 211 -31.62 11.75 21.12
CA ASN B 211 -32.57 12.76 20.58
C ASN B 211 -32.10 14.16 20.97
N ASN B 212 -31.14 14.22 21.87
CA ASN B 212 -30.46 15.48 22.27
C ASN B 212 -29.29 15.74 21.28
N GLN B 213 -29.38 16.80 20.48
CA GLN B 213 -28.35 17.18 19.44
C GLN B 213 -26.98 17.29 20.08
N SER B 214 -26.91 17.83 21.29
CA SER B 214 -25.66 17.96 22.07
C SER B 214 -25.02 16.59 22.29
N HIS B 215 -25.83 15.60 22.66
CA HIS B 215 -25.37 14.23 22.94
C HIS B 215 -24.97 13.56 21.62
N ARG B 216 -25.69 13.85 20.54
CA ARG B 216 -25.42 13.23 19.20
C ARG B 216 -24.06 13.74 18.73
N ASP B 217 -23.84 15.05 18.80
CA ASP B 217 -22.53 15.69 18.51
C ASP B 217 -21.42 14.94 19.27
N ARG B 218 -21.59 14.62 20.54
CA ARG B 218 -20.49 13.99 21.29
C ARG B 218 -20.31 12.59 20.75
N VAL B 219 -21.41 11.88 20.53
CA VAL B 219 -21.29 10.45 20.13
C VAL B 219 -20.62 10.41 18.76
N ILE B 220 -20.99 11.32 17.86
CA ILE B 220 -20.37 11.44 16.52
C ILE B 220 -18.89 11.73 16.72
N GLY B 221 -18.58 12.63 17.64
CA GLY B 221 -17.18 12.95 17.96
C GLY B 221 -16.41 11.71 18.36
N LEU B 222 -17.02 10.83 19.17
CA LEU B 222 -16.32 9.62 19.68
C LEU B 222 -16.18 8.65 18.50
N MET B 223 -17.17 8.62 17.64
CA MET B 223 -17.09 7.78 16.43
C MET B 223 -15.90 8.21 15.59
N MET B 224 -15.70 9.51 15.45
CA MET B 224 -14.58 10.10 14.69
C MET B 224 -13.24 9.75 15.35
N THR B 225 -13.10 9.83 16.67
CA THR B 225 -11.86 9.34 17.31
C THR B 225 -11.67 7.84 16.98
N ALA B 226 -12.68 7.00 17.18
CA ALA B 226 -12.60 5.53 16.98
C ALA B 226 -12.10 5.22 15.57
N CYS B 227 -12.66 5.90 14.58
CA CYS B 227 -12.26 5.68 13.14
C CYS B 227 -10.82 6.18 12.95
N ASP B 228 -10.52 7.32 13.51
CA ASP B 228 -9.19 7.93 13.31
C ASP B 228 -8.09 7.03 13.89
N LEU B 229 -8.35 6.31 14.99
CA LEU B 229 -7.34 5.49 15.71
C LEU B 229 -7.45 4.03 15.26
N CYS B 230 -8.22 3.76 14.21
CA CYS B 230 -8.65 2.38 13.80
C CYS B 230 -7.42 1.56 13.46
N SER B 231 -6.23 2.16 13.34
CA SER B 231 -4.99 1.39 13.17
C SER B 231 -4.92 0.28 14.24
N VAL B 232 -5.30 0.61 15.49
CA VAL B 232 -5.12 -0.29 16.66
C VAL B 232 -6.19 -1.39 16.65
N THR B 233 -7.10 -1.39 15.68
CA THR B 233 -8.27 -2.31 15.64
C THR B 233 -8.17 -3.26 14.45
N LYS B 234 -7.01 -3.25 13.79
CA LYS B 234 -6.73 -4.18 12.69
C LYS B 234 -6.11 -5.42 13.31
N LEU B 235 -6.01 -6.48 12.50
CA LEU B 235 -5.27 -7.69 12.90
C LEU B 235 -3.81 -7.29 13.03
N TRP B 236 -3.13 -7.97 13.93
CA TRP B 236 -1.73 -7.72 14.37
C TRP B 236 -0.80 -7.36 13.20
N PRO B 237 -0.69 -8.14 12.12
CA PRO B 237 0.31 -7.83 11.09
C PRO B 237 0.14 -6.42 10.50
N VAL B 238 -1.10 -6.01 10.27
CA VAL B 238 -1.49 -4.66 9.78
C VAL B 238 -1.12 -3.62 10.84
N THR B 239 -1.62 -3.83 12.06
CA THR B 239 -1.38 -2.95 13.22
C THR B 239 0.13 -2.68 13.34
N LYS B 240 0.97 -3.71 13.20
CA LYS B 240 2.46 -3.60 13.44
C LYS B 240 3.12 -2.78 12.31
N LEU B 241 2.71 -3.02 11.06
CA LEU B 241 3.25 -2.30 9.87
C LEU B 241 2.74 -0.85 9.84
N THR B 242 1.50 -0.60 10.25
CA THR B 242 0.99 0.76 10.32
C THR B 242 1.76 1.56 11.38
N ALA B 243 2.15 0.92 12.49
CA ALA B 243 2.89 1.57 13.61
C ALA B 243 4.21 2.11 13.09
N ASN B 244 4.83 1.39 12.17
CA ASN B 244 6.06 1.83 11.47
C ASN B 244 5.87 3.18 10.79
N ASP B 245 4.71 3.36 10.13
CA ASP B 245 4.41 4.57 9.32
C ASP B 245 4.15 5.72 10.28
N ILE B 246 3.30 5.46 11.27
CA ILE B 246 3.03 6.42 12.35
C ILE B 246 4.37 6.94 12.93
N TYR B 247 5.29 6.08 13.32
CA TYR B 247 6.57 6.51 13.93
C TYR B 247 7.48 7.19 12.91
N ALA B 248 7.48 6.78 11.64
CA ALA B 248 8.25 7.50 10.59
C ALA B 248 7.90 8.98 10.67
N GLU B 249 6.62 9.31 10.84
CA GLU B 249 6.18 10.72 11.00
C GLU B 249 6.71 11.28 12.33
N PHE B 250 6.39 10.61 13.43
CA PHE B 250 6.69 11.13 14.77
C PHE B 250 8.16 11.45 14.84
N TRP B 251 9.00 10.53 14.36
CA TRP B 251 10.48 10.65 14.41
C TRP B 251 10.96 11.87 13.62
N ALA B 252 10.37 12.13 12.44
CA ALA B 252 10.71 13.30 11.60
C ALA B 252 10.29 14.58 12.33
N GLU B 253 9.16 14.56 13.01
CA GLU B 253 8.76 15.73 13.85
C GLU B 253 9.76 15.90 14.98
N GLY B 254 10.11 14.81 15.67
CA GLY B 254 11.16 14.80 16.74
C GLY B 254 12.47 15.41 16.24
N ASP B 255 12.88 15.03 15.03
CA ASP B 255 14.08 15.62 14.41
C ASP B 255 13.86 17.13 14.24
N GLU B 256 12.66 17.55 13.84
CA GLU B 256 12.44 19.01 13.59
C GLU B 256 12.36 19.79 14.91
N MET B 257 11.84 19.19 15.98
CA MET B 257 11.89 19.79 17.34
C MET B 257 13.35 20.01 17.78
N LYS B 258 14.19 18.99 17.63
CA LYS B 258 15.65 19.08 17.92
C LYS B 258 16.19 20.27 17.12
N LYS B 259 15.85 20.42 15.84
CA LYS B 259 16.37 21.55 15.01
C LYS B 259 15.91 22.92 15.57
N LEU B 260 14.77 22.98 16.26
CA LEU B 260 14.32 24.24 16.94
C LEU B 260 15.06 24.40 18.26
N GLY B 261 15.84 23.41 18.66
CA GLY B 261 16.60 23.43 19.93
C GLY B 261 15.74 22.93 21.07
N ILE B 262 14.80 22.02 20.79
CA ILE B 262 13.80 21.55 21.77
C ILE B 262 13.91 20.04 21.86
N GLN B 263 14.03 19.51 23.08
CA GLN B 263 14.11 18.05 23.24
C GLN B 263 12.70 17.52 23.00
N PRO B 264 12.46 16.66 22.00
CA PRO B 264 11.09 16.22 21.75
C PRO B 264 10.68 15.26 22.88
N ILE B 265 9.37 15.02 23.04
CA ILE B 265 8.89 13.93 23.93
C ILE B 265 9.42 12.62 23.36
N PRO B 266 9.61 11.61 24.22
CA PRO B 266 10.28 10.35 23.83
C PRO B 266 9.67 9.63 22.60
N MET B 267 8.34 9.54 22.61
CA MET B 267 7.48 9.03 21.51
C MET B 267 8.02 9.51 20.16
N MET B 268 8.57 10.73 20.06
CA MET B 268 8.96 11.36 18.77
C MET B 268 10.47 11.30 18.52
N ASP B 269 11.20 10.74 19.46
CA ASP B 269 12.68 10.75 19.48
C ASP B 269 13.15 9.40 18.96
N ARG B 270 13.66 9.37 17.71
CA ARG B 270 14.12 8.11 17.08
C ARG B 270 15.27 7.49 17.88
N ASP B 271 15.99 8.25 18.72
CA ASP B 271 17.02 7.65 19.60
C ASP B 271 16.35 6.82 20.71
N LYS B 272 15.04 6.90 20.90
CA LYS B 272 14.34 6.18 22.00
C LYS B 272 13.41 5.13 21.44
N LYS B 273 13.84 4.50 20.34
CA LYS B 273 13.08 3.47 19.61
C LYS B 273 12.80 2.24 20.47
N ASP B 274 13.70 1.95 21.41
CA ASP B 274 13.62 0.82 22.37
C ASP B 274 12.51 1.09 23.39
N GLU B 275 12.04 2.33 23.52
CA GLU B 275 10.91 2.69 24.43
C GLU B 275 9.55 2.54 23.75
N VAL B 276 9.50 2.01 22.52
CA VAL B 276 8.25 2.02 21.70
C VAL B 276 7.21 1.07 22.28
N PRO B 277 7.55 -0.22 22.57
CA PRO B 277 6.55 -1.18 23.04
C PRO B 277 5.83 -0.70 24.30
N GLN B 278 6.58 -0.11 25.25
CA GLN B 278 6.04 0.47 26.50
C GLN B 278 5.17 1.68 26.16
N GLY B 279 5.65 2.50 25.22
CA GLY B 279 4.89 3.62 24.62
C GLY B 279 3.56 3.15 24.04
N GLN B 280 3.53 2.06 23.28
CA GLN B 280 2.27 1.56 22.68
C GLN B 280 1.33 1.16 23.83
N LEU B 281 1.87 0.41 24.81
CA LEU B 281 1.13 -0.04 26.01
C LEU B 281 0.44 1.18 26.64
N GLY B 282 1.18 2.27 26.82
CA GLY B 282 0.64 3.45 27.51
C GLY B 282 -0.50 4.05 26.69
N PHE B 283 -0.33 4.14 25.38
CA PHE B 283 -1.40 4.63 24.46
C PHE B 283 -2.66 3.74 24.52
N TYR B 284 -2.51 2.43 24.42
CA TYR B 284 -3.68 1.51 24.52
C TYR B 284 -4.43 1.67 25.84
N ASN B 285 -3.70 1.75 26.96
CA ASN B 285 -4.33 1.82 28.31
C ASN B 285 -4.99 3.19 28.56
N ALA B 286 -4.37 4.28 28.10
CA ALA B 286 -4.81 5.67 28.34
C ALA B 286 -5.85 6.13 27.31
N VAL B 287 -5.74 5.66 26.07
CA VAL B 287 -6.49 6.30 24.95
C VAL B 287 -7.32 5.24 24.21
N ALA B 288 -6.68 4.29 23.54
CA ALA B 288 -7.38 3.31 22.67
C ALA B 288 -8.45 2.54 23.47
N ILE B 289 -8.08 1.81 24.53
CA ILE B 289 -9.03 0.86 25.18
C ILE B 289 -10.22 1.61 25.76
N PRO B 290 -10.04 2.77 26.44
CA PRO B 290 -11.17 3.53 26.93
C PRO B 290 -12.11 4.01 25.82
N CYS B 291 -11.50 4.42 24.71
CA CYS B 291 -12.21 4.93 23.52
C CYS B 291 -13.19 3.86 23.00
N TYR B 292 -12.68 2.67 22.74
CA TYR B 292 -13.43 1.55 22.14
C TYR B 292 -14.32 0.90 23.21
N THR B 293 -13.95 1.02 24.50
CA THR B 293 -14.83 0.52 25.58
C THR B 293 -16.11 1.35 25.55
N THR B 294 -15.98 2.67 25.61
CA THR B 294 -17.09 3.64 25.69
C THR B 294 -17.92 3.55 24.40
N LEU B 295 -17.28 3.42 23.24
CA LEU B 295 -18.02 3.31 21.94
C LEU B 295 -18.87 2.02 21.93
N THR B 296 -18.36 0.93 22.51
CA THR B 296 -19.05 -0.41 22.49
C THR B 296 -20.24 -0.37 23.45
N GLN B 297 -20.13 0.37 24.53
CA GLN B 297 -21.25 0.58 25.48
C GLN B 297 -22.35 1.37 24.77
N ILE B 298 -21.97 2.38 23.98
CA ILE B 298 -23.02 3.22 23.37
C ILE B 298 -23.58 2.55 22.11
N LEU B 299 -22.72 1.91 21.32
CA LEU B 299 -23.09 1.29 20.02
C LEU B 299 -22.54 -0.12 20.09
N PRO B 300 -23.25 -1.02 20.80
CA PRO B 300 -22.81 -2.41 20.98
C PRO B 300 -22.31 -3.21 19.78
N PRO B 301 -22.87 -3.00 18.58
CA PRO B 301 -22.34 -3.65 17.39
C PRO B 301 -20.89 -3.29 17.02
N THR B 302 -20.32 -2.21 17.61
CA THR B 302 -18.91 -1.77 17.38
C THR B 302 -17.89 -2.64 18.13
N GLU B 303 -18.38 -3.54 18.98
CA GLU B 303 -17.66 -4.56 19.79
C GLU B 303 -16.40 -5.10 19.12
N PRO B 304 -16.44 -5.53 17.82
CA PRO B 304 -15.25 -6.08 17.16
C PRO B 304 -14.09 -5.08 17.16
N LEU B 305 -14.38 -3.78 17.23
CA LEU B 305 -13.27 -2.78 17.37
C LEU B 305 -12.54 -2.99 18.69
N LEU B 306 -13.30 -3.07 19.79
CA LEU B 306 -12.75 -3.24 21.14
C LEU B 306 -12.00 -4.58 21.18
N LYS B 307 -12.64 -5.65 20.73
CA LYS B 307 -12.02 -7.00 20.74
C LYS B 307 -10.65 -6.91 20.04
N ALA B 308 -10.59 -6.37 18.83
CA ALA B 308 -9.33 -6.31 18.06
C ALA B 308 -8.29 -5.46 18.80
N CYS B 309 -8.75 -4.41 19.49
CA CYS B 309 -7.88 -3.49 20.28
C CYS B 309 -7.28 -4.22 21.48
N ARG B 310 -8.08 -5.03 22.18
CA ARG B 310 -7.58 -5.88 23.31
CA ARG B 310 -7.63 -5.92 23.29
C ARG B 310 -6.58 -6.91 22.75
N ASP B 311 -6.87 -7.53 21.60
CA ASP B 311 -5.90 -8.46 20.99
C ASP B 311 -4.57 -7.72 20.77
N ASN B 312 -4.63 -6.50 20.25
CA ASN B 312 -3.37 -5.79 19.88
C ASN B 312 -2.61 -5.35 21.14
N LEU B 313 -3.31 -4.90 22.17
CA LEU B 313 -2.69 -4.62 23.49
C LEU B 313 -1.87 -5.83 23.96
N SER B 314 -2.44 -7.01 23.77
CA SER B 314 -1.85 -8.29 24.22
C SER B 314 -0.58 -8.59 23.43
N GLN B 315 -0.63 -8.34 22.13
CA GLN B 315 0.52 -8.57 21.24
C GLN B 315 1.64 -7.64 21.68
N TRP B 316 1.32 -6.42 22.09
CA TRP B 316 2.33 -5.43 22.57
C TRP B 316 2.92 -5.92 23.89
N GLU B 317 2.09 -6.48 24.78
CA GLU B 317 2.56 -7.04 26.07
C GLU B 317 3.58 -8.15 25.76
N LYS B 318 3.25 -9.01 24.81
CA LYS B 318 4.16 -10.09 24.30
C LYS B 318 5.48 -9.46 23.88
N VAL B 319 5.42 -8.38 23.13
CA VAL B 319 6.62 -7.71 22.58
C VAL B 319 7.48 -7.20 23.75
N ILE B 320 6.88 -6.62 24.78
CA ILE B 320 7.62 -6.08 25.95
C ILE B 320 8.34 -7.20 26.71
N ARG B 321 7.89 -8.45 26.61
CA ARG B 321 8.51 -9.60 27.31
C ARG B 321 9.52 -10.31 26.41
N GLY B 322 9.22 -10.43 25.11
CA GLY B 322 10.12 -11.09 24.13
C GLY B 322 9.47 -12.33 23.51
N GLU B 323 8.31 -12.76 24.01
CA GLU B 323 7.46 -13.80 23.36
C GLU B 323 7.19 -13.42 21.89
N GLU B 324 7.24 -12.14 21.54
CA GLU B 324 7.14 -11.70 20.12
C GLU B 324 8.19 -10.63 19.81
N THR B 325 8.54 -10.53 18.52
CA THR B 325 9.53 -9.60 17.93
C THR B 325 8.81 -8.40 17.32
N GLY C 12 16.61 9.33 -41.24
CA GLY C 12 17.85 8.59 -40.89
C GLY C 12 19.08 9.48 -40.87
N LEU C 13 18.92 10.78 -41.15
CA LEU C 13 20.01 11.78 -41.20
C LEU C 13 20.73 11.83 -39.84
N MET C 14 19.97 11.95 -38.75
CA MET C 14 20.47 12.11 -37.36
C MET C 14 20.76 10.76 -36.77
N GLN C 15 22.03 10.42 -36.61
CA GLN C 15 22.42 9.15 -35.96
C GLN C 15 22.92 9.43 -34.55
N PHE C 16 22.65 8.52 -33.63
CA PHE C 16 22.96 8.71 -32.20
C PHE C 16 24.40 8.26 -31.96
N THR C 17 25.14 8.95 -31.08
CA THR C 17 26.52 8.60 -30.64
C THR C 17 26.50 8.49 -29.12
N LEU C 18 27.43 7.70 -28.58
CA LEU C 18 27.61 7.55 -27.12
C LEU C 18 29.00 8.03 -26.73
N PRO C 19 29.15 8.69 -25.56
CA PRO C 19 30.49 8.94 -25.05
C PRO C 19 31.34 7.69 -25.27
N VAL C 20 32.61 7.87 -25.58
CA VAL C 20 33.56 6.79 -25.95
C VAL C 20 33.40 5.57 -25.01
N ARG C 21 33.40 5.76 -23.67
CA ARG C 21 33.30 4.61 -22.73
C ARG C 21 31.97 3.86 -22.90
N LEU C 22 30.85 4.55 -23.12
CA LEU C 22 29.55 3.86 -23.37
C LEU C 22 29.56 3.19 -24.74
N CYS C 23 30.17 3.81 -25.74
CA CYS C 23 30.16 3.26 -27.13
CA CYS C 23 30.25 3.29 -27.13
C CYS C 23 30.87 1.89 -27.10
N LYS C 24 31.89 1.77 -26.29
CA LYS C 24 32.76 0.60 -26.17
C LYS C 24 32.12 -0.46 -25.26
N GLU C 25 31.78 -0.08 -24.02
CA GLU C 25 31.20 -0.93 -22.96
C GLU C 25 29.83 -1.47 -23.39
N ILE C 26 29.05 -0.69 -24.15
CA ILE C 26 27.63 -1.08 -24.45
C ILE C 26 27.58 -2.43 -25.21
N GLU C 27 28.65 -2.80 -25.92
CA GLU C 27 28.67 -4.04 -26.73
C GLU C 27 28.80 -5.25 -25.81
N LEU C 28 29.16 -5.01 -24.54
CA LEU C 28 29.40 -6.11 -23.57
C LEU C 28 28.11 -6.49 -22.86
N PHE C 29 27.99 -7.79 -22.66
CA PHE C 29 26.80 -8.41 -22.07
C PHE C 29 26.62 -7.85 -20.65
N HIS C 30 27.72 -7.53 -19.94
CA HIS C 30 27.67 -7.10 -18.52
C HIS C 30 27.56 -5.57 -18.40
N PHE C 31 27.41 -4.83 -19.48
CA PHE C 31 27.20 -3.35 -19.44
C PHE C 31 26.12 -2.97 -18.41
N ASP C 32 26.38 -1.92 -17.65
CA ASP C 32 25.37 -1.29 -16.76
C ASP C 32 24.98 0.07 -17.38
N ILE C 33 23.70 0.42 -17.47
CA ILE C 33 23.24 1.61 -18.24
C ILE C 33 23.50 2.88 -17.42
N GLY C 34 23.77 2.74 -16.11
CA GLY C 34 24.24 3.88 -15.32
C GLY C 34 23.07 4.59 -14.68
N PRO C 35 23.33 5.58 -13.80
CA PRO C 35 22.30 6.18 -12.97
C PRO C 35 21.67 7.45 -13.56
N PHE C 36 22.07 7.85 -14.76
CA PHE C 36 21.58 9.07 -15.43
C PHE C 36 20.38 8.75 -16.30
N GLU C 37 19.19 8.88 -15.72
CA GLU C 37 17.88 8.57 -16.34
C GLU C 37 17.75 9.18 -17.73
N ASN C 38 18.18 10.42 -17.91
CA ASN C 38 17.86 11.20 -19.13
C ASN C 38 18.68 10.71 -20.30
N MET C 39 19.67 9.87 -20.03
CA MET C 39 20.52 9.21 -21.07
C MET C 39 19.90 7.89 -21.52
N TRP C 40 18.97 7.32 -20.77
CA TRP C 40 18.44 5.97 -21.10
C TRP C 40 17.72 5.98 -22.45
N PRO C 41 16.79 6.94 -22.74
CA PRO C 41 16.09 6.95 -24.02
C PRO C 41 17.07 6.94 -25.19
N GLY C 42 18.10 7.79 -25.11
CA GLY C 42 19.13 7.94 -26.15
C GLY C 42 19.94 6.67 -26.36
N ILE C 43 20.22 5.97 -25.26
CA ILE C 43 20.95 4.68 -25.29
C ILE C 43 20.09 3.62 -26.01
N PHE C 44 18.79 3.59 -25.71
CA PHE C 44 17.83 2.72 -26.40
C PHE C 44 17.82 3.03 -27.90
N VAL C 45 17.79 4.31 -28.24
CA VAL C 45 17.70 4.63 -29.69
C VAL C 45 18.98 4.17 -30.37
N TYR C 46 20.12 4.40 -29.76
CA TYR C 46 21.42 3.97 -30.30
C TYR C 46 21.37 2.46 -30.60
N MET C 47 20.87 1.70 -29.64
CA MET C 47 20.78 0.23 -29.75
C MET C 47 19.82 -0.13 -30.87
N VAL C 48 18.68 0.56 -31.01
CA VAL C 48 17.72 0.34 -32.14
C VAL C 48 18.35 0.69 -33.49
N HIS C 49 19.09 1.80 -33.59
CA HIS C 49 19.82 2.16 -34.83
C HIS C 49 20.82 1.05 -35.22
N ARG C 50 21.61 0.58 -34.28
CA ARG C 50 22.68 -0.39 -34.61
C ARG C 50 22.10 -1.78 -34.87
N SER C 51 20.95 -2.07 -34.27
CA SER C 51 20.38 -3.43 -34.09
C SER C 51 19.49 -3.75 -35.29
N CYS C 52 18.74 -2.76 -35.68
CA CYS C 52 17.59 -2.87 -36.60
C CYS C 52 17.97 -2.09 -37.86
N GLY C 53 18.37 -0.84 -37.66
CA GLY C 53 18.83 0.12 -38.68
C GLY C 53 18.21 1.48 -38.43
N THR C 54 18.81 2.56 -38.96
CA THR C 54 18.37 3.95 -38.70
C THR C 54 17.00 4.16 -39.36
N SER C 55 16.59 3.22 -40.19
CA SER C 55 15.38 3.30 -41.03
C SER C 55 14.16 2.68 -40.31
N CYS C 56 14.28 1.56 -39.57
CA CYS C 56 13.10 0.73 -39.21
C CYS C 56 12.06 1.57 -38.48
N PHE C 57 12.43 2.70 -37.86
CA PHE C 57 11.47 3.60 -37.20
C PHE C 57 11.77 5.05 -37.53
N GLU C 58 10.70 5.82 -37.71
CA GLU C 58 10.71 7.29 -37.84
C GLU C 58 11.12 7.82 -36.45
N LEU C 59 12.27 8.49 -36.38
CA LEU C 59 12.85 8.98 -35.10
C LEU C 59 11.79 9.67 -34.25
N GLU C 60 11.06 10.64 -34.80
CA GLU C 60 10.04 11.41 -34.03
C GLU C 60 9.03 10.47 -33.38
N LYS C 61 8.56 9.46 -34.13
CA LYS C 61 7.49 8.54 -33.64
C LYS C 61 8.09 7.66 -32.56
N LEU C 62 9.32 7.18 -32.82
CA LEU C 62 10.11 6.40 -31.84
C LEU C 62 10.17 7.20 -30.53
N CME C 63 10.58 8.46 -30.60
CA CME C 63 10.87 9.25 -29.38
CB CME C 63 11.63 10.53 -29.64
SG CME C 63 13.38 10.18 -29.94
SD CME C 63 14.00 9.97 -27.98
CE CME C 63 15.50 10.98 -27.80
CZ CME C 63 15.55 11.48 -26.38
OH CME C 63 16.75 12.14 -26.09
C CME C 63 9.59 9.42 -28.58
O CME C 63 9.66 9.35 -27.35
N ARG C 64 8.45 9.64 -29.22
CA ARG C 64 7.25 9.86 -28.40
C ARG C 64 6.72 8.51 -27.91
N PHE C 65 6.95 7.42 -28.65
CA PHE C 65 6.64 6.05 -28.20
C PHE C 65 7.34 5.81 -26.85
N ILE C 66 8.67 6.00 -26.89
CA ILE C 66 9.63 5.80 -25.77
C ILE C 66 9.22 6.64 -24.58
N MET C 67 8.94 7.93 -24.79
CA MET C 67 8.57 8.83 -23.67
C MET C 67 7.19 8.45 -23.10
N SER C 68 6.26 7.94 -23.91
CA SER C 68 4.95 7.41 -23.40
C SER C 68 5.13 6.13 -22.57
N VAL C 69 5.97 5.22 -23.05
CA VAL C 69 6.24 3.94 -22.35
C VAL C 69 6.86 4.26 -20.99
N LYS C 70 7.91 5.07 -20.95
CA LYS C 70 8.56 5.52 -19.68
C LYS C 70 7.53 6.05 -18.67
N LYS C 71 6.67 6.96 -19.13
CA LYS C 71 5.59 7.58 -18.31
C LYS C 71 4.72 6.49 -17.68
N ASN C 72 4.70 5.28 -18.26
CA ASN C 72 3.73 4.22 -17.83
C ASN C 72 4.44 3.14 -17.03
N TYR C 73 5.73 3.34 -16.74
CA TYR C 73 6.42 2.63 -15.66
C TYR C 73 6.22 3.45 -14.39
N ARG C 74 5.98 2.75 -13.30
CA ARG C 74 5.87 3.35 -11.98
C ARG C 74 7.24 3.39 -11.31
N ARG C 75 7.29 4.13 -10.21
CA ARG C 75 8.48 4.37 -9.38
C ARG C 75 8.42 3.36 -8.22
N VAL C 76 8.54 2.11 -8.58
CA VAL C 76 8.76 0.96 -7.68
C VAL C 76 10.27 0.71 -7.68
N PRO C 77 10.79 -0.07 -6.72
CA PRO C 77 12.23 -0.23 -6.57
C PRO C 77 13.01 -0.99 -7.67
N TYR C 78 12.34 -1.83 -8.45
CA TYR C 78 13.01 -2.79 -9.35
C TYR C 78 12.32 -2.81 -10.70
N HIS C 79 11.03 -3.14 -10.71
CA HIS C 79 10.20 -3.20 -11.96
C HIS C 79 9.92 -1.80 -12.49
N ASN C 80 10.99 -1.05 -12.71
CA ASN C 80 10.91 0.37 -13.15
C ASN C 80 11.50 0.52 -14.56
N TRP C 81 11.50 1.74 -15.03
CA TRP C 81 12.03 2.19 -16.33
C TRP C 81 13.45 1.66 -16.56
N LYS C 82 14.27 1.74 -15.54
CA LYS C 82 15.69 1.29 -15.58
C LYS C 82 15.77 -0.21 -15.89
N HIS C 83 14.92 -1.03 -15.28
CA HIS C 83 14.81 -2.47 -15.62
C HIS C 83 14.50 -2.66 -17.11
N ALA C 84 13.53 -1.92 -17.62
CA ALA C 84 13.07 -1.99 -19.02
C ALA C 84 14.24 -1.76 -19.97
N VAL C 85 14.99 -0.68 -19.75
CA VAL C 85 16.13 -0.37 -20.67
C VAL C 85 17.23 -1.40 -20.48
N THR C 86 17.38 -1.93 -19.26
CA THR C 86 18.47 -2.89 -18.94
C THR C 86 18.19 -4.22 -19.67
N VAL C 87 16.94 -4.64 -19.63
CA VAL C 87 16.47 -5.85 -20.34
C VAL C 87 16.64 -5.65 -21.85
N ALA C 88 16.22 -4.50 -22.36
CA ALA C 88 16.42 -4.19 -23.79
C ALA C 88 17.92 -4.31 -24.08
N HIS C 89 18.79 -3.84 -23.19
CA HIS C 89 20.25 -3.79 -23.47
C HIS C 89 20.75 -5.23 -23.61
N CYS C 90 20.21 -6.14 -22.84
CA CYS C 90 20.64 -7.55 -22.92
C CYS C 90 20.22 -8.10 -24.29
N MET C 91 19.00 -7.79 -24.73
CA MET C 91 18.47 -8.24 -26.03
C MET C 91 19.44 -7.72 -27.10
N TYR C 92 19.81 -6.43 -26.98
CA TYR C 92 20.73 -5.76 -27.93
C TYR C 92 21.96 -6.66 -28.14
N ALA C 93 22.60 -7.03 -27.04
CA ALA C 93 23.88 -7.76 -27.09
C ALA C 93 23.64 -9.17 -27.67
N ILE C 94 22.53 -9.83 -27.36
CA ILE C 94 22.22 -11.17 -27.94
C ILE C 94 22.09 -11.03 -29.46
N LEU C 95 21.32 -10.04 -29.94
CA LEU C 95 21.04 -9.80 -31.39
C LEU C 95 22.36 -9.45 -32.11
N GLN C 96 23.17 -8.56 -31.55
CA GLN C 96 24.43 -8.11 -32.19
C GLN C 96 25.40 -9.30 -32.26
N ASN C 97 25.32 -10.24 -31.33
CA ASN C 97 26.29 -11.37 -31.29
C ASN C 97 25.75 -12.56 -32.07
N ASN C 98 24.57 -12.46 -32.67
CA ASN C 98 23.87 -13.59 -33.33
C ASN C 98 23.13 -13.03 -34.54
N HIS C 99 23.76 -12.14 -35.29
CA HIS C 99 23.04 -11.16 -36.14
C HIS C 99 22.49 -11.84 -37.40
N THR C 100 23.01 -13.02 -37.75
CA THR C 100 22.59 -13.71 -38.98
C THR C 100 21.31 -14.50 -38.70
N LEU C 101 20.92 -14.69 -37.44
CA LEU C 101 19.80 -15.60 -37.04
C LEU C 101 18.43 -14.92 -37.14
N PHE C 102 18.27 -13.61 -37.05
CA PHE C 102 16.94 -13.01 -36.83
C PHE C 102 16.49 -12.20 -38.03
N THR C 103 15.18 -12.17 -38.23
CA THR C 103 14.47 -11.44 -39.31
C THR C 103 14.44 -9.94 -39.00
N ASP C 104 13.94 -9.15 -39.94
CA ASP C 104 13.79 -7.69 -39.78
C ASP C 104 12.70 -7.45 -38.71
N LEU C 105 11.55 -8.08 -38.91
CA LEU C 105 10.37 -7.99 -38.02
C LEU C 105 10.77 -8.40 -36.60
N GLU C 106 11.63 -9.40 -36.44
CA GLU C 106 12.07 -9.91 -35.11
C GLU C 106 13.00 -8.87 -34.50
N ARG C 107 13.92 -8.33 -35.27
CA ARG C 107 14.85 -7.29 -34.75
C ARG C 107 14.04 -6.09 -34.24
N LYS C 108 13.10 -5.58 -35.07
CA LYS C 108 12.17 -4.48 -34.71
C LYS C 108 11.44 -4.79 -33.40
N GLY C 109 10.77 -5.94 -33.37
CA GLY C 109 9.78 -6.30 -32.33
C GLY C 109 10.43 -6.55 -30.99
N LEU C 110 11.63 -7.17 -30.96
CA LEU C 110 12.22 -7.72 -29.71
C LEU C 110 12.74 -6.58 -28.82
N LEU C 111 13.45 -5.59 -29.36
CA LEU C 111 13.89 -4.46 -28.51
C LEU C 111 12.67 -3.74 -27.93
N ILE C 112 11.67 -3.51 -28.78
CA ILE C 112 10.38 -2.88 -28.40
C ILE C 112 9.74 -3.76 -27.33
N ALA C 113 9.73 -5.08 -27.51
CA ALA C 113 9.04 -5.95 -26.53
C ALA C 113 9.71 -5.80 -25.16
N CYS C 114 11.05 -5.81 -25.13
CA CYS C 114 11.87 -5.75 -23.90
C CYS C 114 11.61 -4.42 -23.20
N LEU C 115 11.54 -3.35 -23.97
CA LEU C 115 11.27 -2.01 -23.41
C LEU C 115 9.88 -2.01 -22.77
N CYS C 116 8.94 -2.77 -23.34
CA CYS C 116 7.51 -2.71 -22.93
C CYS C 116 7.14 -3.78 -21.88
N HIS C 117 8.04 -4.70 -21.51
CA HIS C 117 7.61 -6.04 -21.02
C HIS C 117 7.07 -5.98 -19.60
N ASP C 118 7.36 -4.93 -18.84
CA ASP C 118 6.83 -4.77 -17.47
C ASP C 118 6.06 -3.44 -17.37
N LEU C 119 5.50 -2.96 -18.48
CA LEU C 119 4.65 -1.75 -18.48
C LEU C 119 3.63 -1.82 -17.37
N ASP C 120 3.63 -0.78 -16.53
CA ASP C 120 2.59 -0.51 -15.54
C ASP C 120 2.65 -1.53 -14.42
N HIS C 121 3.81 -2.20 -14.28
CA HIS C 121 4.07 -3.11 -13.15
C HIS C 121 3.83 -2.37 -11.83
N ARG C 122 3.24 -3.01 -10.85
CA ARG C 122 2.95 -2.32 -9.56
C ARG C 122 3.92 -2.77 -8.46
N GLY C 123 4.90 -3.63 -8.74
CA GLY C 123 5.81 -4.20 -7.73
C GLY C 123 5.27 -5.42 -7.01
N PHE C 124 4.15 -6.00 -7.50
CA PHE C 124 3.60 -7.26 -6.98
C PHE C 124 3.59 -8.34 -8.05
N SER C 125 3.79 -9.55 -7.58
CA SER C 125 3.73 -10.81 -8.37
C SER C 125 2.29 -11.14 -8.78
N ASN C 126 2.15 -11.96 -9.84
CA ASN C 126 0.88 -12.55 -10.28
C ASN C 126 0.19 -13.25 -9.10
N SER C 127 0.96 -13.94 -8.26
CA SER C 127 0.45 -14.65 -7.05
CA SER C 127 0.47 -14.65 -7.04
C SER C 127 -0.28 -13.67 -6.13
N TYR C 128 0.33 -12.50 -5.87
CA TYR C 128 -0.24 -11.49 -4.95
C TYR C 128 -1.49 -10.89 -5.60
N LEU C 129 -1.44 -10.56 -6.90
CA LEU C 129 -2.67 -10.08 -7.60
C LEU C 129 -3.78 -11.13 -7.41
N GLN C 130 -3.44 -12.40 -7.56
CA GLN C 130 -4.44 -13.48 -7.56
C GLN C 130 -4.99 -13.56 -6.14
N LYS C 131 -4.11 -13.54 -5.14
CA LYS C 131 -4.52 -13.65 -3.71
C LYS C 131 -5.31 -12.43 -3.23
N PHE C 132 -4.93 -11.25 -3.69
CA PHE C 132 -5.63 -9.99 -3.35
C PHE C 132 -7.02 -9.98 -3.98
N ASP C 133 -7.19 -10.73 -5.08
CA ASP C 133 -8.42 -10.72 -5.89
C ASP C 133 -8.48 -9.38 -6.62
N HIS C 134 -7.35 -8.95 -7.18
CA HIS C 134 -7.26 -7.72 -8.00
C HIS C 134 -8.06 -7.91 -9.27
N PRO C 135 -8.79 -6.88 -9.76
CA PRO C 135 -9.50 -6.95 -11.04
C PRO C 135 -8.70 -7.52 -12.22
N LEU C 136 -7.41 -7.24 -12.30
CA LEU C 136 -6.61 -7.73 -13.44
C LEU C 136 -6.59 -9.27 -13.45
N ALA C 137 -6.68 -9.92 -12.29
CA ALA C 137 -6.68 -11.40 -12.10
C ALA C 137 -8.00 -12.03 -12.56
N ALA C 138 -9.10 -11.27 -12.64
CA ALA C 138 -10.38 -11.69 -13.25
C ALA C 138 -10.22 -11.69 -14.77
N LEU C 139 -9.65 -10.59 -15.30
CA LEU C 139 -9.50 -10.33 -16.76
C LEU C 139 -8.53 -11.35 -17.37
N TYR C 140 -7.42 -11.58 -16.67
CA TYR C 140 -6.30 -12.46 -17.11
C TYR C 140 -6.08 -13.49 -16.01
N SER C 141 -6.71 -14.64 -16.15
CA SER C 141 -6.65 -15.72 -15.13
CA SER C 141 -6.65 -15.72 -15.13
C SER C 141 -5.21 -16.23 -14.98
N THR C 142 -4.41 -16.19 -16.06
CA THR C 142 -2.99 -16.66 -16.04
C THR C 142 -2.08 -15.62 -16.69
N SER C 143 -0.77 -15.68 -16.40
CA SER C 143 0.21 -14.65 -16.84
C SER C 143 -0.44 -13.27 -16.69
N THR C 144 -1.06 -13.01 -15.53
CA THR C 144 -1.94 -11.84 -15.27
C THR C 144 -1.24 -10.53 -15.70
N MET C 145 -0.11 -10.22 -15.06
CA MET C 145 0.61 -8.94 -15.29
C MET C 145 1.09 -8.90 -16.73
N GLU C 146 1.55 -10.05 -17.26
CA GLU C 146 2.14 -10.11 -18.61
C GLU C 146 1.08 -9.85 -19.67
N GLN C 147 -0.14 -10.34 -19.50
CA GLN C 147 -1.28 -9.94 -20.35
C GLN C 147 -1.52 -8.43 -20.23
N HIS C 148 -1.33 -7.82 -19.04
CA HIS C 148 -1.52 -6.36 -18.88
C HIS C 148 -0.43 -5.60 -19.69
N HIS C 149 0.81 -6.06 -19.56
CA HIS C 149 1.98 -5.39 -20.15
C HIS C 149 1.79 -5.34 -21.65
N PHE C 150 1.41 -6.46 -22.25
CA PHE C 150 1.08 -6.48 -23.69
C PHE C 150 -0.08 -5.50 -23.96
N SER C 151 -1.15 -5.59 -23.18
CA SER C 151 -2.35 -4.74 -23.40
C SER C 151 -1.96 -3.26 -23.35
N GLN C 152 -1.10 -2.88 -22.41
CA GLN C 152 -0.59 -1.48 -22.23
C GLN C 152 0.26 -1.10 -23.44
N THR C 153 1.04 -2.05 -23.94
CA THR C 153 1.86 -1.83 -25.16
C THR C 153 0.98 -1.41 -26.34
N VAL C 154 -0.10 -2.16 -26.59
CA VAL C 154 -1.06 -1.91 -27.72
C VAL C 154 -1.74 -0.54 -27.52
N SER C 155 -2.17 -0.21 -26.30
CA SER C 155 -2.77 1.11 -25.95
C SER C 155 -1.88 2.25 -26.41
N ILE C 156 -0.58 2.08 -26.15
CA ILE C 156 0.43 3.15 -26.40
C ILE C 156 0.63 3.26 -27.90
N LEU C 157 0.71 2.12 -28.57
CA LEU C 157 0.81 2.08 -30.04
C LEU C 157 -0.43 2.72 -30.70
N GLN C 158 -1.59 2.77 -30.01
CA GLN C 158 -2.85 3.31 -30.59
C GLN C 158 -3.05 4.78 -30.24
N LEU C 159 -2.11 5.35 -29.47
CA LEU C 159 -2.05 6.81 -29.22
C LEU C 159 -1.72 7.52 -30.54
N GLU C 160 -2.26 8.73 -30.71
CA GLU C 160 -2.00 9.54 -31.91
C GLU C 160 -0.51 9.89 -31.99
N GLY C 161 0.07 9.75 -33.17
CA GLY C 161 1.49 10.00 -33.45
C GLY C 161 2.40 8.88 -32.93
N HIS C 162 1.89 7.78 -32.36
CA HIS C 162 2.72 6.76 -31.63
C HIS C 162 2.83 5.43 -32.37
N ASN C 163 2.20 5.27 -33.55
CA ASN C 163 2.27 3.99 -34.29
C ASN C 163 3.60 3.94 -35.03
N ILE C 164 4.63 3.51 -34.30
CA ILE C 164 6.03 3.32 -34.79
C ILE C 164 6.08 2.23 -35.88
N PHE C 165 5.01 1.46 -36.08
CA PHE C 165 4.94 0.37 -37.09
C PHE C 165 4.12 0.82 -38.33
N SER C 166 3.84 2.12 -38.47
CA SER C 166 2.81 2.66 -39.38
C SER C 166 3.15 2.34 -40.84
N THR C 167 4.40 1.99 -41.15
CA THR C 167 4.85 1.71 -42.54
C THR C 167 4.69 0.21 -42.87
N LEU C 168 4.48 -0.65 -41.88
CA LEU C 168 4.31 -2.11 -42.11
C LEU C 168 2.97 -2.34 -42.81
N SER C 169 2.90 -3.36 -43.67
CA SER C 169 1.65 -3.94 -44.24
C SER C 169 0.79 -4.53 -43.11
N SER C 170 -0.53 -4.63 -43.29
CA SER C 170 -1.48 -5.24 -42.32
C SER C 170 -0.89 -6.57 -41.80
N SER C 171 -0.27 -7.29 -42.72
CA SER C 171 0.25 -8.66 -42.56
C SER C 171 1.42 -8.63 -41.58
N GLU C 172 2.42 -7.82 -41.94
CA GLU C 172 3.68 -7.60 -41.19
C GLU C 172 3.39 -7.04 -39.81
N TYR C 173 2.42 -6.14 -39.72
CA TYR C 173 2.04 -5.46 -38.48
C TYR C 173 1.44 -6.50 -37.53
N GLU C 174 0.54 -7.33 -38.06
CA GLU C 174 -0.07 -8.42 -37.26
C GLU C 174 1.04 -9.39 -36.76
N GLN C 175 2.09 -9.49 -37.54
CA GLN C 175 3.19 -10.44 -37.30
C GLN C 175 4.10 -9.90 -36.18
N VAL C 176 4.46 -8.63 -36.24
CA VAL C 176 5.38 -8.01 -35.26
C VAL C 176 4.65 -7.97 -33.91
N LEU C 177 3.36 -7.64 -33.90
CA LEU C 177 2.57 -7.55 -32.66
C LEU C 177 2.43 -8.96 -32.06
N GLU C 178 2.47 -9.97 -32.91
CA GLU C 178 2.41 -11.38 -32.45
C GLU C 178 3.76 -11.79 -31.84
N ILE C 179 4.87 -11.38 -32.47
CA ILE C 179 6.23 -11.55 -31.91
C ILE C 179 6.27 -10.87 -30.55
N ILE C 180 5.73 -9.66 -30.44
CA ILE C 180 5.79 -8.88 -29.17
C ILE C 180 4.93 -9.54 -28.08
N ARG C 181 3.68 -9.91 -28.40
CA ARG C 181 2.81 -10.64 -27.45
C ARG C 181 3.59 -11.85 -26.90
N LYS C 182 4.03 -12.73 -27.78
CA LYS C 182 4.64 -14.03 -27.36
C LYS C 182 5.83 -13.76 -26.43
N ALA C 183 6.61 -12.75 -26.75
CA ALA C 183 7.85 -12.38 -26.03
C ALA C 183 7.47 -11.89 -24.63
N ILE C 184 6.45 -11.04 -24.52
CA ILE C 184 6.10 -10.44 -23.20
C ILE C 184 5.48 -11.52 -22.33
N ILE C 185 4.65 -12.38 -22.91
CA ILE C 185 4.05 -13.52 -22.16
C ILE C 185 5.20 -14.44 -21.68
N ALA C 186 6.27 -14.59 -22.46
CA ALA C 186 7.41 -15.50 -22.16
C ALA C 186 8.10 -15.06 -20.86
N THR C 187 8.02 -13.77 -20.51
CA THR C 187 8.65 -13.20 -19.29
C THR C 187 7.83 -13.59 -18.06
N ASP C 188 6.73 -14.33 -18.21
CA ASP C 188 6.10 -15.01 -17.05
C ASP C 188 6.96 -16.20 -16.65
N LEU C 189 7.64 -16.09 -15.51
CA LEU C 189 8.66 -17.07 -15.16
C LEU C 189 7.98 -18.44 -14.99
N ALA C 190 6.69 -18.45 -14.63
CA ALA C 190 5.97 -19.72 -14.43
C ALA C 190 5.95 -20.51 -15.76
N LEU C 191 6.09 -19.83 -16.90
CA LEU C 191 6.10 -20.51 -18.22
C LEU C 191 7.51 -20.96 -18.57
N TYR C 192 8.53 -20.37 -17.94
CA TYR C 192 9.93 -20.56 -18.36
C TYR C 192 10.31 -22.05 -18.21
N PHE C 193 9.83 -22.71 -17.15
CA PHE C 193 10.32 -24.05 -16.75
C PHE C 193 9.99 -25.06 -17.85
N GLY C 194 8.72 -25.04 -18.25
CA GLY C 194 8.17 -25.83 -19.37
C GLY C 194 8.85 -25.51 -20.70
N ASN C 195 9.03 -24.21 -20.96
CA ASN C 195 9.68 -23.74 -22.20
C ASN C 195 11.12 -24.27 -22.28
N ARG C 196 11.87 -24.19 -21.19
CA ARG C 196 13.30 -24.51 -21.22
C ARG C 196 13.44 -26.03 -21.40
N LYS C 197 12.60 -26.77 -20.68
CA LYS C 197 12.56 -28.23 -20.67
C LYS C 197 12.28 -28.70 -22.09
N GLN C 198 11.27 -28.13 -22.75
CA GLN C 198 10.95 -28.46 -24.15
C GLN C 198 12.14 -28.10 -25.05
N LEU C 199 12.66 -26.89 -24.90
CA LEU C 199 13.76 -26.40 -25.76
C LEU C 199 14.96 -27.32 -25.65
N GLU C 200 15.29 -27.71 -24.42
CA GLU C 200 16.45 -28.57 -24.08
C GLU C 200 16.35 -29.94 -24.77
N GLU C 201 15.17 -30.56 -24.74
CA GLU C 201 14.89 -31.83 -25.46
C GLU C 201 15.11 -31.67 -26.97
N MET C 202 14.64 -30.57 -27.54
CA MET C 202 14.70 -30.31 -28.99
C MET C 202 16.17 -30.23 -29.40
N TYR C 203 16.94 -29.50 -28.60
CA TYR C 203 18.38 -29.26 -28.82
C TYR C 203 19.14 -30.58 -28.70
N GLN C 204 18.84 -31.37 -27.66
CA GLN C 204 19.62 -32.59 -27.35
C GLN C 204 19.30 -33.67 -28.41
N THR C 205 18.07 -33.72 -28.91
CA THR C 205 17.59 -34.72 -29.89
C THR C 205 17.92 -34.27 -31.30
N GLY C 206 18.41 -33.05 -31.51
CA GLY C 206 18.79 -32.53 -32.83
C GLY C 206 17.58 -32.06 -33.61
N SER C 207 16.38 -32.12 -33.02
CA SER C 207 15.10 -31.79 -33.69
C SER C 207 14.87 -30.26 -33.77
N LEU C 208 15.67 -29.45 -33.05
CA LEU C 208 15.54 -27.97 -33.04
C LEU C 208 15.69 -27.42 -34.47
N ASN C 209 14.73 -26.62 -34.94
CA ASN C 209 14.67 -26.20 -36.36
C ASN C 209 14.21 -24.75 -36.41
N LEU C 210 15.13 -23.84 -36.70
CA LEU C 210 14.86 -22.37 -36.71
C LEU C 210 13.97 -22.01 -37.89
N ASN C 211 13.75 -22.92 -38.84
CA ASN C 211 12.80 -22.68 -39.95
C ASN C 211 11.39 -22.96 -39.43
N ASN C 212 11.28 -23.56 -38.25
CA ASN C 212 9.97 -23.91 -37.64
C ASN C 212 9.58 -22.80 -36.66
N GLN C 213 8.44 -22.15 -36.92
CA GLN C 213 8.02 -20.88 -36.27
C GLN C 213 7.79 -21.12 -34.77
N SER C 214 7.18 -22.25 -34.42
CA SER C 214 6.90 -22.64 -33.03
C SER C 214 8.22 -22.89 -32.27
N HIS C 215 9.27 -23.39 -32.95
CA HIS C 215 10.64 -23.52 -32.41
C HIS C 215 11.27 -22.14 -32.24
N ARG C 216 11.18 -21.29 -33.24
CA ARG C 216 11.69 -19.90 -33.11
C ARG C 216 11.04 -19.22 -31.88
N ASP C 217 9.71 -19.39 -31.72
CA ASP C 217 8.91 -18.84 -30.60
C ASP C 217 9.52 -19.28 -29.27
N ARG C 218 9.92 -20.54 -29.19
CA ARG C 218 10.45 -21.11 -27.93
C ARG C 218 11.80 -20.48 -27.62
N VAL C 219 12.64 -20.38 -28.66
CA VAL C 219 13.99 -19.77 -28.52
C VAL C 219 13.85 -18.30 -28.08
N ILE C 220 12.96 -17.56 -28.73
CA ILE C 220 12.80 -16.10 -28.46
C ILE C 220 12.36 -16.00 -27.01
N GLY C 221 11.51 -16.93 -26.58
CA GLY C 221 10.94 -17.01 -25.23
C GLY C 221 12.05 -17.15 -24.22
N LEU C 222 13.03 -17.99 -24.54
CA LEU C 222 14.17 -18.24 -23.61
C LEU C 222 15.07 -16.99 -23.61
N MET C 223 15.36 -16.44 -24.78
CA MET C 223 16.03 -15.11 -24.91
C MET C 223 15.31 -14.07 -24.03
N MET C 224 13.98 -14.06 -23.93
CA MET C 224 13.30 -13.08 -23.05
C MET C 224 13.58 -13.40 -21.56
N THR C 225 13.55 -14.67 -21.19
CA THR C 225 13.82 -15.03 -19.78
C THR C 225 15.24 -14.56 -19.44
N ALA C 226 16.18 -14.84 -20.31
CA ALA C 226 17.62 -14.56 -20.15
C ALA C 226 17.83 -13.05 -20.02
N CYS C 227 17.11 -12.26 -20.80
CA CYS C 227 17.23 -10.77 -20.72
C CYS C 227 16.56 -10.26 -19.43
N ASP C 228 15.43 -10.82 -19.07
CA ASP C 228 14.67 -10.45 -17.86
C ASP C 228 15.52 -10.71 -16.62
N LEU C 229 16.30 -11.81 -16.61
CA LEU C 229 17.06 -12.26 -15.41
C LEU C 229 18.47 -11.66 -15.40
N CYS C 230 18.80 -10.75 -16.30
CA CYS C 230 20.22 -10.41 -16.57
C CYS C 230 20.90 -9.75 -15.36
N SER C 231 20.22 -9.37 -14.27
CA SER C 231 20.93 -8.78 -13.08
C SER C 231 21.98 -9.76 -12.54
N VAL C 232 21.73 -11.06 -12.72
CA VAL C 232 22.62 -12.15 -12.22
C VAL C 232 23.76 -12.37 -13.20
N THR C 233 23.83 -11.63 -14.32
CA THR C 233 24.92 -11.74 -15.32
C THR C 233 25.80 -10.50 -15.32
N LYS C 234 25.61 -9.65 -14.31
CA LYS C 234 26.40 -8.42 -14.19
C LYS C 234 27.64 -8.72 -13.35
N LEU C 235 28.56 -7.78 -13.34
CA LEU C 235 29.70 -7.76 -12.41
C LEU C 235 29.14 -7.64 -10.99
N TRP C 236 29.81 -8.32 -10.07
CA TRP C 236 29.28 -8.63 -8.72
C TRP C 236 28.75 -7.41 -7.98
N PRO C 237 29.44 -6.25 -7.99
CA PRO C 237 28.92 -5.07 -7.30
C PRO C 237 27.55 -4.62 -7.82
N VAL C 238 27.33 -4.73 -9.14
CA VAL C 238 26.04 -4.39 -9.78
C VAL C 238 25.02 -5.45 -9.39
N THR C 239 25.43 -6.72 -9.44
CA THR C 239 24.59 -7.88 -9.08
C THR C 239 24.06 -7.70 -7.65
N LYS C 240 24.95 -7.41 -6.71
CA LYS C 240 24.69 -7.19 -5.26
C LYS C 240 23.74 -6.00 -5.04
N LEU C 241 23.96 -4.90 -5.72
CA LEU C 241 23.10 -3.69 -5.56
C LEU C 241 21.72 -3.97 -6.15
N THR C 242 21.63 -4.64 -7.30
CA THR C 242 20.31 -4.91 -7.91
C THR C 242 19.53 -5.81 -6.95
N ALA C 243 20.20 -6.73 -6.26
CA ALA C 243 19.57 -7.67 -5.31
C ALA C 243 18.79 -6.89 -4.24
N ASN C 244 19.36 -5.78 -3.73
CA ASN C 244 18.72 -4.91 -2.71
C ASN C 244 17.36 -4.43 -3.23
N ASP C 245 17.33 -4.02 -4.50
CA ASP C 245 16.14 -3.44 -5.17
C ASP C 245 15.10 -4.53 -5.37
N ILE C 246 15.54 -5.71 -5.81
CA ILE C 246 14.66 -6.90 -6.03
C ILE C 246 13.96 -7.24 -4.70
N TYR C 247 14.73 -7.33 -3.63
CA TYR C 247 14.22 -7.72 -2.30
C TYR C 247 13.37 -6.59 -1.70
N ALA C 248 13.67 -5.33 -2.01
CA ALA C 248 12.85 -4.18 -1.55
C ALA C 248 11.40 -4.42 -1.99
N GLU C 249 11.20 -4.87 -3.24
CA GLU C 249 9.86 -5.25 -3.75
C GLU C 249 9.33 -6.51 -3.07
N PHE C 250 10.13 -7.55 -3.05
CA PHE C 250 9.71 -8.82 -2.46
C PHE C 250 9.24 -8.59 -1.03
N TRP C 251 10.04 -7.90 -0.21
CA TRP C 251 9.72 -7.66 1.23
C TRP C 251 8.41 -6.89 1.38
N ALA C 252 8.16 -5.90 0.51
CA ALA C 252 6.92 -5.10 0.57
C ALA C 252 5.75 -6.01 0.23
N GLU C 253 5.90 -6.93 -0.72
CA GLU C 253 4.80 -7.82 -1.16
C GLU C 253 4.50 -8.77 -0.03
N GLY C 254 5.57 -9.28 0.60
CA GLY C 254 5.50 -10.13 1.80
C GLY C 254 4.78 -9.42 2.94
N ASP C 255 5.11 -8.16 3.19
CA ASP C 255 4.31 -7.36 4.17
C ASP C 255 2.85 -7.42 3.76
N GLU C 256 2.54 -7.20 2.47
CA GLU C 256 1.14 -7.14 1.97
C GLU C 256 0.52 -8.54 2.12
N MET C 257 1.28 -9.62 1.97
CA MET C 257 0.73 -10.99 2.15
C MET C 257 0.31 -11.11 3.62
N LYS C 258 1.14 -10.61 4.53
CA LYS C 258 0.86 -10.64 5.99
C LYS C 258 -0.41 -9.87 6.32
N LYS C 259 -0.68 -8.78 5.60
CA LYS C 259 -1.90 -7.95 5.81
C LYS C 259 -3.12 -8.67 5.22
N LEU C 260 -2.91 -9.59 4.28
CA LEU C 260 -4.04 -10.34 3.66
C LEU C 260 -4.42 -11.44 4.64
N GLY C 261 -3.53 -11.74 5.59
CA GLY C 261 -3.66 -12.85 6.53
C GLY C 261 -2.99 -14.10 6.02
N ILE C 262 -1.97 -13.97 5.16
CA ILE C 262 -1.22 -15.10 4.55
C ILE C 262 0.26 -14.98 4.92
N GLN C 263 0.84 -15.99 5.57
CA GLN C 263 2.30 -15.99 5.82
C GLN C 263 2.91 -16.00 4.43
N PRO C 264 3.84 -15.09 4.07
CA PRO C 264 4.50 -15.20 2.78
C PRO C 264 5.54 -16.33 2.77
N ILE C 265 6.04 -16.70 1.59
CA ILE C 265 7.21 -17.62 1.45
C ILE C 265 8.45 -16.88 1.96
N PRO C 266 9.47 -17.59 2.52
CA PRO C 266 10.63 -16.93 3.13
C PRO C 266 11.38 -15.88 2.30
N MET C 267 11.38 -16.01 0.97
CA MET C 267 12.04 -15.05 0.03
C MET C 267 11.34 -13.68 0.13
N MET C 268 10.11 -13.63 0.60
CA MET C 268 9.36 -12.33 0.65
C MET C 268 9.16 -11.85 2.09
N ASP C 269 9.74 -12.57 3.06
CA ASP C 269 9.60 -12.25 4.50
C ASP C 269 10.82 -11.43 4.93
N ARG C 270 10.62 -10.15 5.26
CA ARG C 270 11.78 -9.32 5.70
C ARG C 270 12.31 -9.76 7.06
N ASP C 271 11.58 -10.61 7.80
CA ASP C 271 12.06 -11.25 9.06
C ASP C 271 12.90 -12.51 8.75
N LYS C 272 13.12 -12.87 7.48
CA LYS C 272 13.93 -14.05 7.09
C LYS C 272 15.07 -13.62 6.16
N LYS C 273 15.63 -12.44 6.41
CA LYS C 273 16.71 -11.79 5.63
C LYS C 273 17.98 -12.65 5.64
N ASP C 274 18.24 -13.30 6.77
CA ASP C 274 19.42 -14.18 6.99
C ASP C 274 19.45 -15.29 5.94
N GLU C 275 18.30 -15.66 5.38
CA GLU C 275 18.16 -16.81 4.44
C GLU C 275 18.46 -16.39 3.01
N VAL C 276 18.76 -15.10 2.76
CA VAL C 276 18.92 -14.50 1.40
C VAL C 276 20.01 -15.27 0.65
N PRO C 277 21.27 -15.37 1.15
CA PRO C 277 22.32 -16.05 0.38
C PRO C 277 21.94 -17.49 -0.04
N GLN C 278 21.26 -18.20 0.85
CA GLN C 278 20.80 -19.58 0.64
C GLN C 278 19.68 -19.57 -0.39
N GLY C 279 18.86 -18.52 -0.36
CA GLY C 279 17.81 -18.31 -1.36
C GLY C 279 18.39 -18.01 -2.73
N GLN C 280 19.39 -17.13 -2.81
CA GLN C 280 20.13 -16.85 -4.07
C GLN C 280 20.71 -18.13 -4.67
N LEU C 281 21.45 -18.91 -3.85
CA LEU C 281 22.01 -20.22 -4.32
C LEU C 281 20.94 -21.03 -5.05
N GLY C 282 19.82 -21.29 -4.36
CA GLY C 282 18.64 -22.01 -4.85
C GLY C 282 18.07 -21.38 -6.11
N PHE C 283 18.05 -20.04 -6.22
CA PHE C 283 17.60 -19.35 -7.46
C PHE C 283 18.54 -19.69 -8.63
N TYR C 284 19.83 -19.53 -8.39
CA TYR C 284 20.90 -19.68 -9.41
C TYR C 284 20.92 -21.11 -9.89
N ASN C 285 20.83 -22.05 -8.94
CA ASN C 285 20.88 -23.51 -9.20
C ASN C 285 19.67 -23.94 -9.97
N ALA C 286 18.49 -23.54 -9.52
CA ALA C 286 17.21 -24.05 -10.04
C ALA C 286 16.73 -23.22 -11.25
N VAL C 287 17.19 -21.98 -11.45
CA VAL C 287 16.59 -21.08 -12.51
C VAL C 287 17.67 -20.52 -13.44
N ALA C 288 18.60 -19.72 -12.93
CA ALA C 288 19.50 -18.89 -13.76
C ALA C 288 20.50 -19.77 -14.53
N ILE C 289 21.17 -20.71 -13.85
CA ILE C 289 22.22 -21.57 -14.47
C ILE C 289 21.60 -22.39 -15.59
N PRO C 290 20.50 -23.15 -15.40
CA PRO C 290 19.87 -23.87 -16.50
C PRO C 290 19.44 -22.98 -17.68
N CYS C 291 18.95 -21.78 -17.33
CA CYS C 291 18.44 -20.80 -18.30
C CYS C 291 19.59 -20.43 -19.23
N TYR C 292 20.70 -19.98 -18.65
CA TYR C 292 21.87 -19.53 -19.46
C TYR C 292 22.59 -20.75 -20.07
N THR C 293 22.40 -21.92 -19.49
CA THR C 293 23.10 -23.12 -19.97
C THR C 293 22.46 -23.52 -21.31
N THR C 294 21.15 -23.68 -21.30
CA THR C 294 20.34 -24.00 -22.51
C THR C 294 20.52 -22.88 -23.54
N LEU C 295 20.59 -21.61 -23.13
CA LEU C 295 20.72 -20.50 -24.11
C LEU C 295 22.10 -20.51 -24.78
N THR C 296 23.16 -20.86 -24.06
CA THR C 296 24.52 -20.91 -24.64
C THR C 296 24.59 -22.09 -25.63
N GLN C 297 23.83 -23.15 -25.35
CA GLN C 297 23.79 -24.37 -26.17
C GLN C 297 23.20 -24.04 -27.52
N ILE C 298 22.13 -23.23 -27.56
CA ILE C 298 21.43 -22.82 -28.79
C ILE C 298 22.15 -21.63 -29.40
N LEU C 299 22.64 -20.71 -28.58
CA LEU C 299 23.28 -19.48 -29.08
C LEU C 299 24.62 -19.35 -28.37
N PRO C 300 25.67 -20.03 -28.88
CA PRO C 300 26.97 -20.04 -28.23
C PRO C 300 27.60 -18.67 -28.02
N PRO C 301 27.47 -17.67 -28.94
CA PRO C 301 27.96 -16.32 -28.63
C PRO C 301 27.36 -15.68 -27.36
N THR C 302 26.40 -16.32 -26.66
CA THR C 302 25.75 -15.76 -25.42
C THR C 302 26.46 -16.30 -24.20
N GLU C 303 27.52 -17.06 -24.47
CA GLU C 303 28.40 -17.67 -23.45
C GLU C 303 28.73 -16.73 -22.28
N PRO C 304 29.18 -15.47 -22.50
CA PRO C 304 29.46 -14.56 -21.38
C PRO C 304 28.35 -14.44 -20.31
N LEU C 305 27.08 -14.57 -20.69
CA LEU C 305 25.94 -14.46 -19.74
C LEU C 305 26.08 -15.59 -18.72
N LEU C 306 26.26 -16.81 -19.23
CA LEU C 306 26.45 -18.03 -18.41
C LEU C 306 27.67 -17.88 -17.51
N LYS C 307 28.81 -17.50 -18.09
CA LYS C 307 30.09 -17.36 -17.34
C LYS C 307 29.82 -16.35 -16.23
N ALA C 308 29.18 -15.22 -16.56
CA ALA C 308 28.94 -14.18 -15.55
C ALA C 308 28.04 -14.72 -14.42
N CYS C 309 27.02 -15.48 -14.76
CA CYS C 309 26.09 -16.09 -13.78
C CYS C 309 26.87 -17.10 -12.89
N ARG C 310 27.71 -17.96 -13.46
CA ARG C 310 28.53 -18.90 -12.62
CA ARG C 310 28.58 -18.89 -12.66
C ARG C 310 29.39 -18.07 -11.65
N ASP C 311 30.09 -17.02 -12.11
CA ASP C 311 30.93 -16.16 -11.24
C ASP C 311 30.11 -15.62 -10.05
N ASN C 312 28.86 -15.24 -10.30
CA ASN C 312 27.97 -14.64 -9.27
C ASN C 312 27.51 -15.75 -8.31
N LEU C 313 27.21 -16.94 -8.80
CA LEU C 313 26.86 -18.11 -7.95
C LEU C 313 28.00 -18.34 -6.95
N SER C 314 29.24 -18.34 -7.43
CA SER C 314 30.48 -18.46 -6.64
C SER C 314 30.58 -17.32 -5.61
N GLN C 315 30.15 -16.11 -5.96
CA GLN C 315 30.18 -14.97 -5.01
C GLN C 315 29.17 -15.21 -3.89
N TRP C 316 27.99 -15.73 -4.22
CA TRP C 316 26.95 -16.09 -3.22
C TRP C 316 27.43 -17.22 -2.32
N GLU C 317 28.19 -18.17 -2.86
CA GLU C 317 28.71 -19.32 -2.05
C GLU C 317 29.67 -18.72 -1.03
N LYS C 318 30.51 -17.77 -1.45
CA LYS C 318 31.55 -17.10 -0.62
C LYS C 318 30.89 -16.32 0.50
N VAL C 319 29.79 -15.65 0.19
CA VAL C 319 28.93 -14.93 1.19
C VAL C 319 28.37 -15.95 2.20
N ILE C 320 27.89 -17.11 1.74
CA ILE C 320 27.30 -18.20 2.59
C ILE C 320 28.39 -18.73 3.55
N ARG C 321 29.67 -18.67 3.17
CA ARG C 321 30.81 -19.19 3.96
C ARG C 321 31.50 -18.03 4.72
N GLY C 322 30.77 -16.96 5.03
CA GLY C 322 31.27 -15.84 5.85
C GLY C 322 32.51 -15.16 5.26
N GLU C 323 32.92 -15.48 4.02
CA GLU C 323 34.07 -14.84 3.32
C GLU C 323 33.60 -13.58 2.60
N GLU C 324 32.46 -13.02 3.04
CA GLU C 324 31.87 -11.72 2.62
C GLU C 324 30.37 -11.76 2.88
N TRP D 10 -29.12 -48.67 -17.59
CA TRP D 10 -30.07 -49.40 -18.49
C TRP D 10 -31.51 -49.03 -18.11
N GLN D 11 -31.82 -49.10 -16.81
CA GLN D 11 -33.15 -48.79 -16.19
C GLN D 11 -32.99 -47.70 -15.12
N GLY D 12 -31.79 -47.13 -15.02
CA GLY D 12 -31.43 -45.99 -14.13
C GLY D 12 -31.28 -44.70 -14.93
N LEU D 13 -31.90 -44.64 -16.10
CA LEU D 13 -32.02 -43.42 -16.94
C LEU D 13 -33.19 -42.59 -16.38
N MET D 14 -33.49 -42.76 -15.09
CA MET D 14 -34.63 -42.13 -14.40
C MET D 14 -34.13 -40.95 -13.55
N GLN D 15 -34.54 -39.75 -13.91
CA GLN D 15 -34.06 -38.52 -13.27
C GLN D 15 -35.26 -37.75 -12.73
N PHE D 16 -35.07 -37.11 -11.59
CA PHE D 16 -36.12 -36.27 -10.97
C PHE D 16 -36.04 -34.89 -11.62
N THR D 17 -37.18 -34.37 -12.05
CA THR D 17 -37.34 -32.94 -12.47
C THR D 17 -38.24 -32.22 -11.47
N LEU D 18 -38.04 -30.91 -11.35
CA LEU D 18 -38.97 -30.04 -10.58
C LEU D 18 -39.74 -29.21 -11.58
N PRO D 19 -40.94 -28.68 -11.23
CA PRO D 19 -41.55 -27.64 -12.04
C PRO D 19 -40.55 -26.48 -12.15
N VAL D 20 -40.55 -25.81 -13.30
CA VAL D 20 -39.63 -24.68 -13.67
C VAL D 20 -39.35 -23.81 -12.46
N ARG D 21 -40.37 -23.26 -11.77
CA ARG D 21 -40.09 -22.26 -10.70
C ARG D 21 -39.18 -22.90 -9.65
N LEU D 22 -39.44 -24.15 -9.26
CA LEU D 22 -38.69 -24.80 -8.17
C LEU D 22 -37.27 -25.09 -8.64
N CYS D 23 -37.18 -25.61 -9.85
CA CYS D 23 -35.93 -25.91 -10.58
C CYS D 23 -35.00 -24.70 -10.55
N LYS D 24 -35.54 -23.54 -10.92
CA LYS D 24 -34.80 -22.25 -10.92
C LYS D 24 -34.54 -21.79 -9.47
N GLU D 25 -35.53 -21.89 -8.59
CA GLU D 25 -35.51 -21.23 -7.26
C GLU D 25 -34.82 -22.12 -6.23
N ILE D 26 -34.75 -23.44 -6.48
CA ILE D 26 -34.10 -24.40 -5.52
C ILE D 26 -32.62 -24.07 -5.41
N GLU D 27 -32.11 -23.32 -6.40
CA GLU D 27 -30.65 -23.02 -6.51
C GLU D 27 -30.30 -21.83 -5.64
N LEU D 28 -31.28 -21.04 -5.20
CA LEU D 28 -31.12 -19.89 -4.26
C LEU D 28 -31.06 -20.36 -2.79
N PHE D 29 -30.23 -19.71 -1.97
CA PHE D 29 -30.04 -20.04 -0.53
C PHE D 29 -31.38 -19.88 0.23
N HIS D 30 -32.22 -18.95 -0.19
CA HIS D 30 -33.45 -18.58 0.57
C HIS D 30 -34.65 -19.39 0.08
N PHE D 31 -34.47 -20.32 -0.85
CA PHE D 31 -35.58 -21.19 -1.29
C PHE D 31 -36.35 -21.75 -0.08
N ASP D 32 -37.66 -21.82 -0.25
CA ASP D 32 -38.59 -22.42 0.72
C ASP D 32 -39.14 -23.66 0.00
N ILE D 33 -39.16 -24.79 0.68
CA ILE D 33 -39.51 -26.12 0.09
C ILE D 33 -41.03 -26.27 -0.04
N GLY D 34 -41.82 -25.34 0.50
CA GLY D 34 -43.27 -25.28 0.24
C GLY D 34 -44.08 -26.04 1.28
N PRO D 35 -45.41 -25.93 1.22
CA PRO D 35 -46.32 -26.60 2.15
C PRO D 35 -46.82 -27.98 1.71
N PHE D 36 -46.40 -28.43 0.51
CA PHE D 36 -46.75 -29.75 -0.09
C PHE D 36 -45.78 -30.86 0.36
N GLU D 37 -46.06 -31.40 1.54
CA GLU D 37 -45.38 -32.53 2.23
C GLU D 37 -44.99 -33.59 1.22
N ASN D 38 -45.88 -33.95 0.32
CA ASN D 38 -45.67 -35.10 -0.59
C ASN D 38 -44.63 -34.77 -1.67
N MET D 39 -44.20 -33.52 -1.80
CA MET D 39 -43.16 -33.14 -2.80
C MET D 39 -41.77 -33.05 -2.16
N TRP D 40 -41.62 -33.15 -0.85
CA TRP D 40 -40.30 -32.96 -0.19
C TRP D 40 -39.38 -34.16 -0.45
N PRO D 41 -39.83 -35.44 -0.44
CA PRO D 41 -38.94 -36.56 -0.78
C PRO D 41 -38.31 -36.45 -2.17
N GLY D 42 -39.09 -36.12 -3.20
CA GLY D 42 -38.57 -35.96 -4.57
C GLY D 42 -37.72 -34.69 -4.68
N ILE D 43 -37.96 -33.68 -3.84
CA ILE D 43 -37.08 -32.48 -3.80
C ILE D 43 -35.74 -32.91 -3.22
N PHE D 44 -35.79 -33.75 -2.19
CA PHE D 44 -34.58 -34.29 -1.56
C PHE D 44 -33.82 -35.14 -2.57
N VAL D 45 -34.48 -36.09 -3.19
CA VAL D 45 -33.82 -36.96 -4.20
C VAL D 45 -33.14 -36.08 -5.27
N TYR D 46 -33.84 -35.06 -5.79
CA TYR D 46 -33.37 -34.14 -6.86
C TYR D 46 -32.02 -33.56 -6.46
N MET D 47 -31.92 -33.12 -5.21
CA MET D 47 -30.74 -32.43 -4.66
C MET D 47 -29.59 -33.44 -4.56
N VAL D 48 -29.89 -34.68 -4.16
CA VAL D 48 -28.83 -35.72 -3.97
C VAL D 48 -28.26 -36.06 -5.36
N HIS D 49 -29.11 -36.13 -6.39
CA HIS D 49 -28.69 -36.42 -7.79
C HIS D 49 -27.76 -35.31 -8.29
N ARG D 50 -28.18 -34.05 -8.18
CA ARG D 50 -27.43 -32.91 -8.74
C ARG D 50 -26.23 -32.61 -7.85
N SER D 51 -26.34 -33.01 -6.60
CA SER D 51 -25.36 -32.71 -5.51
C SER D 51 -24.16 -33.66 -5.57
N CYS D 52 -24.37 -34.97 -5.75
CA CYS D 52 -23.27 -35.96 -5.58
C CYS D 52 -23.20 -36.93 -6.76
N GLY D 53 -24.32 -37.15 -7.47
CA GLY D 53 -24.42 -37.95 -8.70
C GLY D 53 -25.69 -38.79 -8.75
N THR D 54 -26.12 -39.17 -9.95
CA THR D 54 -27.33 -39.99 -10.22
C THR D 54 -27.04 -41.40 -9.69
N SER D 55 -25.75 -41.69 -9.52
CA SER D 55 -25.19 -43.03 -9.25
C SER D 55 -24.75 -43.17 -7.81
N CYS D 56 -24.63 -42.08 -7.05
CA CYS D 56 -24.08 -42.20 -5.68
C CYS D 56 -25.03 -43.03 -4.81
N PHE D 57 -26.33 -43.14 -5.13
CA PHE D 57 -27.23 -44.07 -4.40
C PHE D 57 -28.16 -44.85 -5.34
N GLU D 58 -28.48 -46.07 -4.90
CA GLU D 58 -29.54 -46.93 -5.48
C GLU D 58 -30.89 -46.28 -5.11
N LEU D 59 -31.66 -45.90 -6.14
CA LEU D 59 -32.95 -45.16 -6.05
C LEU D 59 -33.90 -45.86 -5.07
N GLU D 60 -33.97 -47.18 -5.12
CA GLU D 60 -34.99 -47.96 -4.34
C GLU D 60 -34.57 -47.99 -2.87
N LYS D 61 -33.30 -48.23 -2.56
CA LYS D 61 -32.83 -48.13 -1.15
C LYS D 61 -32.96 -46.68 -0.66
N LEU D 62 -32.65 -45.72 -1.53
CA LEU D 62 -32.70 -44.28 -1.20
C LEU D 62 -34.14 -43.91 -0.86
N CME D 63 -35.10 -44.25 -1.72
CA CME D 63 -36.52 -43.89 -1.45
CB CME D 63 -37.46 -44.14 -2.62
SG CME D 63 -37.46 -42.86 -3.92
SD CME D 63 -38.12 -41.12 -3.04
CE CME D 63 -39.93 -41.16 -2.98
CZ CME D 63 -40.58 -40.28 -4.00
OH CME D 63 -41.66 -40.98 -4.60
C CME D 63 -36.96 -44.54 -0.13
O CME D 63 -37.57 -43.83 0.69
N ARG D 64 -36.62 -45.81 0.14
CA ARG D 64 -37.14 -46.46 1.37
C ARG D 64 -36.43 -45.88 2.61
N PHE D 65 -35.13 -45.62 2.53
CA PHE D 65 -34.40 -44.84 3.59
C PHE D 65 -35.17 -43.53 3.91
N ILE D 66 -35.58 -42.79 2.90
CA ILE D 66 -36.18 -41.44 3.05
C ILE D 66 -37.49 -41.61 3.81
N MET D 67 -38.25 -42.65 3.46
CA MET D 67 -39.63 -42.84 3.96
C MET D 67 -39.60 -43.33 5.41
N SER D 68 -38.58 -44.09 5.78
CA SER D 68 -38.28 -44.47 7.18
C SER D 68 -37.77 -43.28 7.99
N VAL D 69 -36.97 -42.43 7.37
CA VAL D 69 -36.51 -41.20 8.07
C VAL D 69 -37.76 -40.39 8.41
N LYS D 70 -38.50 -39.95 7.40
CA LYS D 70 -39.78 -39.20 7.53
C LYS D 70 -40.61 -39.72 8.70
N LYS D 71 -40.75 -41.04 8.74
CA LYS D 71 -41.67 -41.77 9.64
C LYS D 71 -41.17 -41.64 11.08
N ASN D 72 -39.86 -41.43 11.26
CA ASN D 72 -39.17 -41.32 12.57
C ASN D 72 -38.94 -39.86 12.96
N TYR D 73 -39.47 -38.92 12.20
CA TYR D 73 -39.73 -37.53 12.67
C TYR D 73 -41.16 -37.45 13.22
N ARG D 74 -41.32 -36.78 14.35
CA ARG D 74 -42.65 -36.59 15.02
C ARG D 74 -43.31 -35.29 14.57
N ARG D 75 -44.63 -35.22 14.80
CA ARG D 75 -45.55 -34.08 14.48
C ARG D 75 -45.40 -33.03 15.58
N VAL D 76 -44.26 -32.34 15.58
CA VAL D 76 -43.94 -31.25 16.54
C VAL D 76 -43.98 -29.95 15.76
N PRO D 77 -44.17 -28.79 16.41
CA PRO D 77 -44.32 -27.53 15.69
C PRO D 77 -43.08 -27.16 14.85
N TYR D 78 -41.85 -27.47 15.30
CA TYR D 78 -40.63 -27.00 14.58
C TYR D 78 -39.71 -28.14 14.16
N HIS D 79 -39.40 -29.07 15.07
CA HIS D 79 -38.30 -30.06 14.92
C HIS D 79 -38.84 -31.28 14.18
N ASN D 80 -39.29 -31.06 12.95
CA ASN D 80 -40.14 -32.02 12.20
C ASN D 80 -39.54 -32.25 10.82
N TRP D 81 -40.23 -33.09 10.05
CA TRP D 81 -39.77 -33.54 8.72
C TRP D 81 -39.41 -32.34 7.84
N LYS D 82 -40.20 -31.26 7.93
CA LYS D 82 -40.06 -30.05 7.08
C LYS D 82 -38.72 -29.39 7.40
N HIS D 83 -38.39 -29.29 8.68
CA HIS D 83 -37.07 -28.85 9.19
C HIS D 83 -35.93 -29.72 8.64
N ALA D 84 -36.08 -31.05 8.71
CA ALA D 84 -35.09 -32.00 8.13
C ALA D 84 -34.71 -31.58 6.70
N VAL D 85 -35.70 -31.45 5.81
CA VAL D 85 -35.49 -31.24 4.35
C VAL D 85 -35.03 -29.80 4.10
N THR D 86 -35.38 -28.89 4.99
CA THR D 86 -35.02 -27.46 4.86
C THR D 86 -33.54 -27.31 5.11
N VAL D 87 -33.06 -27.89 6.22
CA VAL D 87 -31.63 -27.97 6.59
C VAL D 87 -30.83 -28.70 5.49
N ALA D 88 -31.41 -29.70 4.86
CA ALA D 88 -30.72 -30.43 3.77
C ALA D 88 -30.61 -29.51 2.55
N HIS D 89 -31.65 -28.76 2.24
CA HIS D 89 -31.67 -27.84 1.09
C HIS D 89 -30.59 -26.77 1.27
N CYS D 90 -30.41 -26.23 2.46
CA CYS D 90 -29.33 -25.24 2.70
C CYS D 90 -27.97 -25.89 2.41
N MET D 91 -27.73 -27.12 2.91
CA MET D 91 -26.44 -27.79 2.68
C MET D 91 -26.28 -27.97 1.18
N TYR D 92 -27.38 -28.28 0.50
CA TYR D 92 -27.38 -28.44 -0.98
C TYR D 92 -26.81 -27.17 -1.61
N ALA D 93 -27.40 -26.03 -1.22
CA ALA D 93 -27.03 -24.71 -1.76
C ALA D 93 -25.53 -24.48 -1.49
N ILE D 94 -25.03 -24.87 -0.32
CA ILE D 94 -23.60 -24.68 0.09
C ILE D 94 -22.70 -25.57 -0.78
N LEU D 95 -23.07 -26.83 -0.87
CA LEU D 95 -22.30 -27.81 -1.66
C LEU D 95 -22.23 -27.38 -3.12
N GLN D 96 -23.32 -26.91 -3.71
CA GLN D 96 -23.34 -26.60 -5.17
C GLN D 96 -22.48 -25.36 -5.45
N ASN D 97 -22.33 -24.47 -4.45
CA ASN D 97 -21.71 -23.14 -4.64
C ASN D 97 -20.24 -23.23 -4.21
N ASN D 98 -19.80 -24.42 -3.82
CA ASN D 98 -18.45 -24.71 -3.29
C ASN D 98 -18.04 -26.10 -3.77
N HIS D 99 -18.40 -26.48 -5.00
CA HIS D 99 -18.44 -27.92 -5.39
C HIS D 99 -17.02 -28.49 -5.49
N THR D 100 -16.02 -27.67 -5.79
CA THR D 100 -14.61 -28.12 -5.97
C THR D 100 -13.92 -28.31 -4.62
N LEU D 101 -14.59 -28.03 -3.49
CA LEU D 101 -14.00 -28.03 -2.12
C LEU D 101 -14.22 -29.36 -1.40
N PHE D 102 -15.25 -30.15 -1.76
CA PHE D 102 -15.68 -31.33 -0.95
C PHE D 102 -15.37 -32.63 -1.68
N THR D 103 -15.10 -33.66 -0.89
CA THR D 103 -14.82 -35.04 -1.38
C THR D 103 -16.14 -35.73 -1.74
N ASP D 104 -16.01 -36.89 -2.36
CA ASP D 104 -17.15 -37.72 -2.85
C ASP D 104 -18.00 -38.18 -1.65
N LEU D 105 -17.35 -38.58 -0.55
CA LEU D 105 -17.96 -39.15 0.68
C LEU D 105 -18.63 -38.05 1.50
N GLU D 106 -18.01 -36.87 1.53
CA GLU D 106 -18.57 -35.67 2.20
C GLU D 106 -19.91 -35.34 1.55
N ARG D 107 -19.97 -35.28 0.22
CA ARG D 107 -21.19 -34.93 -0.54
C ARG D 107 -22.32 -35.91 -0.18
N LYS D 108 -22.09 -37.21 -0.44
CA LYS D 108 -22.98 -38.32 -0.01
C LYS D 108 -23.39 -38.11 1.44
N GLY D 109 -22.41 -38.02 2.35
CA GLY D 109 -22.62 -38.00 3.81
C GLY D 109 -23.38 -36.78 4.32
N LEU D 110 -23.21 -35.60 3.71
CA LEU D 110 -23.65 -34.33 4.35
C LEU D 110 -25.15 -34.10 4.15
N LEU D 111 -25.67 -34.35 2.94
CA LEU D 111 -27.12 -34.32 2.69
C LEU D 111 -27.83 -35.31 3.61
N ILE D 112 -27.28 -36.52 3.73
CA ILE D 112 -27.86 -37.58 4.60
C ILE D 112 -27.79 -37.06 6.04
N ALA D 113 -26.67 -36.49 6.47
CA ALA D 113 -26.51 -36.02 7.87
C ALA D 113 -27.61 -35.01 8.18
N CYS D 114 -27.81 -34.03 7.29
CA CYS D 114 -28.84 -32.96 7.45
C CYS D 114 -30.24 -33.58 7.54
N LEU D 115 -30.59 -34.51 6.64
CA LEU D 115 -31.94 -35.16 6.66
C LEU D 115 -32.16 -35.87 8.00
N CYS D 116 -31.13 -36.44 8.58
CA CYS D 116 -31.24 -37.29 9.82
C CYS D 116 -30.94 -36.49 11.09
N HIS D 117 -30.49 -35.24 10.99
CA HIS D 117 -29.81 -34.55 12.11
C HIS D 117 -30.72 -34.33 13.31
N ASP D 118 -32.06 -34.38 13.15
CA ASP D 118 -32.98 -34.21 14.31
C ASP D 118 -33.91 -35.41 14.49
N LEU D 119 -33.47 -36.59 14.08
CA LEU D 119 -34.33 -37.79 14.10
C LEU D 119 -34.91 -38.03 15.50
N ASP D 120 -36.22 -38.19 15.55
CA ASP D 120 -37.01 -38.60 16.75
C ASP D 120 -36.87 -37.51 17.81
N HIS D 121 -36.81 -36.25 17.39
CA HIS D 121 -36.90 -35.09 18.30
C HIS D 121 -38.32 -35.03 18.91
N ARG D 122 -38.40 -34.68 20.19
CA ARG D 122 -39.65 -34.58 21.00
C ARG D 122 -40.08 -33.11 21.09
N GLY D 123 -39.26 -32.17 20.64
CA GLY D 123 -39.56 -30.72 20.72
C GLY D 123 -39.02 -30.13 22.01
N PHE D 124 -38.06 -30.84 22.63
CA PHE D 124 -37.45 -30.47 23.92
C PHE D 124 -35.93 -30.45 23.80
N SER D 125 -35.32 -29.44 24.44
CA SER D 125 -33.87 -29.22 24.60
C SER D 125 -33.23 -30.35 25.44
N ASN D 126 -31.94 -30.54 25.20
CA ASN D 126 -31.00 -31.28 26.07
C ASN D 126 -31.25 -30.90 27.55
N SER D 127 -31.44 -29.60 27.83
CA SER D 127 -31.54 -29.03 29.20
C SER D 127 -32.71 -29.68 29.90
N TYR D 128 -33.86 -29.61 29.24
CA TYR D 128 -35.15 -30.06 29.78
C TYR D 128 -35.11 -31.59 29.98
N LEU D 129 -34.53 -32.36 29.06
CA LEU D 129 -34.38 -33.85 29.24
C LEU D 129 -33.58 -34.07 30.52
N GLN D 130 -32.58 -33.21 30.73
CA GLN D 130 -31.65 -33.27 31.90
C GLN D 130 -32.45 -32.99 33.18
N LYS D 131 -33.22 -31.91 33.22
CA LYS D 131 -33.98 -31.49 34.43
C LYS D 131 -35.14 -32.44 34.69
N PHE D 132 -35.68 -33.04 33.64
CA PHE D 132 -36.81 -33.98 33.74
C PHE D 132 -36.32 -35.33 34.29
N ASP D 133 -35.05 -35.57 34.03
CA ASP D 133 -34.33 -36.81 34.38
C ASP D 133 -34.80 -37.88 33.39
N HIS D 134 -34.87 -37.51 32.10
CA HIS D 134 -35.20 -38.45 31.00
C HIS D 134 -34.13 -39.55 30.93
N PRO D 135 -34.53 -40.82 30.74
CA PRO D 135 -33.57 -41.90 30.49
C PRO D 135 -32.50 -41.58 29.46
N LEU D 136 -32.82 -40.77 28.44
CA LEU D 136 -31.84 -40.45 27.37
C LEU D 136 -30.68 -39.63 27.95
N ALA D 137 -30.95 -38.78 28.94
CA ALA D 137 -29.91 -37.98 29.66
C ALA D 137 -28.95 -38.87 30.47
N ALA D 138 -29.38 -40.06 30.92
CA ALA D 138 -28.54 -41.06 31.62
C ALA D 138 -27.61 -41.70 30.59
N LEU D 139 -28.15 -41.99 29.41
CA LEU D 139 -27.46 -42.76 28.34
C LEU D 139 -26.39 -41.87 27.69
N TYR D 140 -26.70 -40.58 27.55
CA TYR D 140 -25.92 -39.55 26.81
C TYR D 140 -25.87 -38.30 27.68
N SER D 141 -24.78 -38.12 28.43
CA SER D 141 -24.62 -37.06 29.45
C SER D 141 -24.54 -35.69 28.76
N THR D 142 -23.94 -35.70 27.58
CA THR D 142 -23.53 -34.54 26.73
C THR D 142 -24.15 -34.67 25.35
N SER D 143 -24.61 -33.55 24.78
CA SER D 143 -25.18 -33.48 23.42
C SER D 143 -26.26 -34.55 23.29
N THR D 144 -27.16 -34.58 24.28
CA THR D 144 -28.03 -35.77 24.55
C THR D 144 -28.83 -36.16 23.31
N MET D 145 -29.72 -35.26 22.85
CA MET D 145 -30.60 -35.52 21.68
C MET D 145 -29.74 -35.81 20.46
N GLU D 146 -28.58 -35.16 20.31
CA GLU D 146 -27.73 -35.29 19.10
C GLU D 146 -27.10 -36.70 19.01
N GLN D 147 -26.79 -37.30 20.15
CA GLN D 147 -26.27 -38.69 20.21
C GLN D 147 -27.45 -39.60 19.91
N HIS D 148 -28.67 -39.24 20.35
CA HIS D 148 -29.90 -39.99 19.99
C HIS D 148 -30.08 -39.95 18.47
N HIS D 149 -30.01 -38.75 17.87
CA HIS D 149 -30.30 -38.57 16.43
C HIS D 149 -29.40 -39.51 15.60
N PHE D 150 -28.09 -39.56 15.94
CA PHE D 150 -27.09 -40.39 15.23
C PHE D 150 -27.39 -41.88 15.51
N SER D 151 -27.86 -42.21 16.71
CA SER D 151 -28.29 -43.59 17.08
C SER D 151 -29.44 -44.02 16.17
N GLN D 152 -30.47 -43.17 16.06
CA GLN D 152 -31.67 -43.39 15.21
C GLN D 152 -31.26 -43.56 13.74
N THR D 153 -30.30 -42.76 13.29
CA THR D 153 -29.78 -42.81 11.90
C THR D 153 -29.22 -44.21 11.63
N VAL D 154 -28.40 -44.71 12.54
CA VAL D 154 -27.71 -46.03 12.42
C VAL D 154 -28.79 -47.12 12.41
N SER D 155 -29.71 -47.13 13.38
CA SER D 155 -30.85 -48.10 13.39
C SER D 155 -31.49 -48.16 12.01
N ILE D 156 -31.73 -47.02 11.36
CA ILE D 156 -32.50 -47.00 10.10
C ILE D 156 -31.63 -47.57 8.98
N LEU D 157 -30.33 -47.26 8.97
CA LEU D 157 -29.40 -47.75 7.90
C LEU D 157 -29.31 -49.28 7.95
N GLN D 158 -29.50 -49.87 9.14
CA GLN D 158 -29.38 -51.35 9.41
C GLN D 158 -30.76 -52.03 9.31
N LEU D 159 -31.77 -51.30 8.84
CA LEU D 159 -33.07 -51.89 8.46
C LEU D 159 -32.83 -52.65 7.15
N GLU D 160 -33.59 -53.72 6.94
CA GLU D 160 -33.58 -54.49 5.68
C GLU D 160 -33.88 -53.58 4.49
N GLY D 161 -33.01 -53.62 3.49
CA GLY D 161 -33.16 -52.90 2.20
C GLY D 161 -32.84 -51.42 2.32
N HIS D 162 -32.30 -50.95 3.45
CA HIS D 162 -32.13 -49.50 3.76
C HIS D 162 -30.66 -49.06 3.70
N ASN D 163 -29.69 -49.96 3.58
CA ASN D 163 -28.28 -49.50 3.63
C ASN D 163 -27.91 -48.84 2.30
N ILE D 164 -28.05 -47.51 2.23
CA ILE D 164 -27.77 -46.67 1.02
C ILE D 164 -26.24 -46.62 0.78
N PHE D 165 -25.43 -47.10 1.71
CA PHE D 165 -23.95 -47.14 1.60
C PHE D 165 -23.46 -48.58 1.40
N SER D 166 -24.31 -49.46 0.84
CA SER D 166 -23.97 -50.89 0.59
C SER D 166 -22.75 -51.02 -0.30
N THR D 167 -22.59 -50.14 -1.29
CA THR D 167 -21.58 -50.24 -2.38
C THR D 167 -20.23 -49.66 -1.90
N LEU D 168 -20.16 -48.97 -0.75
CA LEU D 168 -18.89 -48.40 -0.22
C LEU D 168 -18.09 -49.55 0.38
N SER D 169 -16.76 -49.49 0.26
CA SER D 169 -15.80 -50.35 1.00
C SER D 169 -16.03 -50.23 2.51
N SER D 170 -15.52 -51.19 3.28
CA SER D 170 -15.64 -51.24 4.76
C SER D 170 -15.05 -49.95 5.37
N SER D 171 -14.05 -49.38 4.68
CA SER D 171 -13.28 -48.20 5.12
C SER D 171 -13.98 -46.87 4.79
N GLU D 172 -14.50 -46.79 3.56
CA GLU D 172 -15.31 -45.66 3.03
C GLU D 172 -16.60 -45.61 3.84
N TYR D 173 -17.16 -46.78 4.12
CA TYR D 173 -18.38 -46.91 4.94
C TYR D 173 -18.13 -46.30 6.32
N GLU D 174 -17.02 -46.66 6.93
CA GLU D 174 -16.75 -46.25 8.31
C GLU D 174 -16.46 -44.73 8.30
N GLN D 175 -15.92 -44.29 7.17
CA GLN D 175 -15.48 -42.90 6.90
C GLN D 175 -16.71 -42.01 6.77
N VAL D 176 -17.68 -42.40 5.94
CA VAL D 176 -18.94 -41.62 5.74
C VAL D 176 -19.72 -41.62 7.05
N LEU D 177 -19.69 -42.72 7.83
CA LEU D 177 -20.51 -42.82 9.07
C LEU D 177 -19.92 -41.84 10.08
N GLU D 178 -18.61 -41.63 9.96
CA GLU D 178 -17.86 -40.71 10.86
C GLU D 178 -18.10 -39.25 10.47
N ILE D 179 -18.13 -38.94 9.17
CA ILE D 179 -18.59 -37.61 8.68
C ILE D 179 -19.94 -37.35 9.35
N ILE D 180 -20.85 -38.33 9.28
CA ILE D 180 -22.29 -38.13 9.59
C ILE D 180 -22.43 -37.88 11.09
N ARG D 181 -21.74 -38.70 11.89
CA ARG D 181 -21.76 -38.60 13.37
C ARG D 181 -21.31 -37.20 13.79
N LYS D 182 -20.12 -36.80 13.31
CA LYS D 182 -19.50 -35.50 13.64
C LYS D 182 -20.47 -34.39 13.29
N ALA D 183 -20.95 -34.43 12.05
CA ALA D 183 -21.91 -33.47 11.48
C ALA D 183 -23.09 -33.33 12.43
N ILE D 184 -23.70 -34.44 12.85
CA ILE D 184 -24.98 -34.41 13.65
C ILE D 184 -24.67 -33.85 15.03
N ILE D 185 -23.57 -34.30 15.64
CA ILE D 185 -23.15 -33.84 17.00
C ILE D 185 -22.89 -32.33 16.97
N ALA D 186 -22.47 -31.80 15.83
CA ALA D 186 -22.12 -30.36 15.65
C ALA D 186 -23.39 -29.49 15.64
N THR D 187 -24.58 -30.08 15.55
CA THR D 187 -25.86 -29.32 15.61
C THR D 187 -26.28 -29.06 17.06
N ASP D 188 -25.49 -29.52 17.99
CA ASP D 188 -25.63 -29.11 19.41
C ASP D 188 -25.11 -27.69 19.49
N LEU D 189 -26.01 -26.71 19.57
CA LEU D 189 -25.61 -25.30 19.50
C LEU D 189 -24.61 -25.01 20.62
N ALA D 190 -24.65 -25.75 21.72
CA ALA D 190 -23.67 -25.53 22.82
C ALA D 190 -22.24 -25.61 22.28
N LEU D 191 -21.99 -26.50 21.32
CA LEU D 191 -20.63 -26.79 20.80
C LEU D 191 -20.25 -25.76 19.74
N TYR D 192 -21.24 -25.13 19.12
CA TYR D 192 -21.04 -24.17 18.01
C TYR D 192 -20.04 -23.06 18.45
N PHE D 193 -20.23 -22.51 19.66
CA PHE D 193 -19.61 -21.23 20.11
C PHE D 193 -18.08 -21.40 20.15
N GLY D 194 -17.60 -22.45 20.82
CA GLY D 194 -16.17 -22.84 20.84
C GLY D 194 -15.64 -23.06 19.43
N ASN D 195 -16.45 -23.67 18.55
CA ASN D 195 -16.07 -24.08 17.18
C ASN D 195 -15.90 -22.85 16.30
N ARG D 196 -16.81 -21.89 16.42
CA ARG D 196 -16.70 -20.66 15.60
C ARG D 196 -15.50 -19.82 16.03
N LYS D 197 -15.29 -19.67 17.34
CA LYS D 197 -14.18 -18.88 17.96
C LYS D 197 -12.84 -19.45 17.50
N GLN D 198 -12.73 -20.78 17.36
CA GLN D 198 -11.53 -21.50 16.83
C GLN D 198 -11.30 -21.14 15.36
N LEU D 199 -12.28 -21.33 14.47
CA LEU D 199 -12.18 -21.08 12.99
C LEU D 199 -11.87 -19.60 12.72
N GLU D 200 -12.50 -18.72 13.50
CA GLU D 200 -12.25 -17.28 13.51
C GLU D 200 -10.74 -17.03 13.51
N GLU D 201 -10.09 -17.55 14.56
CA GLU D 201 -8.67 -17.33 14.90
C GLU D 201 -7.84 -17.99 13.80
N MET D 202 -8.17 -19.24 13.50
CA MET D 202 -7.47 -20.03 12.47
C MET D 202 -7.48 -19.31 11.12
N TYR D 203 -8.64 -18.83 10.64
CA TYR D 203 -8.76 -18.22 9.30
C TYR D 203 -8.13 -16.81 9.31
N GLN D 204 -8.32 -16.04 10.39
CA GLN D 204 -7.86 -14.62 10.51
C GLN D 204 -6.33 -14.53 10.53
N THR D 205 -5.70 -15.46 11.24
CA THR D 205 -4.23 -15.63 11.34
C THR D 205 -3.71 -16.42 10.15
N GLY D 206 -4.60 -16.92 9.28
CA GLY D 206 -4.24 -17.66 8.05
C GLY D 206 -3.67 -19.05 8.31
N SER D 207 -3.87 -19.64 9.49
CA SER D 207 -3.42 -21.03 9.83
C SER D 207 -4.46 -22.05 9.37
N LEU D 208 -5.68 -21.64 9.00
CA LEU D 208 -6.71 -22.64 8.58
C LEU D 208 -6.16 -23.38 7.38
N ASN D 209 -6.38 -24.69 7.34
CA ASN D 209 -5.80 -25.62 6.34
C ASN D 209 -6.81 -26.74 6.09
N LEU D 210 -7.53 -26.65 4.97
CA LEU D 210 -8.54 -27.66 4.53
C LEU D 210 -7.88 -28.98 4.13
N ASN D 211 -6.55 -29.08 4.13
CA ASN D 211 -5.84 -30.37 3.90
C ASN D 211 -5.66 -31.05 5.26
N ASN D 212 -6.07 -30.41 6.34
CA ASN D 212 -5.96 -30.98 7.70
C ASN D 212 -7.38 -31.45 8.09
N GLN D 213 -7.58 -32.77 8.25
CA GLN D 213 -8.91 -33.37 8.52
C GLN D 213 -9.61 -32.65 9.67
N SER D 214 -8.88 -32.44 10.76
CA SER D 214 -9.30 -31.78 12.01
C SER D 214 -9.96 -30.43 11.67
N HIS D 215 -9.39 -29.71 10.68
CA HIS D 215 -9.87 -28.38 10.23
C HIS D 215 -11.11 -28.57 9.38
N ARG D 216 -11.06 -29.56 8.48
CA ARG D 216 -12.20 -29.90 7.63
C ARG D 216 -13.45 -30.12 8.50
N ASP D 217 -13.28 -30.87 9.60
CA ASP D 217 -14.37 -31.24 10.55
C ASP D 217 -14.98 -29.99 11.16
N ARG D 218 -14.11 -29.07 11.57
CA ARG D 218 -14.54 -27.78 12.18
C ARG D 218 -15.41 -27.01 11.18
N VAL D 219 -14.97 -26.96 9.91
CA VAL D 219 -15.67 -26.27 8.81
C VAL D 219 -17.04 -26.92 8.57
N ILE D 220 -17.08 -28.26 8.50
CA ILE D 220 -18.35 -29.03 8.36
C ILE D 220 -19.22 -28.73 9.58
N GLY D 221 -18.62 -28.66 10.76
CA GLY D 221 -19.31 -28.36 12.01
C GLY D 221 -20.06 -27.06 11.90
N LEU D 222 -19.39 -26.03 11.36
CA LEU D 222 -19.96 -24.67 11.20
C LEU D 222 -20.98 -24.67 10.05
N MET D 223 -20.74 -25.39 8.95
CA MET D 223 -21.74 -25.47 7.85
C MET D 223 -23.04 -26.04 8.44
N MET D 224 -22.90 -26.99 9.37
CA MET D 224 -24.05 -27.72 9.98
C MET D 224 -24.86 -26.73 10.81
N THR D 225 -24.22 -26.01 11.74
CA THR D 225 -24.86 -24.87 12.45
C THR D 225 -25.60 -23.98 11.43
N ALA D 226 -24.89 -23.50 10.39
CA ALA D 226 -25.38 -22.53 9.37
C ALA D 226 -26.69 -23.06 8.77
N CYS D 227 -26.69 -24.34 8.43
CA CYS D 227 -27.83 -25.02 7.74
C CYS D 227 -28.98 -25.14 8.74
N ASP D 228 -28.61 -25.46 9.97
CA ASP D 228 -29.55 -25.72 11.07
C ASP D 228 -30.30 -24.45 11.43
N LEU D 229 -29.65 -23.27 11.32
CA LEU D 229 -30.21 -21.96 11.74
C LEU D 229 -30.79 -21.21 10.54
N CYS D 230 -30.97 -21.87 9.40
CA CYS D 230 -31.18 -21.19 8.10
C CYS D 230 -32.59 -20.59 8.00
N SER D 231 -33.48 -20.78 8.97
CA SER D 231 -34.78 -20.03 9.01
C SER D 231 -34.52 -18.51 9.08
N VAL D 232 -33.36 -18.09 9.60
CA VAL D 232 -32.97 -16.65 9.72
C VAL D 232 -32.33 -16.12 8.44
N THR D 233 -32.18 -16.96 7.43
CA THR D 233 -31.54 -16.58 6.15
C THR D 233 -32.57 -16.61 5.04
N LYS D 234 -33.85 -16.80 5.36
CA LYS D 234 -34.97 -16.77 4.38
C LYS D 234 -35.46 -15.34 4.25
N LEU D 235 -36.39 -15.13 3.32
CA LEU D 235 -37.06 -13.82 3.15
C LEU D 235 -37.94 -13.60 4.37
N TRP D 236 -38.12 -12.33 4.73
CA TRP D 236 -38.70 -11.93 6.03
C TRP D 236 -39.97 -12.72 6.37
N PRO D 237 -40.97 -12.88 5.46
CA PRO D 237 -42.21 -13.60 5.79
C PRO D 237 -42.07 -15.09 6.14
N VAL D 238 -41.14 -15.81 5.49
CA VAL D 238 -40.72 -17.19 5.89
C VAL D 238 -40.10 -17.12 7.29
N THR D 239 -39.08 -16.26 7.45
CA THR D 239 -38.33 -16.05 8.73
C THR D 239 -39.30 -15.72 9.87
N LYS D 240 -40.28 -14.84 9.62
CA LYS D 240 -41.17 -14.40 10.71
C LYS D 240 -42.17 -15.53 11.04
N LEU D 241 -42.66 -16.28 10.04
CA LEU D 241 -43.66 -17.37 10.23
C LEU D 241 -42.98 -18.62 10.83
N THR D 242 -41.75 -18.90 10.46
CA THR D 242 -40.96 -19.98 11.09
C THR D 242 -40.78 -19.68 12.59
N ALA D 243 -40.55 -18.42 12.98
CA ALA D 243 -40.31 -18.00 14.38
C ALA D 243 -41.49 -18.44 15.27
N ASN D 244 -42.70 -18.38 14.72
CA ASN D 244 -43.97 -18.85 15.36
C ASN D 244 -43.87 -20.33 15.74
N ASP D 245 -43.35 -21.14 14.83
CA ASP D 245 -43.18 -22.60 15.04
C ASP D 245 -42.17 -22.84 16.16
N ILE D 246 -41.03 -22.15 16.06
CA ILE D 246 -39.89 -22.29 17.01
C ILE D 246 -40.44 -21.96 18.39
N TYR D 247 -41.22 -20.89 18.51
CA TYR D 247 -41.66 -20.40 19.85
C TYR D 247 -42.76 -21.33 20.38
N ALA D 248 -43.54 -21.95 19.50
CA ALA D 248 -44.59 -22.90 19.90
C ALA D 248 -43.90 -23.98 20.75
N GLU D 249 -42.75 -24.44 20.27
CA GLU D 249 -41.94 -25.46 20.95
C GLU D 249 -41.32 -24.89 22.24
N PHE D 250 -40.59 -23.78 22.14
CA PHE D 250 -39.86 -23.17 23.27
C PHE D 250 -40.83 -22.97 24.43
N TRP D 251 -42.04 -22.49 24.13
CA TRP D 251 -43.09 -22.14 25.14
C TRP D 251 -43.65 -23.40 25.78
N ALA D 252 -43.92 -24.45 25.01
CA ALA D 252 -44.37 -25.75 25.55
C ALA D 252 -43.31 -26.23 26.53
N GLU D 253 -42.02 -26.06 26.18
CA GLU D 253 -40.90 -26.49 27.07
C GLU D 253 -40.89 -25.59 28.32
N GLY D 254 -41.12 -24.29 28.19
CA GLY D 254 -41.21 -23.40 29.37
C GLY D 254 -42.32 -23.85 30.29
N ASP D 255 -43.49 -24.16 29.72
CA ASP D 255 -44.67 -24.74 30.44
C ASP D 255 -44.23 -25.98 31.23
N GLU D 256 -43.44 -26.84 30.58
CA GLU D 256 -43.00 -28.12 31.19
C GLU D 256 -41.99 -27.83 32.32
N MET D 257 -41.17 -26.79 32.11
CA MET D 257 -40.20 -26.34 33.14
C MET D 257 -40.96 -25.85 34.38
N LYS D 258 -42.05 -25.11 34.17
CA LYS D 258 -42.92 -24.63 35.27
C LYS D 258 -43.52 -25.84 35.97
N LYS D 259 -43.89 -26.87 35.22
CA LYS D 259 -44.48 -28.09 35.81
C LYS D 259 -43.42 -28.79 36.68
N LEU D 260 -42.12 -28.62 36.37
CA LEU D 260 -41.01 -29.20 37.18
C LEU D 260 -40.73 -28.28 38.38
N GLY D 261 -41.38 -27.12 38.47
CA GLY D 261 -41.18 -26.21 39.62
C GLY D 261 -40.03 -25.26 39.36
N ILE D 262 -39.61 -25.19 38.08
CA ILE D 262 -38.48 -24.33 37.61
C ILE D 262 -39.03 -23.16 36.78
N GLN D 263 -38.59 -21.96 37.10
CA GLN D 263 -38.88 -20.75 36.31
C GLN D 263 -38.05 -20.87 35.04
N PRO D 264 -38.65 -20.96 33.84
CA PRO D 264 -37.87 -21.12 32.63
C PRO D 264 -37.26 -19.77 32.27
N ILE D 265 -36.24 -19.77 31.41
CA ILE D 265 -35.67 -18.53 30.85
C ILE D 265 -36.78 -17.82 30.07
N PRO D 266 -36.71 -16.49 30.01
CA PRO D 266 -37.76 -15.68 29.39
C PRO D 266 -38.12 -16.06 27.94
N MET D 267 -37.12 -16.42 27.15
CA MET D 267 -37.25 -16.87 25.74
C MET D 267 -38.28 -18.00 25.63
N MET D 268 -38.31 -18.92 26.62
CA MET D 268 -39.20 -20.11 26.72
C MET D 268 -40.46 -19.80 27.54
N ASP D 269 -40.60 -18.56 28.03
CA ASP D 269 -41.74 -18.17 28.90
C ASP D 269 -42.80 -17.48 28.05
N ARG D 270 -43.99 -18.07 27.99
CA ARG D 270 -45.07 -17.62 27.06
C ARG D 270 -45.73 -16.37 27.64
N ASP D 271 -45.58 -16.17 28.95
CA ASP D 271 -46.04 -14.94 29.66
C ASP D 271 -45.18 -13.74 29.24
N LYS D 272 -43.96 -13.96 28.76
CA LYS D 272 -43.01 -12.87 28.40
C LYS D 272 -42.94 -12.75 26.86
N LYS D 273 -44.09 -12.94 26.20
CA LYS D 273 -44.26 -12.96 24.72
C LYS D 273 -43.85 -11.60 24.12
N ASP D 274 -44.21 -10.54 24.83
CA ASP D 274 -43.85 -9.12 24.54
C ASP D 274 -42.34 -9.00 24.33
N GLU D 275 -41.52 -9.80 24.99
CA GLU D 275 -40.04 -9.72 24.98
C GLU D 275 -39.44 -10.42 23.76
N VAL D 276 -40.27 -10.90 22.83
CA VAL D 276 -39.78 -11.77 21.72
C VAL D 276 -38.85 -10.92 20.85
N PRO D 277 -39.30 -9.76 20.34
CA PRO D 277 -38.48 -8.98 19.42
C PRO D 277 -37.08 -8.66 19.99
N GLN D 278 -36.99 -8.38 21.29
CA GLN D 278 -35.69 -8.12 21.96
C GLN D 278 -34.83 -9.41 22.03
N GLY D 279 -35.43 -10.57 22.31
CA GLY D 279 -34.71 -11.86 22.37
C GLY D 279 -34.14 -12.23 21.01
N GLN D 280 -34.92 -12.00 19.96
CA GLN D 280 -34.47 -12.19 18.56
C GLN D 280 -33.24 -11.33 18.31
N LEU D 281 -33.34 -10.05 18.66
CA LEU D 281 -32.25 -9.09 18.42
C LEU D 281 -30.98 -9.70 18.99
N GLY D 282 -31.08 -10.14 20.25
CA GLY D 282 -29.97 -10.72 21.00
C GLY D 282 -29.39 -11.92 20.26
N PHE D 283 -30.28 -12.81 19.80
CA PHE D 283 -29.93 -14.09 19.13
C PHE D 283 -29.16 -13.79 17.83
N TYR D 284 -29.59 -12.81 17.05
CA TYR D 284 -28.90 -12.46 15.78
C TYR D 284 -27.49 -11.95 16.07
N ASN D 285 -27.40 -11.02 17.05
CA ASN D 285 -26.15 -10.36 17.47
C ASN D 285 -25.21 -11.42 18.06
N ALA D 286 -25.67 -12.25 19.01
CA ALA D 286 -24.82 -13.24 19.72
C ALA D 286 -24.66 -14.57 18.94
N VAL D 287 -25.50 -14.91 17.97
CA VAL D 287 -25.39 -16.28 17.37
C VAL D 287 -25.37 -16.25 15.85
N ALA D 288 -26.43 -15.71 15.24
CA ALA D 288 -26.76 -15.84 13.81
C ALA D 288 -25.72 -15.07 13.00
N ILE D 289 -25.55 -13.78 13.31
CA ILE D 289 -24.62 -12.90 12.54
C ILE D 289 -23.19 -13.44 12.64
N PRO D 290 -22.63 -13.69 13.82
CA PRO D 290 -21.28 -14.23 13.89
C PRO D 290 -21.13 -15.55 13.10
N CYS D 291 -22.12 -16.45 13.20
CA CYS D 291 -22.14 -17.75 12.48
C CYS D 291 -21.93 -17.52 10.99
N TYR D 292 -22.78 -16.70 10.38
CA TYR D 292 -22.81 -16.52 8.90
C TYR D 292 -21.68 -15.56 8.45
N THR D 293 -21.20 -14.72 9.36
CA THR D 293 -19.99 -13.85 9.12
C THR D 293 -18.78 -14.79 8.93
N THR D 294 -18.54 -15.68 9.89
CA THR D 294 -17.39 -16.62 9.90
C THR D 294 -17.47 -17.55 8.68
N LEU D 295 -18.68 -18.00 8.33
CA LEU D 295 -18.87 -18.98 7.23
C LEU D 295 -18.62 -18.27 5.89
N THR D 296 -19.09 -17.04 5.75
CA THR D 296 -18.85 -16.21 4.55
C THR D 296 -17.34 -15.98 4.36
N GLN D 297 -16.61 -15.72 5.43
CA GLN D 297 -15.13 -15.56 5.36
C GLN D 297 -14.53 -16.82 4.75
N ILE D 298 -14.89 -17.99 5.26
CA ILE D 298 -14.22 -19.27 4.89
C ILE D 298 -14.71 -19.74 3.52
N LEU D 299 -16.01 -19.63 3.25
CA LEU D 299 -16.66 -20.02 1.97
C LEU D 299 -17.42 -18.81 1.43
N PRO D 300 -16.72 -17.86 0.79
CA PRO D 300 -17.35 -16.67 0.21
C PRO D 300 -18.64 -16.82 -0.58
N PRO D 301 -18.89 -17.93 -1.32
CA PRO D 301 -20.15 -18.05 -2.06
C PRO D 301 -21.40 -18.26 -1.17
N THR D 302 -21.19 -18.47 0.16
CA THR D 302 -22.27 -18.58 1.18
C THR D 302 -22.77 -17.20 1.59
N GLU D 303 -22.11 -16.13 1.14
CA GLU D 303 -22.45 -14.72 1.52
C GLU D 303 -23.96 -14.50 1.48
N PRO D 304 -24.74 -14.93 0.46
CA PRO D 304 -26.18 -14.67 0.45
C PRO D 304 -26.88 -15.03 1.77
N LEU D 305 -26.38 -16.03 2.48
CA LEU D 305 -26.90 -16.38 3.83
C LEU D 305 -26.69 -15.15 4.74
N LEU D 306 -25.47 -14.62 4.79
CA LEU D 306 -25.11 -13.49 5.69
C LEU D 306 -25.98 -12.26 5.38
N LYS D 307 -26.13 -11.98 4.08
CA LYS D 307 -26.92 -10.85 3.54
C LYS D 307 -28.35 -10.93 4.09
N ALA D 308 -28.96 -12.12 3.99
CA ALA D 308 -30.39 -12.34 4.29
C ALA D 308 -30.59 -12.24 5.80
N CYS D 309 -29.64 -12.77 6.57
CA CYS D 309 -29.61 -12.68 8.04
C CYS D 309 -29.64 -11.20 8.46
N ARG D 310 -28.73 -10.40 7.91
CA ARG D 310 -28.62 -8.96 8.29
C ARG D 310 -29.94 -8.27 8.00
N ASP D 311 -30.55 -8.57 6.85
CA ASP D 311 -31.84 -7.96 6.47
C ASP D 311 -32.86 -8.31 7.54
N ASN D 312 -32.88 -9.57 7.98
CA ASN D 312 -33.81 -10.09 9.01
C ASN D 312 -33.51 -9.37 10.33
N LEU D 313 -32.25 -9.15 10.66
CA LEU D 313 -31.88 -8.39 11.90
C LEU D 313 -32.53 -7.00 11.85
N SER D 314 -32.62 -6.42 10.66
CA SER D 314 -33.03 -5.00 10.46
C SER D 314 -34.55 -4.94 10.44
N GLN D 315 -35.21 -6.07 10.15
CA GLN D 315 -36.69 -6.25 10.25
C GLN D 315 -37.11 -6.38 11.72
N TRP D 316 -36.39 -7.18 12.52
CA TRP D 316 -36.65 -7.32 13.98
C TRP D 316 -36.46 -5.95 14.69
N GLU D 317 -35.50 -5.15 14.21
CA GLU D 317 -35.20 -3.77 14.67
C GLU D 317 -36.41 -2.87 14.41
N LYS D 318 -37.05 -3.02 13.24
CA LYS D 318 -38.29 -2.28 12.87
C LYS D 318 -39.50 -2.72 13.73
N VAL D 319 -39.60 -4.00 14.08
CA VAL D 319 -40.72 -4.54 14.90
C VAL D 319 -40.57 -3.92 16.29
N ILE D 320 -39.33 -3.72 16.73
CA ILE D 320 -39.01 -3.19 18.08
C ILE D 320 -39.47 -1.73 18.18
N ARG D 321 -39.82 -1.07 17.08
CA ARG D 321 -40.48 0.27 17.17
C ARG D 321 -41.81 0.26 16.41
N GLY D 322 -41.79 -0.09 15.13
CA GLY D 322 -42.99 -0.06 14.25
C GLY D 322 -42.63 0.47 12.89
ZN ZN E . 25.88 23.82 -3.16
MG MG F . 27.70 22.62 -6.32
C1 GOL G . 4.67 22.18 2.47
O1 GOL G . 4.60 23.32 3.33
C2 GOL G . 4.87 20.92 3.26
O2 GOL G . 4.50 21.20 4.60
C3 GOL G . 6.28 20.38 3.26
O3 GOL G . 6.43 19.34 4.22
N1 KIE H . 32.14 17.69 1.77
C4 KIE H . 31.19 18.22 2.51
C5 KIE H . 31.91 16.76 4.31
C6 KIE H . 31.04 17.80 3.87
C13 KIE H . 31.43 18.70 -2.44
C15 KIE H . 29.67 18.73 -0.74
C17 KIE H . 30.10 18.50 -2.03
C20 KIE H . 34.12 17.10 0.10
C21 KIE H . 36.38 16.19 1.41
N2 KIE H . 32.86 16.27 3.48
C3 KIE H . 32.95 16.74 2.23
N7 KIE H . 30.19 18.17 4.92
N8 KIE H . 31.52 16.58 5.61
C9 KIE H . 30.48 17.42 5.96
S10 KIE H . 30.16 19.46 1.85
N11 KIE H . 33.97 16.38 1.36
C12 KIE H . 30.60 19.17 0.19
F14 KIE H . 31.90 18.47 -3.73
C16 KIE H . 31.91 19.37 -0.17
C18 KIE H . 32.31 19.15 -1.46
C19 KIE H . 35.07 15.47 1.75
ZN ZN I . -6.48 11.29 10.99
MG MG J . -5.84 14.75 12.10
N1 KIE K . -0.93 7.78 18.46
C4 KIE K . -1.29 6.81 17.66
C5 KIE K . 0.28 5.52 18.82
C6 KIE K . -0.68 5.59 17.82
C13 KIE K . -2.05 11.56 16.50
C15 KIE K . -1.87 9.56 15.29
C17 KIE K . -1.71 10.95 15.34
C20 KIE K . -0.31 10.10 19.97
C21 KIE K . 0.09 9.78 22.21
N2 KIE K . 0.62 6.55 19.62
C3 KIE K . 0.00 7.66 19.40
N7 KIE K . -0.82 4.39 17.16
N8 KIE K . 0.70 4.23 18.67
C9 KIE K . 0.03 3.56 17.63
S10 KIE K . -2.54 7.10 16.41
N11 KIE K . 0.12 8.71 20.24
C12 KIE K . -2.36 8.85 16.40
F14 KIE K . -1.96 12.90 16.65
C16 KIE K . -2.69 9.48 17.55
C18 KIE K . -2.54 10.85 17.58
C19 KIE K . 0.41 8.40 21.62
ZN ZN L . 11.06 -7.83 -16.11
MG MG M . 7.49 -9.03 -15.60
N1 KIE N . 14.11 -13.44 -8.84
C4 KIE N . 15.17 -12.75 -9.30
C5 KIE N . 16.48 -13.48 -7.46
C6 KIE N . 16.40 -12.75 -8.65
C13 KIE N . 10.66 -12.07 -10.61
C15 KIE N . 12.62 -10.86 -10.67
C17 KIE N . 11.25 -10.87 -10.62
C20 KIE N . 12.05 -15.17 -8.20
C21 KIE N . 12.61 -16.95 -6.98
N2 KIE N . 15.39 -14.17 -7.03
C3 KIE N . 14.25 -14.11 -7.72
N7 KIE N . 17.60 -12.13 -8.89
N8 KIE N . 17.79 -13.24 -7.07
C9 KIE N . 18.44 -12.41 -7.93
S10 KIE N . 15.14 -11.86 -10.80
N11 KIE N . 13.24 -14.92 -7.37
C12 KIE N . 13.36 -12.03 -10.71
F14 KIE N . 9.33 -12.00 -10.55
C16 KIE N . 12.70 -13.28 -10.69
C18 KIE N . 11.33 -13.30 -10.66
C19 KIE N . 13.45 -15.85 -6.33
ZN ZN O . -32.13 -28.90 13.61
MG MG P . -31.05 -30.63 16.89
#